data_7LG1
#
_entry.id   7LG1
#
loop_
_entity.id
_entity.type
_entity.pdbx_description
1 polymer 'cGMP-gated cation channel alpha-1'
2 non-polymer 'CYCLIC GUANOSINE MONOPHOSPHATE'
3 non-polymer 'CALCIUM ION'
4 water water
#
_entity_poly.entity_id   1
_entity_poly.type   'polypeptide(L)'
_entity_poly.pdbx_seq_one_letter_code
;MDYKDDDDKGGSASKDKKEEEKKEVVVIDPSGNTYYNWLFCITLPVMYNWTMVIARACFDELQSDYLEYWLILDYVSDIV
YLIDMFVRTRTGYLEQGLLVKEELKLINKYKSNLQFKLDVLSLIPTDLLYFKLGWNYPEIRLNRLLRFSRMFEFFQRTET
RTNYPNIFRISNLVMYIVIIIHWNACVFYSISKAIGFGNDTWVYPDINDPEFGRLARKYVYSLYWSTLTLTTIGQTPPPV
RDSEYVFVVVDFLIGVLIFATIVGNIGSMISNMNAARAEFQARIDAIKQYMHFRNVSKDMEKRVIKWFDYLWTNKKTVDE
KEVLKYLPDKLRAEIAINVHLDTLKKVRIFADCEAGLLVELVLKLQPQVYSPGDYICKKGDIGREMYIIKEGKLAVVADD
GVTQFVVLSDGSYFGEISILNIKGSKAGNRRTANIKSIGYSDLFCLSKDDLMEALTEYPDAKTMLEEKGKQILMKDGLLD
LNIANAGSDPKDLEEKVTRMEGSVDLLQTRFARILAEYESMQQKLKQRLTKVEKFLKPLIDTEFSSIEGPGAESGPIDST
;
_entity_poly.pdbx_strand_id   A,B,C,D
#
loop_
_chem_comp.id
_chem_comp.type
_chem_comp.name
_chem_comp.formula
CA non-polymer 'CALCIUM ION' 'Ca 2'
PCG non-polymer 'CYCLIC GUANOSINE MONOPHOSPHATE' 'C10 H12 N5 O7 P'
#
# COMPACT_ATOMS: atom_id res chain seq x y z
CA VAL A 26 5.34 -10.44 -45.47
C VAL A 26 4.61 -10.64 -44.15
N VAL A 27 5.26 -10.28 -43.04
CA VAL A 27 4.71 -10.44 -41.71
C VAL A 27 4.52 -9.07 -41.08
N ILE A 28 3.86 -9.04 -39.92
CA ILE A 28 3.38 -7.80 -39.34
C ILE A 28 4.20 -7.36 -38.13
N ASP A 29 4.90 -8.27 -37.44
CA ASP A 29 5.80 -7.89 -36.36
C ASP A 29 5.04 -7.19 -35.24
N PRO A 30 4.32 -7.94 -34.40
CA PRO A 30 3.41 -7.34 -33.40
C PRO A 30 3.96 -6.12 -32.65
N SER A 31 5.28 -6.02 -32.49
CA SER A 31 5.83 -4.84 -31.84
C SER A 31 5.65 -3.57 -32.67
N GLY A 32 5.42 -3.70 -33.97
CA GLY A 32 5.36 -2.55 -34.85
C GLY A 32 4.11 -1.70 -34.65
N ASN A 33 4.14 -0.53 -35.28
CA ASN A 33 2.99 0.38 -35.23
C ASN A 33 1.83 -0.14 -36.06
N THR A 34 2.12 -0.87 -37.14
CA THR A 34 1.05 -1.41 -37.97
C THR A 34 0.16 -2.36 -37.16
N TYR A 35 0.78 -3.22 -36.34
CA TYR A 35 0.01 -4.14 -35.52
C TYR A 35 -0.88 -3.40 -34.53
N TYR A 36 -0.36 -2.33 -33.92
CA TYR A 36 -1.16 -1.56 -32.99
C TYR A 36 -2.31 -0.85 -33.68
N ASN A 37 -2.05 -0.28 -34.87
CA ASN A 37 -3.12 0.33 -35.64
C ASN A 37 -4.20 -0.68 -35.97
N TRP A 38 -3.80 -1.89 -36.37
CA TRP A 38 -4.80 -2.92 -36.62
C TRP A 38 -5.53 -3.31 -35.35
N LEU A 39 -4.83 -3.31 -34.21
CA LEU A 39 -5.49 -3.58 -32.94
C LEU A 39 -6.62 -2.60 -32.71
N PHE A 40 -6.39 -1.32 -33.01
CA PHE A 40 -7.47 -0.33 -32.94
C PHE A 40 -8.58 -0.66 -33.94
N CYS A 41 -8.20 -0.95 -35.19
CA CYS A 41 -9.18 -1.19 -36.24
C CYS A 41 -10.02 -2.43 -35.98
N ILE A 42 -9.53 -3.36 -35.17
CA ILE A 42 -10.32 -4.53 -34.82
C ILE A 42 -11.05 -4.33 -33.49
N THR A 43 -10.51 -3.50 -32.60
CA THR A 43 -11.23 -3.14 -31.38
C THR A 43 -12.50 -2.38 -31.69
N LEU A 44 -12.50 -1.61 -32.76
CA LEU A 44 -13.73 -0.89 -33.13
C LEU A 44 -14.90 -1.85 -33.39
N PRO A 45 -14.79 -2.88 -34.24
CA PRO A 45 -15.90 -3.82 -34.37
C PRO A 45 -16.19 -4.61 -33.11
N VAL A 46 -15.17 -5.00 -32.35
CA VAL A 46 -15.39 -5.76 -31.13
C VAL A 46 -16.17 -4.93 -30.12
N MET A 47 -15.75 -3.67 -29.92
CA MET A 47 -16.49 -2.78 -29.05
C MET A 47 -17.90 -2.55 -29.57
N TYR A 48 -18.04 -2.40 -30.88
CA TYR A 48 -19.36 -2.19 -31.46
C TYR A 48 -20.24 -3.40 -31.15
N ASN A 49 -19.69 -4.59 -31.34
CA ASN A 49 -20.42 -5.83 -31.09
C ASN A 49 -20.77 -6.00 -29.63
N TRP A 50 -19.85 -5.63 -28.75
CA TRP A 50 -20.08 -5.76 -27.32
C TRP A 50 -21.10 -4.78 -26.81
N THR A 51 -21.25 -3.65 -27.49
CA THR A 51 -22.23 -2.66 -27.08
C THR A 51 -23.61 -2.94 -27.68
N MET A 52 -23.65 -3.23 -28.98
CA MET A 52 -24.88 -3.14 -29.76
C MET A 52 -25.62 -4.46 -29.95
N VAL A 53 -24.93 -5.61 -29.94
CA VAL A 53 -25.63 -6.87 -30.14
C VAL A 53 -26.66 -7.08 -29.06
N ILE A 54 -26.26 -6.88 -27.80
CA ILE A 54 -27.21 -7.05 -26.69
C ILE A 54 -28.30 -5.98 -26.74
N ALA A 55 -27.95 -4.77 -27.18
CA ALA A 55 -28.93 -3.69 -27.27
C ALA A 55 -30.02 -4.03 -28.28
N ARG A 56 -29.60 -4.51 -29.45
CA ARG A 56 -30.53 -4.87 -30.50
C ARG A 56 -31.32 -6.12 -30.14
N ALA A 57 -30.69 -7.04 -29.42
CA ALA A 57 -31.38 -8.24 -28.97
C ALA A 57 -32.47 -7.91 -27.95
N CYS A 58 -32.20 -6.95 -27.08
CA CYS A 58 -33.12 -6.60 -26.01
C CYS A 58 -34.15 -5.56 -26.46
N PHE A 59 -33.68 -4.46 -27.04
CA PHE A 59 -34.58 -3.43 -27.56
C PHE A 59 -34.91 -3.78 -29.00
N ASP A 60 -36.07 -4.41 -29.20
CA ASP A 60 -36.45 -4.89 -30.53
C ASP A 60 -36.59 -3.74 -31.52
N GLU A 61 -37.08 -2.60 -31.05
CA GLU A 61 -37.26 -1.45 -31.93
C GLU A 61 -35.92 -0.95 -32.46
N LEU A 62 -34.87 -1.05 -31.65
CA LEU A 62 -33.53 -0.71 -32.13
C LEU A 62 -33.14 -1.59 -33.31
N GLN A 63 -33.29 -2.90 -33.15
CA GLN A 63 -32.97 -3.84 -34.22
C GLN A 63 -33.80 -3.56 -35.48
N SER A 64 -35.10 -3.28 -35.29
CA SER A 64 -36.00 -3.20 -36.43
C SER A 64 -35.89 -1.87 -37.17
N ASP A 65 -35.93 -0.76 -36.44
CA ASP A 65 -35.99 0.55 -37.07
C ASP A 65 -34.75 0.85 -37.89
N TYR A 66 -33.58 0.47 -37.39
CA TYR A 66 -32.31 0.73 -38.05
C TYR A 66 -31.69 -0.56 -38.59
N LEU A 67 -32.53 -1.50 -39.00
CA LEU A 67 -32.03 -2.78 -39.51
C LEU A 67 -31.14 -2.58 -40.73
N GLU A 68 -31.49 -1.64 -41.61
CA GLU A 68 -30.66 -1.39 -42.78
C GLU A 68 -29.27 -0.93 -42.39
N TYR A 69 -29.15 -0.18 -41.30
CA TYR A 69 -27.84 0.25 -40.82
C TYR A 69 -27.15 -0.84 -40.03
N TRP A 70 -27.92 -1.58 -39.22
CA TRP A 70 -27.33 -2.67 -38.45
C TRP A 70 -26.74 -3.74 -39.35
N LEU A 71 -27.40 -4.03 -40.47
CA LEU A 71 -26.88 -5.02 -41.41
C LEU A 71 -25.53 -4.57 -41.97
N ILE A 72 -25.45 -3.32 -42.42
CA ILE A 72 -24.20 -2.80 -42.96
C ILE A 72 -23.11 -2.87 -41.90
N LEU A 73 -23.41 -2.39 -40.70
CA LEU A 73 -22.40 -2.36 -39.64
C LEU A 73 -21.96 -3.76 -39.23
N ASP A 74 -22.91 -4.70 -39.17
CA ASP A 74 -22.58 -6.07 -38.81
C ASP A 74 -21.72 -6.73 -39.87
N TYR A 75 -22.04 -6.50 -41.14
CA TYR A 75 -21.25 -7.08 -42.21
C TYR A 75 -19.86 -6.47 -42.26
N VAL A 76 -19.75 -5.16 -42.01
CA VAL A 76 -18.43 -4.52 -41.94
C VAL A 76 -17.64 -5.09 -40.78
N SER A 77 -18.29 -5.26 -39.62
CA SER A 77 -17.64 -5.86 -38.46
C SER A 77 -17.15 -7.26 -38.77
N ASP A 78 -17.96 -8.05 -39.48
CA ASP A 78 -17.57 -9.41 -39.81
C ASP A 78 -16.42 -9.42 -40.81
N ILE A 79 -16.43 -8.51 -41.78
CA ILE A 79 -15.31 -8.38 -42.70
C ILE A 79 -14.03 -8.04 -41.94
N VAL A 80 -14.12 -7.12 -40.97
CA VAL A 80 -12.95 -6.76 -40.18
C VAL A 80 -12.51 -7.93 -39.32
N TYR A 81 -13.46 -8.73 -38.82
CA TYR A 81 -13.11 -9.95 -38.10
C TYR A 81 -12.33 -10.91 -39.00
N LEU A 82 -12.77 -11.06 -40.24
CA LEU A 82 -12.06 -11.92 -41.19
C LEU A 82 -10.66 -11.39 -41.46
N ILE A 83 -10.53 -10.07 -41.65
CA ILE A 83 -9.22 -9.49 -41.87
C ILE A 83 -8.35 -9.63 -40.63
N ASP A 84 -8.95 -9.63 -39.44
CA ASP A 84 -8.19 -9.85 -38.22
C ASP A 84 -7.69 -11.29 -38.14
N MET A 85 -8.52 -12.24 -38.55
CA MET A 85 -8.06 -13.63 -38.67
C MET A 85 -6.89 -13.72 -39.64
N PHE A 86 -6.99 -13.04 -40.78
CA PHE A 86 -5.88 -13.01 -41.74
C PHE A 86 -4.63 -12.43 -41.11
N VAL A 87 -4.77 -11.30 -40.40
CA VAL A 87 -3.64 -10.69 -39.71
C VAL A 87 -3.02 -11.66 -38.72
N ARG A 88 -3.87 -12.39 -37.98
CA ARG A 88 -3.36 -13.40 -37.06
C ARG A 88 -2.60 -14.48 -37.80
N THR A 89 -3.01 -14.79 -39.03
CA THR A 89 -2.22 -15.72 -39.83
C THR A 89 -0.91 -15.08 -40.30
N ARG A 90 -0.86 -13.76 -40.39
CA ARG A 90 0.30 -13.07 -40.93
C ARG A 90 1.10 -12.31 -39.88
N THR A 91 0.86 -12.57 -38.60
CA THR A 91 1.59 -11.90 -37.52
C THR A 91 2.68 -12.86 -37.02
N GLY A 92 3.92 -12.40 -37.09
CA GLY A 92 5.04 -13.22 -36.66
C GLY A 92 5.11 -13.37 -35.15
N TYR A 93 5.70 -14.47 -34.71
CA TYR A 93 5.99 -14.70 -33.31
C TYR A 93 7.49 -14.92 -33.13
N LEU A 94 7.94 -14.82 -31.88
CA LEU A 94 9.36 -14.91 -31.57
C LEU A 94 9.70 -16.33 -31.16
N GLU A 95 10.46 -17.03 -32.00
CA GLU A 95 11.13 -18.27 -31.62
C GLU A 95 12.62 -18.03 -31.73
N GLN A 96 13.35 -18.43 -30.69
CA GLN A 96 14.77 -18.08 -30.55
C GLN A 96 14.98 -16.58 -30.66
N GLY A 97 14.03 -15.81 -30.16
CA GLY A 97 14.09 -14.37 -30.20
C GLY A 97 13.95 -13.75 -31.58
N LEU A 98 13.80 -14.56 -32.62
CA LEU A 98 13.67 -14.07 -33.99
C LEU A 98 12.22 -14.11 -34.43
N LEU A 99 11.83 -13.09 -35.19
CA LEU A 99 10.47 -13.03 -35.72
C LEU A 99 10.26 -14.09 -36.78
N VAL A 100 9.35 -15.03 -36.52
CA VAL A 100 9.06 -16.07 -37.49
C VAL A 100 8.37 -15.45 -38.70
N LYS A 101 8.95 -15.66 -39.88
CA LYS A 101 8.40 -15.13 -41.12
C LYS A 101 7.89 -16.22 -42.05
N GLU A 102 8.05 -17.49 -41.69
CA GLU A 102 7.54 -18.57 -42.50
C GLU A 102 6.02 -18.63 -42.40
N GLU A 103 5.35 -18.50 -43.55
CA GLU A 103 3.89 -18.43 -43.59
C GLU A 103 3.25 -19.61 -42.88
N LEU A 104 3.53 -20.83 -43.36
CA LEU A 104 2.87 -22.01 -42.83
C LEU A 104 3.15 -22.19 -41.33
N LYS A 105 4.35 -21.81 -40.89
CA LYS A 105 4.65 -21.82 -39.46
C LYS A 105 3.70 -20.89 -38.70
N LEU A 106 3.43 -19.71 -39.27
CA LEU A 106 2.50 -18.78 -38.64
C LEU A 106 1.09 -19.33 -38.64
N ILE A 107 0.68 -19.98 -39.72
CA ILE A 107 -0.65 -20.60 -39.75
C ILE A 107 -0.77 -21.64 -38.66
N ASN A 108 0.28 -22.44 -38.47
CA ASN A 108 0.25 -23.46 -37.42
C ASN A 108 0.20 -22.82 -36.03
N LYS A 109 1.04 -21.79 -35.81
CA LYS A 109 1.04 -21.12 -34.52
C LYS A 109 -0.33 -20.52 -34.22
N TYR A 110 -0.99 -19.98 -35.23
CA TYR A 110 -2.34 -19.45 -35.06
C TYR A 110 -3.32 -20.57 -34.71
N LYS A 111 -3.41 -21.58 -35.58
CA LYS A 111 -4.40 -22.62 -35.41
C LYS A 111 -4.19 -23.43 -34.13
N SER A 112 -2.94 -23.52 -33.66
CA SER A 112 -2.65 -24.25 -32.43
C SER A 112 -3.05 -23.49 -31.18
N ASN A 113 -3.35 -22.19 -31.30
CA ASN A 113 -3.71 -21.37 -30.16
C ASN A 113 -5.23 -21.33 -29.98
N LEU A 114 -5.66 -21.15 -28.73
CA LEU A 114 -7.08 -21.00 -28.44
C LEU A 114 -7.68 -19.82 -29.19
N GLN A 115 -6.85 -18.83 -29.55
CA GLN A 115 -7.36 -17.66 -30.25
C GLN A 115 -7.99 -18.03 -31.58
N PHE A 116 -7.43 -19.03 -32.27
CA PHE A 116 -8.04 -19.48 -33.52
C PHE A 116 -9.41 -20.08 -33.28
N LYS A 117 -9.56 -20.86 -32.21
CA LYS A 117 -10.86 -21.41 -31.86
C LYS A 117 -11.87 -20.29 -31.59
N LEU A 118 -11.46 -19.32 -30.78
CA LEU A 118 -12.35 -18.20 -30.45
C LEU A 118 -12.69 -17.38 -31.69
N ASP A 119 -11.74 -17.26 -32.62
CA ASP A 119 -11.98 -16.48 -33.84
C ASP A 119 -12.95 -17.20 -34.76
N VAL A 120 -12.78 -18.51 -34.93
CA VAL A 120 -13.72 -19.27 -35.74
C VAL A 120 -15.11 -19.26 -35.10
N LEU A 121 -15.17 -19.34 -33.77
CA LEU A 121 -16.46 -19.30 -33.09
C LEU A 121 -17.13 -17.94 -33.25
N SER A 122 -16.35 -16.85 -33.16
CA SER A 122 -16.89 -15.52 -33.30
C SER A 122 -17.20 -15.15 -34.75
N LEU A 123 -16.75 -15.95 -35.72
CA LEU A 123 -17.02 -15.69 -37.12
C LEU A 123 -17.93 -16.75 -37.74
N ILE A 124 -18.52 -17.61 -36.92
CA ILE A 124 -19.48 -18.59 -37.45
C ILE A 124 -20.68 -17.85 -38.02
N PRO A 125 -21.10 -18.14 -39.25
CA PRO A 125 -22.20 -17.37 -39.85
C PRO A 125 -23.55 -17.70 -39.22
N THR A 126 -23.74 -17.29 -37.96
CA THR A 126 -25.02 -17.45 -37.31
C THR A 126 -26.09 -16.53 -37.88
N ASP A 127 -25.70 -15.54 -38.69
CA ASP A 127 -26.68 -14.66 -39.32
C ASP A 127 -27.64 -15.42 -40.21
N LEU A 128 -27.27 -16.63 -40.63
CA LEU A 128 -28.19 -17.47 -41.40
C LEU A 128 -29.46 -17.76 -40.61
N LEU A 129 -29.36 -17.80 -39.28
CA LEU A 129 -30.54 -18.00 -38.45
C LEU A 129 -31.55 -16.87 -38.59
N TYR A 130 -31.14 -15.74 -39.20
CA TYR A 130 -32.10 -14.69 -39.52
C TYR A 130 -33.21 -15.20 -40.43
N PHE A 131 -32.92 -16.24 -41.21
CA PHE A 131 -33.95 -16.83 -42.07
C PHE A 131 -34.90 -17.72 -41.26
N LYS A 132 -34.45 -18.26 -40.13
CA LYS A 132 -35.30 -19.10 -39.31
C LYS A 132 -35.98 -18.31 -38.21
N LEU A 133 -35.20 -17.62 -37.37
CA LEU A 133 -35.74 -16.89 -36.24
C LEU A 133 -36.29 -15.53 -36.61
N GLY A 134 -36.06 -15.07 -37.84
CA GLY A 134 -36.50 -13.76 -38.26
C GLY A 134 -35.45 -12.68 -37.98
N TRP A 135 -35.70 -11.50 -38.56
CA TRP A 135 -34.79 -10.38 -38.41
C TRP A 135 -34.82 -9.79 -37.01
N ASN A 136 -35.72 -10.25 -36.14
CA ASN A 136 -35.92 -9.70 -34.80
C ASN A 136 -35.06 -10.41 -33.75
N TYR A 137 -34.10 -11.22 -34.18
CA TYR A 137 -33.25 -11.99 -33.28
C TYR A 137 -31.78 -11.76 -33.62
N PRO A 138 -31.23 -10.61 -33.25
CA PRO A 138 -29.81 -10.35 -33.51
C PRO A 138 -28.87 -10.94 -32.48
N GLU A 139 -29.39 -11.55 -31.41
CA GLU A 139 -28.52 -12.20 -30.44
C GLU A 139 -27.81 -13.41 -31.03
N ILE A 140 -28.19 -13.84 -32.23
CA ILE A 140 -27.42 -14.86 -32.93
C ILE A 140 -26.01 -14.36 -33.22
N ARG A 141 -25.83 -13.04 -33.32
CA ARG A 141 -24.52 -12.45 -33.49
C ARG A 141 -23.76 -12.32 -32.19
N LEU A 142 -24.30 -12.88 -31.10
CA LEU A 142 -23.65 -12.78 -29.80
C LEU A 142 -22.31 -13.49 -29.78
N ASN A 143 -22.11 -14.48 -30.65
CA ASN A 143 -20.81 -15.14 -30.72
C ASN A 143 -19.73 -14.17 -31.16
N ARG A 144 -20.11 -13.08 -31.84
CA ARG A 144 -19.15 -12.06 -32.23
C ARG A 144 -18.44 -11.45 -31.02
N LEU A 145 -18.98 -11.62 -29.82
CA LEU A 145 -18.28 -11.09 -28.65
C LEU A 145 -17.01 -11.87 -28.33
N LEU A 146 -16.83 -13.04 -28.91
CA LEU A 146 -15.71 -13.90 -28.56
C LEU A 146 -14.37 -13.40 -29.08
N ARG A 147 -14.34 -12.26 -29.78
CA ARG A 147 -13.09 -11.61 -30.12
C ARG A 147 -12.72 -10.54 -29.10
N PHE A 148 -13.36 -10.55 -27.92
CA PHE A 148 -13.01 -9.61 -26.86
C PHE A 148 -11.51 -9.52 -26.65
N SER A 149 -10.80 -10.64 -26.78
CA SER A 149 -9.36 -10.64 -26.54
C SER A 149 -8.67 -9.57 -27.35
N ARG A 150 -8.98 -9.46 -28.65
CA ARG A 150 -8.36 -8.44 -29.48
C ARG A 150 -8.53 -7.07 -28.84
N MET A 151 -9.77 -6.73 -28.47
CA MET A 151 -10.03 -5.48 -27.79
C MET A 151 -9.12 -5.32 -26.58
N PHE A 152 -9.13 -6.33 -25.70
CA PHE A 152 -8.31 -6.22 -24.49
C PHE A 152 -6.84 -6.07 -24.86
N GLU A 153 -6.39 -6.81 -25.87
CA GLU A 153 -5.00 -6.69 -26.29
C GLU A 153 -4.69 -5.25 -26.66
N PHE A 154 -5.55 -4.65 -27.49
CA PHE A 154 -5.37 -3.25 -27.85
C PHE A 154 -5.24 -2.39 -26.61
N PHE A 155 -6.13 -2.59 -25.64
CA PHE A 155 -6.05 -1.82 -24.42
C PHE A 155 -4.70 -2.01 -23.75
N GLN A 156 -4.29 -3.27 -23.56
CA GLN A 156 -3.04 -3.52 -22.85
C GLN A 156 -1.86 -3.02 -23.68
N ARG A 157 -2.04 -2.87 -24.99
CA ARG A 157 -0.99 -2.25 -25.78
C ARG A 157 -1.01 -0.74 -25.61
N THR A 158 -2.22 -0.14 -25.69
CA THR A 158 -2.33 1.30 -25.57
C THR A 158 -1.78 1.78 -24.23
N GLU A 159 -2.24 1.16 -23.14
CA GLU A 159 -1.75 1.49 -21.80
C GLU A 159 -0.23 1.48 -21.76
N THR A 160 0.39 0.57 -22.50
CA THR A 160 1.85 0.54 -22.52
C THR A 160 2.42 1.67 -23.36
N ARG A 161 1.95 1.80 -24.59
CA ARG A 161 2.51 2.77 -25.52
C ARG A 161 2.03 4.21 -25.46
N THR A 162 0.87 4.46 -24.87
CA THR A 162 0.36 5.82 -24.82
C THR A 162 1.19 6.67 -23.86
N ASN A 163 1.20 7.98 -24.14
CA ASN A 163 1.85 8.94 -23.26
C ASN A 163 0.97 9.39 -22.12
N TYR A 164 -0.33 9.09 -22.17
CA TYR A 164 -1.28 9.41 -21.11
C TYR A 164 -1.81 8.11 -20.53
N PRO A 165 -1.00 7.40 -19.74
CA PRO A 165 -1.44 6.09 -19.25
C PRO A 165 -2.63 6.18 -18.31
N ASN A 166 -2.67 7.19 -17.46
CA ASN A 166 -3.75 7.31 -16.50
C ASN A 166 -5.03 7.81 -17.15
N ILE A 167 -4.92 8.74 -18.10
CA ILE A 167 -6.10 9.16 -18.86
C ILE A 167 -6.73 7.97 -19.56
N PHE A 168 -5.90 7.16 -20.23
CA PHE A 168 -6.42 5.99 -20.93
C PHE A 168 -6.97 4.96 -19.95
N ARG A 169 -6.31 4.77 -18.81
CA ARG A 169 -6.79 3.80 -17.83
C ARG A 169 -8.16 4.21 -17.28
N ILE A 170 -8.33 5.50 -16.98
CA ILE A 170 -9.62 5.99 -16.49
C ILE A 170 -10.67 5.89 -17.58
N SER A 171 -10.31 6.22 -18.83
CA SER A 171 -11.24 6.05 -19.93
C SER A 171 -11.66 4.59 -20.09
N ASN A 172 -10.72 3.67 -19.90
CA ASN A 172 -11.03 2.24 -19.99
C ASN A 172 -11.99 1.81 -18.90
N LEU A 173 -11.73 2.26 -17.66
CA LEU A 173 -12.64 1.94 -16.56
C LEU A 173 -14.02 2.53 -16.78
N VAL A 174 -14.08 3.75 -17.32
CA VAL A 174 -15.36 4.38 -17.60
C VAL A 174 -16.09 3.62 -18.70
N MET A 175 -15.34 3.15 -19.70
CA MET A 175 -15.94 2.31 -20.74
C MET A 175 -16.49 1.03 -20.17
N TYR A 176 -15.77 0.40 -19.24
CA TYR A 176 -16.29 -0.80 -18.59
C TYR A 176 -17.55 -0.51 -17.79
N ILE A 177 -17.56 0.59 -17.03
CA ILE A 177 -18.74 1.00 -16.29
C ILE A 177 -19.92 1.19 -17.23
N VAL A 178 -19.71 1.93 -18.31
CA VAL A 178 -20.78 2.23 -19.26
C VAL A 178 -21.29 0.95 -19.90
N ILE A 179 -20.39 0.04 -20.27
CA ILE A 179 -20.79 -1.21 -20.90
C ILE A 179 -21.60 -2.06 -19.92
N ILE A 180 -21.15 -2.11 -18.66
CA ILE A 180 -21.88 -2.89 -17.65
C ILE A 180 -23.27 -2.31 -17.43
N ILE A 181 -23.36 -0.98 -17.31
CA ILE A 181 -24.66 -0.34 -17.10
C ILE A 181 -25.56 -0.54 -18.31
N HIS A 182 -24.99 -0.44 -19.51
CA HIS A 182 -25.76 -0.66 -20.74
C HIS A 182 -26.28 -2.08 -20.81
N TRP A 183 -25.42 -3.06 -20.51
CA TRP A 183 -25.84 -4.46 -20.51
C TRP A 183 -26.92 -4.71 -19.47
N ASN A 184 -26.79 -4.10 -18.30
CA ASN A 184 -27.80 -4.30 -17.26
C ASN A 184 -29.11 -3.63 -17.64
N ALA A 185 -29.04 -2.49 -18.33
CA ALA A 185 -30.24 -1.87 -18.88
C ALA A 185 -30.93 -2.78 -19.87
N CYS A 186 -30.15 -3.35 -20.80
CA CYS A 186 -30.70 -4.29 -21.76
C CYS A 186 -31.32 -5.50 -21.05
N VAL A 187 -30.66 -6.00 -20.02
CA VAL A 187 -31.17 -7.15 -19.26
C VAL A 187 -32.49 -6.78 -18.58
N PHE A 188 -32.55 -5.60 -17.97
CA PHE A 188 -33.78 -5.14 -17.34
C PHE A 188 -34.91 -5.06 -18.36
N TYR A 189 -34.62 -4.50 -19.53
CA TYR A 189 -35.65 -4.38 -20.55
C TYR A 189 -36.10 -5.76 -21.04
N SER A 190 -35.16 -6.69 -21.21
CA SER A 190 -35.51 -8.04 -21.62
C SER A 190 -36.38 -8.73 -20.57
N ILE A 191 -36.04 -8.55 -19.29
CA ILE A 191 -36.84 -9.15 -18.22
C ILE A 191 -38.22 -8.54 -18.18
N SER A 192 -38.32 -7.22 -18.40
CA SER A 192 -39.62 -6.58 -18.51
C SER A 192 -40.42 -7.16 -19.66
N LYS A 193 -39.76 -7.39 -20.79
CA LYS A 193 -40.42 -8.00 -21.94
C LYS A 193 -40.95 -9.38 -21.60
N ALA A 194 -40.12 -10.20 -20.97
CA ALA A 194 -40.51 -11.56 -20.61
C ALA A 194 -41.69 -11.55 -19.65
N ILE A 195 -41.59 -10.76 -18.58
CA ILE A 195 -42.69 -10.62 -17.65
C ILE A 195 -43.88 -9.94 -18.32
N GLY A 196 -43.61 -9.06 -19.28
CA GLY A 196 -44.65 -8.29 -19.92
C GLY A 196 -44.59 -6.83 -19.54
N PHE A 197 -44.47 -5.95 -20.53
CA PHE A 197 -44.36 -4.53 -20.27
C PHE A 197 -45.62 -4.00 -19.59
N GLY A 198 -45.46 -3.48 -18.38
CA GLY A 198 -46.57 -2.89 -17.67
C GLY A 198 -47.44 -3.86 -16.91
N ASN A 199 -47.05 -5.14 -16.85
CA ASN A 199 -47.84 -6.11 -16.07
C ASN A 199 -47.79 -5.82 -14.59
N ASP A 200 -46.76 -5.13 -14.11
CA ASP A 200 -46.71 -4.66 -12.73
C ASP A 200 -45.84 -3.42 -12.70
N THR A 201 -45.79 -2.80 -11.51
CA THR A 201 -45.12 -1.51 -11.37
C THR A 201 -43.61 -1.60 -11.51
N TRP A 202 -43.03 -2.79 -11.38
CA TRP A 202 -41.58 -2.93 -11.44
C TRP A 202 -41.07 -2.89 -12.87
N VAL A 203 -41.63 -3.73 -13.74
CA VAL A 203 -41.14 -3.84 -15.12
C VAL A 203 -41.23 -2.50 -15.83
N TYR A 204 -40.48 -2.39 -16.92
CA TYR A 204 -40.62 -1.25 -17.80
C TYR A 204 -42.08 -1.04 -18.17
N PRO A 205 -42.58 0.19 -18.20
CA PRO A 205 -44.02 0.42 -18.44
C PRO A 205 -44.49 -0.07 -19.80
N ASP A 206 -45.79 0.03 -20.04
CA ASP A 206 -46.39 -0.47 -21.27
C ASP A 206 -45.79 0.23 -22.49
N ILE A 207 -45.43 -0.57 -23.49
CA ILE A 207 -44.92 0.00 -24.74
C ILE A 207 -45.98 0.84 -25.43
N ASN A 208 -47.25 0.46 -25.31
CA ASN A 208 -48.32 1.16 -26.00
C ASN A 208 -48.48 2.60 -25.55
N ASP A 209 -47.78 2.99 -24.48
CA ASP A 209 -47.85 4.37 -24.03
C ASP A 209 -47.08 5.23 -25.02
N PRO A 210 -47.62 6.41 -25.35
CA PRO A 210 -46.94 7.30 -26.29
C PRO A 210 -45.54 7.70 -25.85
N GLU A 211 -45.40 8.06 -24.58
CA GLU A 211 -44.11 8.47 -24.04
C GLU A 211 -43.20 7.28 -23.70
N PHE A 212 -43.79 6.24 -23.13
CA PHE A 212 -43.02 5.07 -22.75
C PHE A 212 -42.95 3.99 -23.83
N GLY A 213 -43.17 4.37 -25.07
CA GLY A 213 -43.05 3.44 -26.18
C GLY A 213 -41.96 3.82 -27.15
N ARG A 214 -41.38 4.99 -26.94
CA ARG A 214 -40.31 5.48 -27.81
C ARG A 214 -39.03 4.72 -27.50
N LEU A 215 -38.34 4.28 -28.56
CA LEU A 215 -37.07 3.59 -28.39
C LEU A 215 -36.09 4.42 -27.56
N ALA A 216 -36.06 5.73 -27.79
CA ALA A 216 -35.25 6.61 -26.97
C ALA A 216 -35.63 6.49 -25.50
N ARG A 217 -36.92 6.65 -25.20
CA ARG A 217 -37.38 6.52 -23.83
C ARG A 217 -37.10 5.12 -23.29
N LYS A 218 -37.39 4.10 -24.09
CA LYS A 218 -37.11 2.73 -23.68
C LYS A 218 -35.67 2.58 -23.18
N TYR A 219 -34.72 2.89 -24.06
CA TYR A 219 -33.32 2.67 -23.72
C TYR A 219 -32.88 3.57 -22.58
N VAL A 220 -33.31 4.83 -22.59
CA VAL A 220 -32.79 5.78 -21.62
C VAL A 220 -33.36 5.50 -20.24
N TYR A 221 -34.62 5.09 -20.14
CA TYR A 221 -35.17 4.70 -18.85
C TYR A 221 -34.56 3.38 -18.38
N SER A 222 -34.32 2.44 -19.29
CA SER A 222 -33.64 1.22 -18.90
C SER A 222 -32.25 1.53 -18.35
N LEU A 223 -31.54 2.46 -19.00
CA LEU A 223 -30.24 2.88 -18.52
C LEU A 223 -30.34 3.57 -17.18
N TYR A 224 -31.39 4.36 -16.97
CA TYR A 224 -31.62 5.01 -15.68
C TYR A 224 -31.82 3.97 -14.58
N TRP A 225 -32.70 3.00 -14.83
CA TRP A 225 -32.90 1.89 -13.90
C TRP A 225 -31.60 1.17 -13.61
N SER A 226 -30.85 0.86 -14.66
CA SER A 226 -29.57 0.16 -14.51
C SER A 226 -28.60 0.96 -13.65
N THR A 227 -28.52 2.27 -13.89
CA THR A 227 -27.62 3.11 -13.10
C THR A 227 -28.05 3.16 -11.65
N LEU A 228 -29.36 3.31 -11.41
CA LEU A 228 -29.84 3.33 -10.03
C LEU A 228 -29.59 2.00 -9.32
N THR A 229 -29.53 0.92 -10.08
CA THR A 229 -29.33 -0.40 -9.50
C THR A 229 -27.87 -0.79 -9.32
N LEU A 230 -27.06 -0.58 -10.36
CA LEU A 230 -25.66 -0.94 -10.30
C LEU A 230 -24.85 -0.03 -9.37
N THR A 231 -25.16 1.27 -9.29
CA THR A 231 -24.61 2.20 -8.32
C THR A 231 -25.29 2.07 -6.96
N THR A 232 -26.17 1.09 -6.81
N THR A 232 -26.16 1.08 -6.83
CA THR A 232 -26.88 0.79 -5.56
CA THR A 232 -26.88 0.82 -5.58
C THR A 232 -27.53 2.02 -4.95
C THR A 232 -27.58 2.03 -4.96
N ILE A 233 -28.24 2.77 -5.78
N ILE A 233 -28.31 2.78 -5.78
CA ILE A 233 -29.00 3.91 -5.30
CA ILE A 233 -29.08 3.92 -5.30
C ILE A 233 -30.40 3.37 -5.04
C ILE A 233 -30.46 3.35 -5.00
N GLY A 234 -30.85 2.54 -5.96
N GLY A 234 -30.93 2.56 -5.97
CA GLY A 234 -32.15 1.90 -5.87
CA GLY A 234 -32.19 1.86 -5.93
C GLY A 234 -33.34 2.81 -5.65
C GLY A 234 -33.52 2.58 -5.84
N GLN A 235 -33.51 3.79 -6.53
N GLN A 235 -33.59 3.84 -6.25
CA GLN A 235 -34.63 4.71 -6.42
CA GLN A 235 -34.85 4.60 -6.18
C GLN A 235 -35.69 4.35 -7.46
C GLN A 235 -35.96 4.18 -7.15
N THR A 236 -35.68 3.09 -7.87
N THR A 236 -35.72 3.14 -7.95
CA THR A 236 -36.62 2.59 -8.87
CA THR A 236 -36.71 2.68 -8.92
C THR A 236 -37.73 1.79 -8.21
C THR A 236 -37.84 1.89 -8.26
N PRO A 237 -38.87 1.65 -8.91
N PRO A 237 -38.98 1.70 -8.97
CA PRO A 237 -40.01 0.91 -8.41
CA PRO A 237 -40.08 0.94 -8.39
C PRO A 237 -39.58 -0.46 -7.91
C PRO A 237 -39.62 -0.44 -7.92
N PRO A 238 -39.91 -0.79 -6.66
CA PRO A 238 -39.55 -2.08 -6.07
C PRO A 238 -40.21 -3.26 -6.77
N PRO A 239 -39.58 -4.45 -6.68
CA PRO A 239 -40.06 -5.69 -7.29
C PRO A 239 -41.45 -6.11 -6.81
N VAL A 240 -42.17 -6.81 -7.67
CA VAL A 240 -43.51 -7.27 -7.34
C VAL A 240 -43.58 -8.79 -7.35
N ARG A 241 -42.99 -9.40 -8.37
CA ARG A 241 -42.94 -10.85 -8.48
C ARG A 241 -41.66 -11.41 -7.86
N ASP A 242 -41.67 -12.72 -7.63
CA ASP A 242 -40.49 -13.38 -7.07
C ASP A 242 -39.30 -13.29 -8.01
N SER A 243 -39.54 -13.47 -9.31
CA SER A 243 -38.46 -13.31 -10.27
C SER A 243 -37.88 -11.90 -10.21
N GLU A 244 -38.75 -10.90 -10.07
CA GLU A 244 -38.27 -9.52 -9.99
C GLU A 244 -37.47 -9.28 -8.72
N TYR A 245 -37.96 -9.79 -7.59
CA TYR A 245 -37.21 -9.68 -6.34
C TYR A 245 -35.84 -10.34 -6.46
N VAL A 246 -35.79 -11.54 -7.02
CA VAL A 246 -34.53 -12.27 -7.16
C VAL A 246 -33.58 -11.50 -8.06
N PHE A 247 -34.07 -11.06 -9.23
CA PHE A 247 -33.21 -10.32 -10.14
C PHE A 247 -32.72 -9.04 -9.52
N VAL A 248 -33.58 -8.36 -8.76
CA VAL A 248 -33.18 -7.09 -8.14
C VAL A 248 -32.14 -7.33 -7.06
N VAL A 249 -32.28 -8.41 -6.29
CA VAL A 249 -31.27 -8.76 -5.30
C VAL A 249 -29.94 -9.04 -5.99
N VAL A 250 -29.97 -9.93 -6.99
CA VAL A 250 -28.75 -10.29 -7.70
C VAL A 250 -28.12 -9.07 -8.35
N ASP A 251 -28.94 -8.16 -8.87
CA ASP A 251 -28.43 -7.00 -9.58
C ASP A 251 -27.90 -5.94 -8.62
N PHE A 252 -28.53 -5.77 -7.47
CA PHE A 252 -27.97 -4.90 -6.44
C PHE A 252 -26.65 -5.44 -5.93
N LEU A 253 -26.53 -6.77 -5.81
CA LEU A 253 -25.26 -7.36 -5.39
C LEU A 253 -24.21 -7.23 -6.47
N ILE A 254 -24.58 -7.45 -7.72
CA ILE A 254 -23.67 -7.17 -8.84
C ILE A 254 -23.23 -5.71 -8.80
N GLY A 255 -24.16 -4.81 -8.59
CA GLY A 255 -23.86 -3.41 -8.40
C GLY A 255 -22.81 -3.20 -7.34
N VAL A 256 -23.12 -3.61 -6.10
CA VAL A 256 -22.20 -3.43 -4.99
C VAL A 256 -20.82 -3.96 -5.36
N LEU A 257 -20.74 -5.24 -5.72
CA LEU A 257 -19.44 -5.88 -5.91
C LEU A 257 -18.69 -5.32 -7.11
N ILE A 258 -19.30 -5.36 -8.28
CA ILE A 258 -18.61 -4.98 -9.51
C ILE A 258 -18.32 -3.49 -9.53
N PHE A 259 -19.26 -2.66 -9.04
CA PHE A 259 -19.00 -1.23 -9.02
C PHE A 259 -17.99 -0.86 -7.95
N ALA A 260 -17.95 -1.56 -6.83
CA ALA A 260 -16.85 -1.36 -5.91
C ALA A 260 -15.53 -1.72 -6.57
N THR A 261 -15.49 -2.87 -7.24
CA THR A 261 -14.31 -3.26 -8.00
C THR A 261 -13.84 -2.13 -8.92
N ILE A 262 -14.73 -1.68 -9.81
CA ILE A 262 -14.31 -0.76 -10.87
C ILE A 262 -14.02 0.63 -10.30
N VAL A 263 -14.90 1.13 -9.42
CA VAL A 263 -14.72 2.47 -8.87
C VAL A 263 -13.72 2.50 -7.74
N GLY A 264 -13.17 1.35 -7.34
CA GLY A 264 -12.03 1.31 -6.46
C GLY A 264 -10.76 1.16 -7.27
N ASN A 265 -10.86 0.52 -8.42
CA ASN A 265 -9.79 0.60 -9.41
C ASN A 265 -9.57 2.05 -9.83
N ILE A 266 -10.66 2.81 -9.94
CA ILE A 266 -10.58 4.25 -10.14
C ILE A 266 -9.76 4.88 -9.03
N GLY A 267 -10.06 4.53 -7.78
CA GLY A 267 -9.30 5.04 -6.65
C GLY A 267 -7.82 4.72 -6.73
N SER A 268 -7.49 3.47 -7.05
CA SER A 268 -6.09 3.07 -7.16
C SER A 268 -5.39 3.77 -8.32
N MET A 269 -6.12 4.02 -9.42
CA MET A 269 -5.53 4.75 -10.53
C MET A 269 -5.24 6.19 -10.14
N ILE A 270 -6.15 6.82 -9.42
CA ILE A 270 -5.89 8.18 -8.93
C ILE A 270 -4.75 8.17 -7.93
N SER A 271 -4.67 7.11 -7.10
CA SER A 271 -3.57 6.97 -6.16
C SER A 271 -2.23 6.94 -6.88
N ASN A 272 -2.11 6.07 -7.89
CA ASN A 272 -0.87 6.01 -8.66
C ASN A 272 -0.65 7.27 -9.48
N MET A 273 -1.71 8.04 -9.76
CA MET A 273 -1.53 9.37 -10.33
C MET A 273 -0.84 10.29 -9.34
N ASN A 274 -1.22 10.17 -8.07
CA ASN A 274 -0.68 10.99 -6.99
C ASN A 274 0.59 10.38 -6.40
N ALA A 275 0.99 9.19 -6.87
CA ALA A 275 2.05 8.42 -6.23
C ALA A 275 3.33 9.24 -6.04
N ALA A 276 3.84 9.82 -7.11
CA ALA A 276 5.07 10.61 -7.02
C ALA A 276 4.88 11.83 -6.13
N ARG A 277 3.84 12.62 -6.41
CA ARG A 277 3.57 13.81 -5.60
C ARG A 277 3.27 13.43 -4.15
N ALA A 278 2.54 12.34 -3.93
CA ALA A 278 2.21 11.95 -2.57
C ALA A 278 3.45 11.49 -1.81
N GLU A 279 4.35 10.76 -2.47
CA GLU A 279 5.58 10.34 -1.82
C GLU A 279 6.45 11.54 -1.49
N PHE A 280 6.61 12.45 -2.44
CA PHE A 280 7.35 13.68 -2.20
C PHE A 280 6.79 14.44 -1.01
N GLN A 281 5.46 14.66 -1.01
CA GLN A 281 4.83 15.41 0.06
C GLN A 281 4.92 14.68 1.39
N ALA A 282 4.87 13.35 1.38
CA ALA A 282 5.01 12.59 2.61
C ALA A 282 6.41 12.73 3.18
N ARG A 283 7.42 12.71 2.32
CA ARG A 283 8.78 12.98 2.77
C ARG A 283 8.89 14.37 3.39
N ILE A 284 8.32 15.38 2.70
CA ILE A 284 8.34 16.73 3.24
C ILE A 284 7.63 16.80 4.58
N ASP A 285 6.52 16.08 4.72
CA ASP A 285 5.78 16.11 5.98
C ASP A 285 6.56 15.46 7.10
N ALA A 286 7.21 14.34 6.84
CA ALA A 286 8.07 13.73 7.85
C ALA A 286 9.18 14.67 8.25
N ILE A 287 9.79 15.35 7.28
CA ILE A 287 10.86 16.30 7.57
C ILE A 287 10.33 17.42 8.45
N LYS A 288 9.18 18.00 8.08
CA LYS A 288 8.62 19.11 8.84
C LYS A 288 8.21 18.69 10.24
N GLN A 289 7.66 17.49 10.38
CA GLN A 289 7.33 16.96 11.69
C GLN A 289 8.57 16.84 12.56
N TYR A 290 9.65 16.30 11.98
CA TYR A 290 10.92 16.21 12.72
C TYR A 290 11.41 17.59 13.13
N MET A 291 11.38 18.55 12.20
CA MET A 291 11.92 19.88 12.47
C MET A 291 11.11 20.60 13.53
N HIS A 292 9.78 20.49 13.47
CA HIS A 292 8.94 21.14 14.46
C HIS A 292 9.04 20.46 15.82
N PHE A 293 9.23 19.13 15.81
CA PHE A 293 9.40 18.42 17.07
C PHE A 293 10.75 18.74 17.71
N ARG A 294 11.80 18.81 16.91
CA ARG A 294 13.13 19.14 17.42
C ARG A 294 13.35 20.64 17.58
N ASN A 295 12.32 21.45 17.30
CA ASN A 295 12.42 22.91 17.37
C ASN A 295 13.58 23.41 16.52
N VAL A 296 13.69 22.86 15.31
CA VAL A 296 14.68 23.34 14.36
C VAL A 296 14.41 24.82 14.05
N SER A 297 15.48 25.61 14.02
CA SER A 297 15.36 27.04 13.80
C SER A 297 14.58 27.33 12.53
N LYS A 298 13.74 28.37 12.58
CA LYS A 298 12.94 28.74 11.43
C LYS A 298 13.82 29.14 10.24
N ASP A 299 15.06 29.56 10.49
CA ASP A 299 16.02 29.71 9.40
C ASP A 299 16.19 28.40 8.63
N MET A 300 16.54 27.34 9.35
CA MET A 300 16.82 26.06 8.72
C MET A 300 15.54 25.41 8.21
N GLU A 301 14.43 25.62 8.91
CA GLU A 301 13.14 25.17 8.41
C GLU A 301 12.82 25.83 7.07
N LYS A 302 13.05 27.13 6.97
CA LYS A 302 12.83 27.83 5.71
C LYS A 302 13.79 27.34 4.63
N ARG A 303 15.04 27.06 5.01
CA ARG A 303 16.00 26.52 4.04
C ARG A 303 15.54 25.17 3.51
N VAL A 304 15.05 24.31 4.39
CA VAL A 304 14.59 22.98 3.97
C VAL A 304 13.36 23.11 3.08
N ILE A 305 12.40 23.95 3.48
CA ILE A 305 11.21 24.16 2.66
C ILE A 305 11.60 24.73 1.29
N LYS A 306 12.62 25.60 1.26
CA LYS A 306 13.09 26.14 0.00
C LYS A 306 13.71 25.05 -0.87
N TRP A 307 14.50 24.17 -0.26
CA TRP A 307 15.08 23.06 -0.99
C TRP A 307 14.00 22.19 -1.62
N PHE A 308 12.95 21.88 -0.86
CA PHE A 308 11.89 21.03 -1.39
C PHE A 308 11.06 21.76 -2.45
N ASP A 309 10.80 23.06 -2.24
CA ASP A 309 10.13 23.84 -3.26
C ASP A 309 10.94 23.87 -4.55
N TYR A 310 12.27 23.94 -4.43
CA TYR A 310 13.12 23.87 -5.60
C TYR A 310 13.01 22.50 -6.28
N LEU A 311 13.10 21.43 -5.50
CA LEU A 311 12.99 20.08 -6.04
C LEU A 311 11.69 19.91 -6.82
N TRP A 312 10.59 20.42 -6.29
CA TRP A 312 9.31 20.29 -6.98
C TRP A 312 9.24 21.20 -8.20
N THR A 313 9.38 22.51 -7.99
CA THR A 313 9.20 23.48 -9.06
C THR A 313 10.07 23.17 -10.27
N ASN A 314 11.33 22.79 -10.03
CA ASN A 314 12.26 22.49 -11.10
C ASN A 314 12.25 21.02 -11.49
N LYS A 315 11.27 20.25 -11.01
CA LYS A 315 11.02 18.88 -11.45
C LYS A 315 12.25 17.99 -11.20
N LYS A 316 12.66 17.95 -9.94
CA LYS A 316 13.79 17.12 -9.51
C LYS A 316 13.40 16.17 -8.38
N THR A 317 12.09 15.99 -8.14
CA THR A 317 11.65 15.10 -7.07
C THR A 317 11.93 13.64 -7.40
N VAL A 318 11.93 13.30 -8.68
CA VAL A 318 12.19 11.93 -9.11
C VAL A 318 13.67 11.75 -9.36
N ASP A 319 14.20 10.61 -8.93
CA ASP A 319 15.60 10.25 -9.15
C ASP A 319 15.67 9.24 -10.29
N GLU A 320 16.37 9.61 -11.36
CA GLU A 320 16.39 8.79 -12.57
C GLU A 320 16.92 7.38 -12.30
N LYS A 321 17.68 7.20 -11.24
CA LYS A 321 18.23 5.88 -10.94
C LYS A 321 17.11 4.88 -10.65
N GLU A 322 16.24 5.20 -9.69
CA GLU A 322 15.19 4.27 -9.31
C GLU A 322 14.21 4.01 -10.46
N VAL A 323 14.02 4.99 -11.34
CA VAL A 323 13.12 4.80 -12.47
C VAL A 323 13.77 3.91 -13.52
N LEU A 324 14.96 4.30 -13.98
CA LEU A 324 15.61 3.63 -15.09
C LEU A 324 16.28 2.31 -14.69
N LYS A 325 16.29 1.96 -13.41
CA LYS A 325 16.87 0.67 -13.03
C LYS A 325 16.10 -0.51 -13.60
N TYR A 326 14.86 -0.31 -14.03
CA TYR A 326 14.10 -1.38 -14.66
C TYR A 326 14.39 -1.50 -16.15
N LEU A 327 15.03 -0.50 -16.74
CA LEU A 327 15.46 -0.60 -18.12
C LEU A 327 16.66 -1.54 -18.22
N PRO A 328 16.91 -2.11 -19.41
CA PRO A 328 18.16 -2.87 -19.60
C PRO A 328 19.35 -1.93 -19.55
N ASP A 329 20.44 -2.42 -18.96
CA ASP A 329 21.67 -1.64 -18.90
C ASP A 329 22.12 -1.21 -20.29
N LYS A 330 22.00 -2.09 -21.28
CA LYS A 330 22.33 -1.77 -22.66
C LYS A 330 21.22 -1.01 -23.37
N LEU A 331 20.23 -0.52 -22.63
CA LEU A 331 19.27 0.46 -23.09
C LEU A 331 19.22 1.69 -22.18
N ARG A 332 19.33 1.48 -20.87
CA ARG A 332 19.53 2.59 -19.95
C ARG A 332 20.80 3.37 -20.27
N ALA A 333 21.82 2.68 -20.79
CA ALA A 333 23.03 3.36 -21.22
C ALA A 333 22.74 4.37 -22.31
N GLU A 334 22.00 3.94 -23.32
CA GLU A 334 21.61 4.81 -24.43
C GLU A 334 20.77 5.96 -23.89
N ILE A 335 19.87 5.65 -22.97
CA ILE A 335 19.03 6.67 -22.35
C ILE A 335 19.89 7.76 -21.71
N ALA A 336 20.81 7.34 -20.83
CA ALA A 336 21.70 8.28 -20.16
C ALA A 336 22.53 9.07 -21.16
N ILE A 337 22.99 8.41 -22.22
CA ILE A 337 23.78 9.10 -23.25
C ILE A 337 22.94 10.17 -23.93
N ASN A 338 21.75 9.81 -24.39
CA ASN A 338 20.87 10.75 -25.07
C ASN A 338 20.43 11.88 -24.16
N VAL A 339 20.53 11.72 -22.85
CA VAL A 339 20.18 12.79 -21.91
C VAL A 339 21.38 13.65 -21.55
N HIS A 340 22.56 13.05 -21.39
CA HIS A 340 23.72 13.75 -20.85
C HIS A 340 24.80 14.05 -21.88
N LEU A 341 24.53 13.79 -23.16
CA LEU A 341 25.47 14.20 -24.20
C LEU A 341 25.54 15.71 -24.34
N ASP A 342 24.57 16.42 -23.75
CA ASP A 342 24.60 17.88 -23.73
C ASP A 342 25.84 18.40 -23.00
N THR A 343 26.20 17.76 -21.89
CA THR A 343 27.33 18.18 -21.08
C THR A 343 28.56 17.32 -21.27
N LEU A 344 28.40 16.01 -21.51
CA LEU A 344 29.57 15.16 -21.65
C LEU A 344 30.27 15.34 -23.00
N LYS A 345 29.83 16.30 -23.81
CA LYS A 345 30.62 16.81 -24.92
C LYS A 345 31.41 18.05 -24.56
N LYS A 346 30.95 18.82 -23.56
CA LYS A 346 31.70 19.97 -23.10
C LYS A 346 32.83 19.59 -22.16
N VAL A 347 32.72 18.44 -21.49
CA VAL A 347 33.79 17.96 -20.64
C VAL A 347 35.01 17.64 -21.51
N ARG A 348 36.20 17.68 -20.91
CA ARG A 348 37.43 17.44 -21.66
C ARG A 348 37.77 15.96 -21.76
N ILE A 349 37.42 15.16 -20.74
CA ILE A 349 37.82 13.75 -20.75
C ILE A 349 36.98 12.94 -21.72
N PHE A 350 35.66 13.09 -21.65
CA PHE A 350 34.74 12.21 -22.36
C PHE A 350 34.51 12.72 -23.78
N ALA A 351 34.34 11.79 -24.70
CA ALA A 351 34.04 12.05 -26.11
C ALA A 351 35.15 12.83 -26.83
N ASP A 352 36.28 13.07 -26.16
CA ASP A 352 37.38 13.80 -26.77
C ASP A 352 38.60 12.91 -27.00
N CYS A 353 39.10 12.24 -25.97
CA CYS A 353 40.31 11.44 -26.11
C CYS A 353 39.98 10.04 -26.63
N GLU A 354 39.16 9.29 -25.89
CA GLU A 354 38.81 7.94 -26.28
C GLU A 354 37.55 7.90 -27.15
N ALA A 355 36.63 8.84 -26.92
CA ALA A 355 35.35 8.99 -27.62
C ALA A 355 34.38 7.85 -27.32
N GLY A 356 34.77 6.87 -26.52
CA GLY A 356 33.88 5.78 -26.17
C GLY A 356 33.84 5.55 -24.67
N LEU A 357 34.80 6.16 -23.97
CA LEU A 357 34.92 6.01 -22.53
C LEU A 357 33.67 6.51 -21.80
N LEU A 358 32.97 7.48 -22.39
CA LEU A 358 31.80 8.08 -21.75
C LEU A 358 30.74 7.06 -21.40
N VAL A 359 30.69 5.93 -22.10
CA VAL A 359 29.68 4.92 -21.80
C VAL A 359 30.08 4.10 -20.57
N GLU A 360 31.39 3.96 -20.33
CA GLU A 360 31.87 3.16 -19.21
C GLU A 360 31.52 3.78 -17.85
N LEU A 361 31.22 5.07 -17.81
CA LEU A 361 30.95 5.77 -16.56
C LEU A 361 29.61 6.49 -16.51
N VAL A 362 28.88 6.57 -17.63
CA VAL A 362 27.63 7.31 -17.64
C VAL A 362 26.59 6.63 -16.75
N LEU A 363 26.65 5.31 -16.61
CA LEU A 363 25.72 4.58 -15.77
C LEU A 363 26.13 4.58 -14.30
N LYS A 364 27.15 5.34 -13.94
CA LYS A 364 27.58 5.47 -12.55
C LYS A 364 27.82 6.91 -12.13
N LEU A 365 27.58 7.88 -13.02
CA LEU A 365 27.63 9.29 -12.67
C LEU A 365 26.43 9.67 -11.83
N GLN A 366 26.56 9.67 -10.51
CA GLN A 366 25.40 9.92 -9.67
C GLN A 366 25.04 11.40 -9.71
N PRO A 367 23.85 11.78 -10.16
CA PRO A 367 23.50 13.20 -10.27
C PRO A 367 23.11 13.78 -8.92
N GLN A 368 23.84 14.81 -8.48
CA GLN A 368 23.57 15.50 -7.24
C GLN A 368 23.11 16.93 -7.53
N VAL A 369 22.37 17.50 -6.58
CA VAL A 369 21.92 18.88 -6.64
C VAL A 369 22.38 19.59 -5.38
N TYR A 370 22.95 20.78 -5.55
CA TYR A 370 23.48 21.57 -4.45
C TYR A 370 22.78 22.92 -4.40
N SER A 371 22.49 23.38 -3.19
CA SER A 371 21.83 24.66 -2.98
C SER A 371 22.82 25.79 -3.19
N PRO A 372 22.33 27.01 -3.41
CA PRO A 372 23.22 28.17 -3.47
C PRO A 372 24.04 28.29 -2.18
N GLY A 373 25.34 28.49 -2.34
CA GLY A 373 26.23 28.63 -1.22
C GLY A 373 26.71 27.33 -0.61
N ASP A 374 26.29 26.18 -1.13
CA ASP A 374 26.72 24.91 -0.59
C ASP A 374 28.16 24.63 -0.99
N TYR A 375 29.01 24.35 0.00
CA TYR A 375 30.41 24.00 -0.26
C TYR A 375 30.46 22.54 -0.72
N ILE A 376 30.66 22.34 -2.01
CA ILE A 376 30.83 21.00 -2.54
C ILE A 376 32.15 20.41 -2.05
N CYS A 377 33.23 21.16 -2.18
CA CYS A 377 34.55 20.73 -1.72
C CYS A 377 35.10 21.75 -0.73
N LYS A 378 36.00 21.28 0.13
CA LYS A 378 36.68 22.13 1.09
C LYS A 378 38.10 21.64 1.24
N LYS A 379 39.05 22.58 1.37
CA LYS A 379 40.46 22.23 1.49
C LYS A 379 40.67 21.29 2.68
N GLY A 380 41.50 20.28 2.48
CA GLY A 380 41.79 19.33 3.53
C GLY A 380 40.69 18.33 3.78
N ASP A 381 40.08 17.80 2.73
CA ASP A 381 39.05 16.78 2.86
C ASP A 381 39.37 15.60 1.94
N ILE A 382 38.70 14.49 2.18
CA ILE A 382 38.95 13.27 1.44
C ILE A 382 38.47 13.46 0.00
N GLY A 383 39.42 13.54 -0.94
CA GLY A 383 39.10 13.68 -2.34
C GLY A 383 38.75 12.37 -2.98
N ARG A 384 37.54 11.87 -2.73
CA ARG A 384 37.12 10.56 -3.23
C ARG A 384 36.00 10.65 -4.26
N GLU A 385 35.74 11.83 -4.82
CA GLU A 385 34.66 11.99 -5.77
C GLU A 385 35.04 13.05 -6.80
N MET A 386 34.90 12.72 -8.08
CA MET A 386 35.04 13.68 -9.16
C MET A 386 33.67 14.22 -9.54
N TYR A 387 33.60 15.52 -9.83
CA TYR A 387 32.34 16.18 -10.15
C TYR A 387 32.39 16.75 -11.56
N ILE A 388 31.31 16.55 -12.30
CA ILE A 388 31.12 17.16 -13.62
C ILE A 388 29.91 18.07 -13.53
N ILE A 389 30.11 19.36 -13.83
CA ILE A 389 29.06 20.36 -13.69
C ILE A 389 28.11 20.21 -14.88
N LYS A 390 26.96 19.58 -14.64
CA LYS A 390 25.93 19.52 -15.67
C LYS A 390 25.30 20.89 -15.89
N GLU A 391 24.75 21.47 -14.82
CA GLU A 391 24.15 22.79 -14.88
C GLU A 391 24.53 23.57 -13.64
N GLY A 392 24.66 24.89 -13.78
CA GLY A 392 24.91 25.70 -12.61
C GLY A 392 26.28 26.32 -12.58
N LYS A 393 26.42 27.39 -11.80
CA LYS A 393 27.68 28.13 -11.67
C LYS A 393 28.32 27.77 -10.33
N LEU A 394 29.53 27.23 -10.37
CA LEU A 394 30.29 26.96 -9.17
C LEU A 394 31.48 27.90 -9.10
N ALA A 395 32.07 28.02 -7.92
CA ALA A 395 33.19 28.91 -7.70
C ALA A 395 34.30 28.17 -6.97
N VAL A 396 35.51 28.29 -7.51
CA VAL A 396 36.74 27.94 -6.82
C VAL A 396 37.07 29.17 -5.98
N VAL A 397 36.62 29.18 -4.73
CA VAL A 397 36.73 30.37 -3.87
C VAL A 397 38.03 30.33 -3.08
N ALA A 398 38.28 31.42 -2.36
CA ALA A 398 39.25 31.42 -1.28
C ALA A 398 38.60 30.92 0.01
N ASP A 399 39.43 30.48 0.94
CA ASP A 399 38.91 29.99 2.22
C ASP A 399 38.31 31.10 3.08
N ASP A 400 38.54 32.37 2.74
CA ASP A 400 37.88 33.46 3.45
C ASP A 400 36.37 33.36 3.33
N GLY A 401 35.87 32.95 2.17
CA GLY A 401 34.47 32.65 1.97
C GLY A 401 33.81 33.43 0.85
N VAL A 402 34.34 34.61 0.53
CA VAL A 402 33.74 35.52 -0.43
C VAL A 402 34.57 35.64 -1.70
N THR A 403 35.89 35.75 -1.56
CA THR A 403 36.76 35.95 -2.70
C THR A 403 36.66 34.79 -3.68
N GLN A 404 36.10 35.04 -4.85
CA GLN A 404 35.93 34.02 -5.89
C GLN A 404 37.14 34.04 -6.80
N PHE A 405 38.01 33.03 -6.69
CA PHE A 405 39.16 32.95 -7.58
C PHE A 405 38.72 32.60 -9.01
N VAL A 406 38.03 31.47 -9.18
CA VAL A 406 37.66 30.99 -10.50
C VAL A 406 36.16 30.70 -10.51
N VAL A 407 35.51 30.95 -11.63
CA VAL A 407 34.11 30.58 -11.82
C VAL A 407 34.02 29.44 -12.83
N LEU A 408 33.51 28.30 -12.38
CA LEU A 408 33.35 27.11 -13.22
C LEU A 408 31.91 27.05 -13.68
N SER A 409 31.70 27.13 -14.99
CA SER A 409 30.38 27.00 -15.56
C SER A 409 30.15 25.56 -16.00
N ASP A 410 29.17 25.34 -16.87
CA ASP A 410 28.83 24.00 -17.32
C ASP A 410 29.98 23.38 -18.10
N GLY A 411 29.98 22.05 -18.16
CA GLY A 411 31.04 21.32 -18.80
C GLY A 411 32.29 21.18 -17.97
N SER A 412 32.52 22.07 -17.01
CA SER A 412 33.70 22.00 -16.18
C SER A 412 33.69 20.75 -15.32
N TYR A 413 34.87 20.27 -14.97
CA TYR A 413 35.04 19.13 -14.10
C TYR A 413 36.04 19.51 -13.01
N PHE A 414 35.72 19.13 -11.77
CA PHE A 414 36.60 19.41 -10.65
C PHE A 414 36.56 18.22 -9.70
N GLY A 415 37.46 18.25 -8.71
CA GLY A 415 37.58 17.15 -7.79
C GLY A 415 38.26 15.93 -8.36
N GLU A 416 39.03 16.10 -9.44
CA GLU A 416 39.73 14.98 -10.07
C GLU A 416 41.21 14.94 -9.71
N ILE A 417 41.78 16.05 -9.26
CA ILE A 417 43.19 16.07 -8.89
C ILE A 417 43.42 15.20 -7.66
N SER A 418 42.58 15.32 -6.65
CA SER A 418 42.73 14.54 -5.43
C SER A 418 42.37 13.07 -5.63
N ILE A 419 41.92 12.68 -6.83
CA ILE A 419 41.68 11.28 -7.12
C ILE A 419 42.98 10.57 -7.49
N LEU A 420 43.82 11.22 -8.27
CA LEU A 420 44.92 10.58 -8.98
C LEU A 420 46.19 10.55 -8.13
N ASN A 421 47.09 9.63 -8.51
CA ASN A 421 48.45 9.59 -7.98
C ASN A 421 49.32 10.57 -8.77
N ILE A 422 49.91 11.55 -8.08
CA ILE A 422 50.64 12.63 -8.72
C ILE A 422 52.01 12.78 -8.06
N LYS A 423 53.02 13.05 -8.88
CA LYS A 423 54.32 13.43 -8.35
C LYS A 423 54.29 14.87 -7.84
N GLY A 424 55.01 15.11 -6.75
CA GLY A 424 55.13 16.46 -6.21
C GLY A 424 53.87 17.05 -5.65
N SER A 425 52.90 16.23 -5.24
CA SER A 425 51.68 16.72 -4.60
C SER A 425 51.95 16.81 -3.10
N LYS A 426 52.23 18.02 -2.63
CA LYS A 426 52.32 18.25 -1.19
C LYS A 426 51.01 17.91 -0.49
N ALA A 427 49.89 18.01 -1.21
CA ALA A 427 48.57 17.68 -0.66
C ALA A 427 48.11 16.37 -1.30
N GLY A 428 48.28 15.26 -0.57
CA GLY A 428 47.84 13.96 -1.03
C GLY A 428 46.50 13.59 -0.43
N ASN A 429 45.55 13.27 -1.32
CA ASN A 429 44.18 12.93 -0.92
C ASN A 429 43.50 14.12 -0.24
N ARG A 430 43.87 15.32 -0.63
CA ARG A 430 43.32 16.55 -0.07
C ARG A 430 42.80 17.43 -1.20
N ARG A 431 41.77 18.20 -0.90
CA ARG A 431 41.23 19.15 -1.88
C ARG A 431 42.16 20.34 -2.01
N THR A 432 42.61 20.60 -3.24
CA THR A 432 43.51 21.72 -3.50
C THR A 432 42.83 23.07 -3.33
N ALA A 433 41.50 23.12 -3.43
CA ALA A 433 40.75 24.35 -3.22
C ALA A 433 39.35 23.98 -2.77
N ASN A 434 38.60 24.99 -2.34
CA ASN A 434 37.22 24.83 -1.94
C ASN A 434 36.28 25.31 -3.04
N ILE A 435 35.31 24.47 -3.38
CA ILE A 435 34.34 24.73 -4.43
C ILE A 435 33.00 24.96 -3.77
N LYS A 436 32.40 26.11 -4.02
CA LYS A 436 31.07 26.43 -3.53
C LYS A 436 30.14 26.62 -4.72
N SER A 437 28.85 26.53 -4.47
CA SER A 437 27.86 26.65 -5.54
C SER A 437 27.20 28.02 -5.48
N ILE A 438 27.36 28.82 -6.54
CA ILE A 438 26.61 30.05 -6.71
C ILE A 438 25.30 29.66 -7.40
N GLY A 439 24.24 29.53 -6.62
CA GLY A 439 22.99 29.03 -7.15
C GLY A 439 22.90 27.52 -7.07
N TYR A 440 21.82 27.00 -7.65
CA TYR A 440 21.51 25.57 -7.58
C TYR A 440 22.30 24.84 -8.65
N SER A 441 23.25 24.01 -8.25
CA SER A 441 24.12 23.31 -9.19
C SER A 441 23.72 21.85 -9.32
N ASP A 442 23.52 21.40 -10.56
CA ASP A 442 23.32 20.00 -10.90
C ASP A 442 24.66 19.45 -11.36
N LEU A 443 25.24 18.56 -10.55
CA LEU A 443 26.54 17.98 -10.83
C LEU A 443 26.42 16.47 -11.02
N PHE A 444 27.48 15.89 -11.57
CA PHE A 444 27.62 14.44 -11.73
C PHE A 444 28.77 13.99 -10.83
N CYS A 445 28.45 13.48 -9.65
CA CYS A 445 29.50 12.98 -8.76
C CYS A 445 29.96 11.62 -9.28
N LEU A 446 31.23 11.57 -9.68
CA LEU A 446 31.91 10.36 -10.11
C LEU A 446 32.86 9.92 -8.99
N SER A 447 32.60 8.76 -8.41
CA SER A 447 33.41 8.28 -7.29
C SER A 447 34.84 7.99 -7.72
N LYS A 448 35.75 8.04 -6.74
CA LYS A 448 37.16 7.79 -7.04
C LYS A 448 37.38 6.36 -7.51
N ASP A 449 36.76 5.39 -6.82
CA ASP A 449 36.90 3.99 -7.18
C ASP A 449 36.47 3.77 -8.62
N ASP A 450 35.39 4.43 -9.03
CA ASP A 450 34.87 4.23 -10.37
C ASP A 450 35.78 4.83 -11.43
N LEU A 451 36.31 6.03 -11.17
CA LEU A 451 37.24 6.63 -12.11
C LEU A 451 38.50 5.78 -12.25
N MET A 452 39.03 5.31 -11.13
CA MET A 452 40.13 4.34 -11.13
C MET A 452 39.80 3.13 -12.00
N GLU A 453 38.66 2.48 -11.72
CA GLU A 453 38.31 1.24 -12.40
C GLU A 453 38.12 1.44 -13.89
N ALA A 454 37.52 2.57 -14.30
CA ALA A 454 37.17 2.76 -15.70
C ALA A 454 38.30 3.35 -16.53
N LEU A 455 39.23 4.10 -15.94
CA LEU A 455 40.37 4.58 -16.69
C LEU A 455 41.42 3.51 -16.94
N THR A 456 41.31 2.34 -16.29
CA THR A 456 42.29 1.29 -16.50
C THR A 456 42.31 0.80 -17.94
N GLU A 457 41.19 0.89 -18.66
CA GLU A 457 41.14 0.32 -20.00
C GLU A 457 41.94 1.15 -21.00
N TYR A 458 41.86 2.48 -20.90
CA TYR A 458 42.53 3.36 -21.85
C TYR A 458 43.10 4.56 -21.13
N PRO A 459 44.41 4.58 -20.86
CA PRO A 459 45.04 5.76 -20.28
C PRO A 459 45.39 6.85 -21.28
N ASP A 460 44.93 6.75 -22.52
CA ASP A 460 45.17 7.81 -23.50
C ASP A 460 44.51 9.12 -23.08
N ALA A 461 43.43 9.03 -22.30
CA ALA A 461 42.81 10.22 -21.71
C ALA A 461 43.45 10.59 -20.38
N LYS A 462 43.97 9.60 -19.65
CA LYS A 462 44.56 9.86 -18.35
C LYS A 462 45.78 10.78 -18.47
N THR A 463 46.55 10.65 -19.56
CA THR A 463 47.76 11.43 -19.70
C THR A 463 47.47 12.93 -19.68
N MET A 464 46.49 13.38 -20.46
CA MET A 464 46.11 14.79 -20.40
C MET A 464 45.32 15.11 -19.14
N LEU A 465 44.69 14.09 -18.53
CA LEU A 465 44.04 14.28 -17.24
C LEU A 465 45.03 14.76 -16.19
N GLU A 466 46.13 14.03 -16.00
CA GLU A 466 47.14 14.54 -15.10
C GLU A 466 48.05 15.60 -15.72
N GLU A 467 47.98 15.84 -17.04
CA GLU A 467 48.46 17.11 -17.56
C GLU A 467 47.77 18.27 -16.85
N LYS A 468 46.44 18.29 -16.93
CA LYS A 468 45.64 19.28 -16.19
C LYS A 468 45.98 19.23 -14.70
N GLY A 469 46.13 18.03 -14.17
CA GLY A 469 46.45 17.86 -12.76
C GLY A 469 47.73 18.57 -12.34
N LYS A 470 48.85 18.25 -13.01
CA LYS A 470 50.10 18.94 -12.70
C LYS A 470 50.00 20.43 -12.96
N GLN A 471 49.37 20.82 -14.07
CA GLN A 471 49.29 22.24 -14.41
C GLN A 471 48.59 23.02 -13.31
N ILE A 472 47.55 22.44 -12.70
CA ILE A 472 46.85 23.15 -11.64
C ILE A 472 47.54 22.96 -10.29
N LEU A 473 48.28 21.86 -10.12
CA LEU A 473 48.94 21.60 -8.83
C LEU A 473 50.18 22.45 -8.66
N MET A 474 50.80 22.89 -9.75
CA MET A 474 51.95 23.78 -9.63
C MET A 474 51.54 25.23 -9.41
N LYS A 475 50.44 25.66 -10.01
CA LYS A 475 49.99 27.04 -9.90
C LYS A 475 49.01 27.21 -8.74
CA VAL B 26 4.69 8.66 45.90
C VAL B 26 4.18 9.08 44.53
N VAL B 27 4.77 8.50 43.49
CA VAL B 27 4.42 8.82 42.11
C VAL B 27 3.82 7.58 41.45
N ILE B 28 3.30 7.77 40.24
CA ILE B 28 2.48 6.76 39.60
C ILE B 28 3.20 6.04 38.45
N ASP B 29 4.22 6.65 37.85
CA ASP B 29 5.02 5.97 36.84
C ASP B 29 4.17 5.56 35.64
N PRO B 30 3.82 6.50 34.76
CA PRO B 30 2.86 6.22 33.67
C PRO B 30 3.02 4.89 32.96
N SER B 31 4.22 4.33 32.91
CA SER B 31 4.39 3.02 32.28
C SER B 31 3.71 1.91 33.08
N GLY B 32 3.43 2.13 34.36
CA GLY B 32 2.90 1.08 35.21
C GLY B 32 1.47 0.71 34.90
N ASN B 33 1.03 -0.39 35.51
CA ASN B 33 -0.34 -0.85 35.34
C ASN B 33 -1.32 0.05 36.08
N THR B 34 -0.90 0.65 37.20
CA THR B 34 -1.78 1.55 37.94
C THR B 34 -2.21 2.73 37.08
N TYR B 35 -1.27 3.30 36.32
CA TYR B 35 -1.61 4.42 35.45
C TYR B 35 -2.61 4.01 34.38
N TYR B 36 -2.44 2.82 33.80
CA TYR B 36 -3.38 2.36 32.78
C TYR B 36 -4.75 2.10 33.37
N ASN B 37 -4.80 1.49 34.57
CA ASN B 37 -6.08 1.29 35.24
C ASN B 37 -6.78 2.63 35.49
N TRP B 38 -6.02 3.63 35.94
CA TRP B 38 -6.62 4.94 36.12
C TRP B 38 -7.06 5.55 34.79
N LEU B 39 -6.31 5.29 33.72
CA LEU B 39 -6.73 5.74 32.40
C LEU B 39 -8.11 5.21 32.06
N PHE B 40 -8.35 3.93 32.35
CA PHE B 40 -9.69 3.37 32.19
C PHE B 40 -10.70 4.08 33.09
N CYS B 41 -10.35 4.24 34.37
CA CYS B 41 -11.29 4.82 35.33
C CYS B 41 -11.63 6.27 35.02
N ILE B 42 -10.77 6.97 34.28
CA ILE B 42 -11.08 8.33 33.86
C ILE B 42 -11.71 8.37 32.49
N THR B 43 -11.42 7.39 31.63
CA THR B 43 -12.10 7.29 30.34
C THR B 43 -13.58 7.02 30.53
N LEU B 44 -13.94 6.29 31.60
CA LEU B 44 -15.37 6.06 31.84
C LEU B 44 -16.15 7.35 32.02
N PRO B 45 -15.77 8.29 32.89
CA PRO B 45 -16.50 9.57 32.93
C PRO B 45 -16.39 10.39 31.67
N VAL B 46 -15.23 10.39 31.00
CA VAL B 46 -15.08 11.17 29.78
C VAL B 46 -16.00 10.63 28.69
N MET B 47 -16.03 9.31 28.52
CA MET B 47 -16.95 8.72 27.57
C MET B 47 -18.40 8.99 27.97
N TYR B 48 -18.69 8.91 29.26
CA TYR B 48 -20.05 9.18 29.72
C TYR B 48 -20.43 10.61 29.36
N ASN B 49 -19.52 11.55 29.61
CA ASN B 49 -19.76 12.95 29.32
C ASN B 49 -19.91 13.22 27.83
N TRP B 50 -19.10 12.54 27.02
CA TRP B 50 -19.13 12.72 25.59
C TRP B 50 -20.39 12.14 24.98
N THR B 51 -20.97 11.14 25.62
CA THR B 51 -22.19 10.54 25.12
C THR B 51 -23.44 11.29 25.61
N MET B 52 -23.49 11.59 26.90
CA MET B 52 -24.75 11.94 27.56
C MET B 52 -24.99 13.44 27.72
N VAL B 53 -23.96 14.28 27.78
CA VAL B 53 -24.19 15.70 27.94
C VAL B 53 -25.00 16.25 26.77
N ILE B 54 -24.59 15.90 25.55
CA ILE B 54 -25.31 16.35 24.37
C ILE B 54 -26.70 15.73 24.31
N ALA B 55 -26.82 14.49 24.76
CA ALA B 55 -28.12 13.82 24.75
C ALA B 55 -29.11 14.52 25.66
N ARG B 56 -28.66 14.84 26.88
CA ARG B 56 -29.50 15.52 27.85
C ARG B 56 -29.77 16.96 27.44
N ALA B 57 -28.80 17.59 26.78
CA ALA B 57 -29.01 18.96 26.30
C ALA B 57 -30.05 19.00 25.19
N CYS B 58 -30.05 17.99 24.33
CA CYS B 58 -30.95 17.97 23.18
C CYS B 58 -32.29 17.35 23.52
N PHE B 59 -32.29 16.17 24.12
CA PHE B 59 -33.53 15.51 24.55
C PHE B 59 -33.83 15.98 25.97
N ASP B 60 -34.72 16.97 26.07
CA ASP B 60 -35.02 17.57 27.37
C ASP B 60 -35.63 16.56 28.32
N GLU B 61 -36.44 15.63 27.80
CA GLU B 61 -37.07 14.64 28.65
C GLU B 61 -36.05 13.72 29.28
N LEU B 62 -34.96 13.43 28.56
CA LEU B 62 -33.87 12.66 29.15
C LEU B 62 -33.30 13.38 30.37
N GLN B 63 -32.97 14.66 30.22
CA GLN B 63 -32.45 15.44 31.33
C GLN B 63 -33.44 15.48 32.49
N SER B 64 -34.72 15.66 32.21
CA SER B 64 -35.70 15.92 33.27
C SER B 64 -36.11 14.65 33.98
N ASP B 65 -36.47 13.60 33.24
CA ASP B 65 -37.03 12.40 33.84
C ASP B 65 -36.04 11.71 34.76
N TYR B 66 -34.77 11.66 34.37
CA TYR B 66 -33.73 10.99 35.13
C TYR B 66 -32.75 11.98 35.74
N LEU B 67 -33.24 13.17 36.10
CA LEU B 67 -32.39 14.20 36.67
C LEU B 67 -31.72 13.73 37.95
N GLU B 68 -32.46 12.99 38.79
CA GLU B 68 -31.87 12.48 40.02
C GLU B 68 -30.69 11.56 39.74
N TYR B 69 -30.74 10.80 38.65
CA TYR B 69 -29.61 9.94 38.29
C TYR B 69 -28.53 10.72 37.56
N TRP B 70 -28.92 11.66 36.71
CA TRP B 70 -27.93 12.48 36.00
C TRP B 70 -27.10 13.29 36.97
N LEU B 71 -27.71 13.81 38.04
CA LEU B 71 -26.95 14.57 39.03
C LEU B 71 -25.91 13.70 39.70
N ILE B 72 -26.29 12.50 40.14
CA ILE B 72 -25.35 11.59 40.77
C ILE B 72 -24.21 11.26 39.81
N LEU B 73 -24.55 10.90 38.57
CA LEU B 73 -23.53 10.50 37.61
C LEU B 73 -22.61 11.67 37.27
N ASP B 74 -23.17 12.87 37.13
CA ASP B 74 -22.35 14.04 36.82
C ASP B 74 -21.41 14.38 37.96
N TYR B 75 -21.91 14.30 39.20
CA TYR B 75 -21.05 14.59 40.34
C TYR B 75 -19.96 13.54 40.50
N VAL B 76 -20.29 12.26 40.25
CA VAL B 76 -19.28 11.21 40.28
C VAL B 76 -18.23 11.46 39.18
N SER B 77 -18.69 11.82 37.99
CA SER B 77 -17.77 12.15 36.90
C SER B 77 -16.86 13.31 37.27
N ASP B 78 -17.42 14.33 37.91
CA ASP B 78 -16.61 15.48 38.30
C ASP B 78 -15.61 15.11 39.40
N ILE B 79 -16.02 14.26 40.34
CA ILE B 79 -15.09 13.77 41.36
C ILE B 79 -13.95 13.01 40.70
N VAL B 80 -14.27 12.16 39.71
CA VAL B 80 -13.23 11.41 39.03
C VAL B 80 -12.34 12.34 38.22
N TYR B 81 -12.91 13.41 37.66
CA TYR B 81 -12.10 14.42 36.98
C TYR B 81 -11.12 15.07 37.95
N LEU B 82 -11.59 15.38 39.16
CA LEU B 82 -10.72 15.96 40.17
C LEU B 82 -9.60 14.99 40.57
N ILE B 83 -9.95 13.72 40.74
CA ILE B 83 -8.94 12.71 41.07
C ILE B 83 -7.98 12.52 39.91
N ASP B 84 -8.44 12.71 38.67
CA ASP B 84 -7.55 12.65 37.53
C ASP B 84 -6.59 13.82 37.51
N MET B 85 -7.07 15.01 37.87
CA MET B 85 -6.17 16.15 38.04
C MET B 85 -5.13 15.85 39.11
N PHE B 86 -5.55 15.26 40.22
CA PHE B 86 -4.61 14.87 41.27
C PHE B 86 -3.57 13.89 40.74
N VAL B 87 -4.04 12.87 40.02
CA VAL B 87 -3.14 11.89 39.40
C VAL B 87 -2.13 12.58 38.50
N ARG B 88 -2.61 13.54 37.70
CA ARG B 88 -1.71 14.29 36.83
C ARG B 88 -0.69 15.07 37.64
N THR B 89 -1.07 15.51 38.84
CA THR B 89 -0.08 16.12 39.73
C THR B 89 0.88 15.10 40.29
N ARG B 90 0.47 13.83 40.37
CA ARG B 90 1.26 12.78 41.00
C ARG B 90 1.85 11.79 40.00
N THR B 91 1.82 12.10 38.71
CA THR B 91 2.36 11.21 37.69
C THR B 91 3.74 11.71 37.30
N GLY B 92 4.75 10.86 37.47
CA GLY B 92 6.11 11.25 37.15
C GLY B 92 6.35 11.34 35.66
N TYR B 93 7.33 12.16 35.29
CA TYR B 93 7.80 12.25 33.91
C TYR B 93 9.29 11.95 33.87
N LEU B 94 9.79 11.67 32.67
CA LEU B 94 11.17 11.26 32.48
C LEU B 94 12.02 12.49 32.11
N GLU B 95 12.88 12.89 33.03
CA GLU B 95 13.97 13.82 32.73
C GLU B 95 15.28 13.08 32.97
N GLN B 96 16.18 13.18 31.99
CA GLN B 96 17.41 12.38 31.98
C GLN B 96 17.09 10.89 32.08
N GLY B 97 15.96 10.49 31.47
CA GLY B 97 15.52 9.11 31.51
C GLY B 97 15.06 8.61 32.85
N LEU B 98 15.11 9.43 33.89
CA LEU B 98 14.71 9.03 35.23
C LEU B 98 13.33 9.57 35.56
N LEU B 99 12.54 8.77 36.27
CA LEU B 99 11.21 9.18 36.67
C LEU B 99 11.30 10.26 37.74
N VAL B 100 10.79 11.45 37.41
CA VAL B 100 10.79 12.55 38.37
C VAL B 100 9.83 12.22 39.51
N LYS B 101 10.34 12.24 40.73
CA LYS B 101 9.53 11.95 41.91
C LYS B 101 9.35 13.16 42.81
N GLU B 102 9.96 14.29 42.49
CA GLU B 102 9.80 15.50 43.27
C GLU B 102 8.40 16.07 43.04
N GLU B 103 7.63 16.19 44.13
CA GLU B 103 6.24 16.63 44.04
C GLU B 103 6.10 17.96 43.30
N LEU B 104 6.74 19.00 43.82
CA LEU B 104 6.58 20.34 43.24
C LEU B 104 7.03 20.37 41.78
N LYS B 105 8.06 19.61 41.44
CA LYS B 105 8.46 19.50 40.04
C LYS B 105 7.33 18.93 39.19
N LEU B 106 6.62 17.93 39.72
CA LEU B 106 5.49 17.36 39.00
C LEU B 106 4.35 18.37 38.87
N ILE B 107 4.09 19.14 39.93
CA ILE B 107 3.07 20.17 39.87
C ILE B 107 3.41 21.18 38.77
N ASN B 108 4.68 21.56 38.68
CA ASN B 108 5.09 22.51 37.65
C ASN B 108 4.94 21.90 36.26
N LYS B 109 5.39 20.65 36.09
CA LYS B 109 5.26 19.99 34.79
C LYS B 109 3.81 19.90 34.37
N TYR B 110 2.92 19.64 35.32
CA TYR B 110 1.49 19.61 35.01
C TYR B 110 0.98 20.98 34.61
N LYS B 111 1.17 21.98 35.48
CA LYS B 111 0.62 23.30 35.23
C LYS B 111 1.21 23.95 34.00
N SER B 112 2.45 23.61 33.64
CA SER B 112 3.07 24.18 32.45
C SER B 112 2.54 23.57 31.16
N ASN B 113 1.80 22.46 31.23
CA ASN B 113 1.28 21.80 30.06
C ASN B 113 -0.12 22.29 29.75
N LEU B 114 -0.48 22.24 28.46
CA LEU B 114 -1.85 22.58 28.05
C LEU B 114 -2.87 21.69 28.72
N GLN B 115 -2.47 20.48 29.13
CA GLN B 115 -3.40 19.57 29.76
C GLN B 115 -3.98 20.15 31.04
N PHE B 116 -3.17 20.92 31.79
CA PHE B 116 -3.69 21.56 33.00
C PHE B 116 -4.75 22.59 32.64
N LYS B 117 -4.53 23.37 31.58
CA LYS B 117 -5.54 24.32 31.13
C LYS B 117 -6.83 23.61 30.75
N LEU B 118 -6.72 22.54 29.97
CA LEU B 118 -7.90 21.79 29.56
C LEU B 118 -8.61 21.17 30.75
N ASP B 119 -7.85 20.73 31.75
CA ASP B 119 -8.45 20.10 32.93
C ASP B 119 -9.19 21.13 33.78
N VAL B 120 -8.59 22.29 33.99
CA VAL B 120 -9.27 23.35 34.72
C VAL B 120 -10.51 23.80 33.96
N LEU B 121 -10.43 23.88 32.63
CA LEU B 121 -11.60 24.27 31.85
C LEU B 121 -12.70 23.23 31.94
N SER B 122 -12.35 21.94 31.90
CA SER B 122 -13.32 20.87 31.97
C SER B 122 -13.85 20.66 33.38
N LEU B 123 -13.25 21.27 34.39
CA LEU B 123 -13.71 21.14 35.77
C LEU B 123 -14.24 22.45 36.32
N ILE B 124 -14.43 23.45 35.47
CA ILE B 124 -15.04 24.71 35.92
C ILE B 124 -16.46 24.44 36.38
N PRO B 125 -16.87 24.88 37.57
CA PRO B 125 -18.21 24.54 38.05
C PRO B 125 -19.30 25.30 37.32
N THR B 126 -19.51 24.96 36.05
CA THR B 126 -20.60 25.54 35.29
C THR B 126 -21.97 25.06 35.76
N ASP B 127 -22.01 24.00 36.58
CA ASP B 127 -23.28 23.52 37.11
C ASP B 127 -24.00 24.58 37.93
N LEU B 128 -23.27 25.61 38.40
CA LEU B 128 -23.91 26.71 39.10
C LEU B 128 -24.93 27.42 38.20
N LEU B 129 -24.72 27.39 36.89
CA LEU B 129 -25.68 27.97 35.97
C LEU B 129 -27.02 27.25 36.00
N TYR B 130 -27.08 26.07 36.63
CA TYR B 130 -28.37 25.42 36.85
C TYR B 130 -29.29 26.30 37.66
N PHE B 131 -28.75 27.18 38.49
CA PHE B 131 -29.58 28.10 39.25
C PHE B 131 -30.09 29.25 38.39
N LYS B 132 -29.39 29.58 37.32
CA LYS B 132 -29.82 30.66 36.43
C LYS B 132 -30.64 30.13 35.26
N LEU B 133 -30.07 29.20 34.49
CA LEU B 133 -30.73 28.68 33.30
C LEU B 133 -31.75 27.60 33.61
N GLY B 134 -31.79 27.10 34.83
CA GLY B 134 -32.69 26.02 35.20
C GLY B 134 -32.06 24.65 35.00
N TRP B 135 -32.74 23.64 35.53
CA TRP B 135 -32.26 22.27 35.43
C TRP B 135 -32.37 21.71 34.03
N ASN B 136 -32.99 22.43 33.10
CA ASN B 136 -33.24 21.97 31.75
C ASN B 136 -32.11 22.33 30.79
N TYR B 137 -30.96 22.76 31.31
CA TYR B 137 -29.83 23.19 30.48
C TYR B 137 -28.57 22.47 30.96
N PRO B 138 -28.42 21.19 30.62
CA PRO B 138 -27.20 20.46 30.99
C PRO B 138 -26.02 20.68 30.05
N GLU B 139 -26.21 21.41 28.95
CA GLU B 139 -25.09 21.71 28.07
C GLU B 139 -24.06 22.61 28.74
N ILE B 140 -24.36 23.16 29.91
CA ILE B 140 -23.36 23.86 30.69
C ILE B 140 -22.24 22.92 31.08
N ARG B 141 -22.54 21.62 31.18
CA ARG B 141 -21.52 20.61 31.46
C ARG B 141 -20.75 20.22 30.21
N LEU B 142 -20.98 20.91 29.09
CA LEU B 142 -20.29 20.58 27.86
C LEU B 142 -18.78 20.78 27.96
N ASN B 143 -18.32 21.66 28.85
CA ASN B 143 -16.90 21.83 29.06
C ASN B 143 -16.25 20.55 29.56
N ARG B 144 -17.04 19.67 30.20
CA ARG B 144 -16.52 18.39 30.65
C ARG B 144 -15.97 17.56 29.50
N LEU B 145 -16.31 17.88 28.25
CA LEU B 145 -15.75 17.12 27.15
C LEU B 145 -14.26 17.41 26.94
N LEU B 146 -13.74 18.47 27.56
CA LEU B 146 -12.36 18.88 27.32
C LEU B 146 -11.33 17.96 27.93
N ARG B 147 -11.76 16.90 28.62
CA ARG B 147 -10.83 15.85 29.05
C ARG B 147 -10.77 14.70 28.06
N PHE B 148 -11.26 14.92 26.83
CA PHE B 148 -11.17 13.91 25.80
C PHE B 148 -9.78 13.29 25.71
N SER B 149 -8.75 14.10 25.92
CA SER B 149 -7.38 13.62 25.81
C SER B 149 -7.16 12.38 26.65
N ARG B 150 -7.60 12.41 27.91
CA ARG B 150 -7.44 11.24 28.78
C ARG B 150 -8.02 10.00 28.11
N MET B 151 -9.27 10.12 27.63
CA MET B 151 -9.88 9.01 26.91
C MET B 151 -8.98 8.54 25.78
N PHE B 152 -8.57 9.47 24.91
CA PHE B 152 -7.74 9.06 23.78
C PHE B 152 -6.44 8.42 24.26
N GLU B 153 -5.85 8.97 25.33
CA GLU B 153 -4.62 8.39 25.87
C GLU B 153 -4.86 6.94 26.24
N PHE B 154 -5.94 6.69 26.97
CA PHE B 154 -6.28 5.32 27.34
C PHE B 154 -6.35 4.45 26.10
N PHE B 155 -7.03 4.93 25.06
CA PHE B 155 -7.12 4.15 23.83
C PHE B 155 -5.73 3.86 23.29
N GLN B 156 -4.91 4.90 23.15
CA GLN B 156 -3.59 4.69 22.56
C GLN B 156 -2.73 3.83 23.48
N ARG B 157 -3.06 3.77 24.76
CA ARG B 157 -2.36 2.84 25.62
C ARG B 157 -2.89 1.44 25.44
N THR B 158 -4.22 1.29 25.41
CA THR B 158 -4.81 -0.04 25.25
C THR B 158 -4.34 -0.68 23.96
N GLU B 159 -4.47 0.04 22.85
CA GLU B 159 -4.01 -0.46 21.55
C GLU B 159 -2.58 -0.98 21.64
N THR B 160 -1.75 -0.34 22.44
CA THR B 160 -0.38 -0.79 22.59
C THR B 160 -0.30 -2.05 23.45
N ARG B 161 -0.89 -1.98 24.64
CA ARG B 161 -0.79 -3.09 25.60
C ARG B 161 -1.73 -4.27 25.48
N THR B 162 -2.84 -4.11 24.78
CA THR B 162 -3.78 -5.21 24.67
C THR B 162 -3.22 -6.32 23.78
N ASN B 163 -3.68 -7.54 24.02
CA ASN B 163 -3.33 -8.68 23.20
C ASN B 163 -4.21 -8.82 21.97
N TYR B 164 -5.32 -8.09 21.92
CA TYR B 164 -6.24 -8.08 20.78
C TYR B 164 -6.24 -6.68 20.18
N PRO B 165 -5.16 -6.31 19.47
CA PRO B 165 -5.08 -4.94 18.96
C PRO B 165 -6.15 -4.63 17.93
N ASN B 166 -6.46 -5.58 17.06
CA ASN B 166 -7.44 -5.33 16.00
C ASN B 166 -8.86 -5.35 16.54
N ILE B 167 -9.15 -6.24 17.48
CA ILE B 167 -10.47 -6.22 18.12
C ILE B 167 -10.70 -4.88 18.79
N PHE B 168 -9.71 -4.40 19.54
CA PHE B 168 -9.85 -3.10 20.21
C PHE B 168 -9.93 -1.96 19.21
N ARG B 169 -9.15 -2.03 18.12
CA ARG B 169 -9.19 -0.97 17.12
C ARG B 169 -10.56 -0.89 16.46
N ILE B 170 -11.13 -2.05 16.12
CA ILE B 170 -12.46 -2.07 15.51
C ILE B 170 -13.51 -1.60 16.51
N SER B 171 -13.39 -2.01 17.77
CA SER B 171 -14.31 -1.52 18.80
C SER B 171 -14.20 0.00 18.95
N ASN B 172 -12.99 0.53 18.84
CA ASN B 172 -12.80 1.98 18.94
C ASN B 172 -13.45 2.70 17.77
N LEU B 173 -13.26 2.17 16.56
CA LEU B 173 -13.90 2.78 15.40
C LEU B 173 -15.42 2.69 15.49
N VAL B 174 -15.94 1.57 15.99
CA VAL B 174 -17.38 1.42 16.15
C VAL B 174 -17.89 2.41 17.20
N MET B 175 -17.12 2.61 18.27
CA MET B 175 -17.47 3.61 19.26
C MET B 175 -17.51 5.01 18.67
N TYR B 176 -16.53 5.33 17.80
CA TYR B 176 -16.55 6.62 17.14
C TYR B 176 -17.76 6.77 16.23
N ILE B 177 -18.08 5.72 15.46
CA ILE B 177 -19.27 5.74 14.61
C ILE B 177 -20.51 5.99 15.44
N VAL B 178 -20.66 5.23 16.53
CA VAL B 178 -21.85 5.33 17.37
C VAL B 178 -21.94 6.72 17.99
N ILE B 179 -20.81 7.27 18.45
CA ILE B 179 -20.82 8.60 19.06
C ILE B 179 -21.20 9.65 18.03
N ILE B 180 -20.66 9.53 16.82
CA ILE B 180 -20.99 10.49 15.76
C ILE B 180 -22.47 10.43 15.41
N ILE B 181 -22.99 9.20 15.26
CA ILE B 181 -24.41 9.04 14.93
C ILE B 181 -25.28 9.56 16.06
N HIS B 182 -24.89 9.29 17.31
CA HIS B 182 -25.63 9.78 18.46
C HIS B 182 -25.64 11.29 18.52
N TRP B 183 -24.48 11.91 18.30
CA TRP B 183 -24.39 13.37 18.29
C TRP B 183 -25.22 13.96 17.16
N ASN B 184 -25.21 13.32 16.00
CA ASN B 184 -26.01 13.84 14.88
C ASN B 184 -27.49 13.66 15.14
N ALA B 185 -27.88 12.59 15.82
CA ALA B 185 -29.26 12.42 16.24
C ALA B 185 -29.67 13.53 17.20
N CYS B 186 -28.83 13.81 18.18
CA CYS B 186 -29.10 14.90 19.11
C CYS B 186 -29.21 16.24 18.38
N VAL B 187 -28.33 16.46 17.41
CA VAL B 187 -28.36 17.70 16.63
C VAL B 187 -29.65 17.80 15.83
N PHE B 188 -30.06 16.70 15.19
CA PHE B 188 -31.32 16.68 14.46
C PHE B 188 -32.49 17.01 15.38
N TYR B 189 -32.52 16.40 16.57
CA TYR B 189 -33.60 16.67 17.50
C TYR B 189 -33.60 18.12 17.96
N SER B 190 -32.41 18.68 18.22
CA SER B 190 -32.30 20.07 18.61
C SER B 190 -32.79 21.00 17.51
N ILE B 191 -32.43 20.69 16.27
CA ILE B 191 -32.87 21.51 15.14
C ILE B 191 -34.38 21.42 14.97
N SER B 192 -34.93 20.22 15.16
CA SER B 192 -36.38 20.06 15.15
C SER B 192 -37.03 20.90 16.24
N LYS B 193 -36.43 20.91 17.43
CA LYS B 193 -36.94 21.72 18.52
C LYS B 193 -36.92 23.20 18.16
N ALA B 194 -35.81 23.67 17.61
CA ALA B 194 -35.68 25.08 17.24
C ALA B 194 -36.71 25.45 16.18
N ILE B 195 -36.79 24.67 15.12
CA ILE B 195 -37.80 24.91 14.08
C ILE B 195 -39.20 24.68 14.65
N GLY B 196 -39.33 23.77 15.61
CA GLY B 196 -40.62 23.42 16.16
C GLY B 196 -41.03 22.02 15.75
N PHE B 197 -41.31 21.17 16.74
CA PHE B 197 -41.68 19.79 16.47
C PHE B 197 -42.97 19.71 15.68
N GLY B 198 -42.90 19.15 14.48
CA GLY B 198 -44.07 18.97 13.66
C GLY B 198 -44.49 20.18 12.85
N ASN B 199 -43.69 21.24 12.84
CA ASN B 199 -44.03 22.40 12.01
C ASN B 199 -43.96 22.09 10.53
N ASP B 200 -43.17 21.09 10.14
CA ASP B 200 -43.18 20.61 8.76
C ASP B 200 -42.79 19.13 8.78
N THR B 201 -42.85 18.52 7.59
CA THR B 201 -42.66 17.08 7.49
C THR B 201 -41.22 16.65 7.77
N TRP B 202 -40.27 17.57 7.70
CA TRP B 202 -38.87 17.19 7.88
C TRP B 202 -38.52 17.01 9.36
N VAL B 203 -38.83 18.00 10.19
CA VAL B 203 -38.45 17.96 11.59
C VAL B 203 -39.06 16.75 12.29
N TYR B 204 -38.49 16.41 13.43
CA TYR B 204 -39.08 15.38 14.28
C TYR B 204 -40.55 15.71 14.52
N PRO B 205 -41.45 14.71 14.49
CA PRO B 205 -42.89 15.00 14.61
C PRO B 205 -43.28 15.65 15.92
N ASP B 206 -44.55 15.99 16.05
CA ASP B 206 -45.04 16.69 17.23
C ASP B 206 -44.84 15.85 18.49
N ILE B 207 -44.30 16.48 19.53
CA ILE B 207 -44.13 15.80 20.81
C ILE B 207 -45.48 15.38 21.39
N ASN B 208 -46.51 16.18 21.17
CA ASN B 208 -47.82 15.90 21.76
C ASN B 208 -48.42 14.59 21.27
N ASP B 209 -47.82 13.97 20.26
CA ASP B 209 -48.32 12.69 19.77
C ASP B 209 -47.97 11.63 20.81
N PRO B 210 -48.91 10.71 21.08
CA PRO B 210 -48.66 9.66 22.07
C PRO B 210 -47.45 8.80 21.73
N GLU B 211 -47.33 8.39 20.48
CA GLU B 211 -46.22 7.55 20.05
C GLU B 211 -44.95 8.35 19.80
N PHE B 212 -45.09 9.53 19.21
CA PHE B 212 -43.92 10.36 18.91
C PHE B 212 -43.58 11.36 20.01
N GLY B 213 -44.02 11.10 21.22
CA GLY B 213 -43.70 11.95 22.35
C GLY B 213 -42.89 11.22 23.40
N ARG B 214 -42.73 9.92 23.23
CA ARG B 214 -41.96 9.12 24.17
C ARG B 214 -40.48 9.38 23.99
N LEU B 215 -39.77 9.57 25.11
CA LEU B 215 -38.34 9.78 25.06
C LEU B 215 -37.63 8.66 24.31
N ALA B 216 -38.08 7.42 24.51
CA ALA B 216 -37.55 6.30 23.75
C ALA B 216 -37.74 6.52 22.26
N ARG B 217 -38.98 6.81 21.85
CA ARG B 217 -39.24 7.07 20.44
C ARG B 217 -38.45 8.28 19.95
N LYS B 218 -38.45 9.36 20.74
CA LYS B 218 -37.67 10.54 20.37
C LYS B 218 -36.24 10.17 20.01
N TYR B 219 -35.52 9.57 20.96
CA TYR B 219 -34.11 9.29 20.74
C TYR B 219 -33.91 8.27 19.63
N VAL B 220 -34.75 7.24 19.59
CA VAL B 220 -34.50 6.16 18.65
C VAL B 220 -34.82 6.60 17.23
N TYR B 221 -35.86 7.40 17.03
CA TYR B 221 -36.12 7.94 15.70
C TYR B 221 -35.06 8.96 15.30
N SER B 222 -34.58 9.78 16.25
CA SER B 222 -33.49 10.69 15.93
C SER B 222 -32.26 9.91 15.50
N LEU B 223 -31.97 8.81 16.18
CA LEU B 223 -30.85 7.96 15.82
C LEU B 223 -31.07 7.31 14.46
N TYR B 224 -32.31 6.94 14.16
CA TYR B 224 -32.64 6.39 12.84
C TYR B 224 -32.37 7.42 11.75
N TRP B 225 -32.88 8.64 11.93
CA TRP B 225 -32.62 9.72 11.01
C TRP B 225 -31.12 9.95 10.84
N SER B 226 -30.40 10.00 11.95
CA SER B 226 -28.96 10.23 11.91
C SER B 226 -28.24 9.12 11.14
N THR B 227 -28.65 7.87 11.35
CA THR B 227 -28.03 6.76 10.64
C THR B 227 -28.32 6.84 9.16
N LEU B 228 -29.57 7.15 8.79
CA LEU B 228 -29.91 7.27 7.39
C LEU B 228 -29.16 8.42 6.73
N THR B 229 -28.80 9.43 7.50
CA THR B 229 -28.10 10.58 6.96
C THR B 229 -26.59 10.46 6.91
N LEU B 230 -26.00 10.00 8.00
CA LEU B 230 -24.56 9.84 8.08
C LEU B 230 -24.05 8.70 7.21
N THR B 231 -24.76 7.59 7.09
CA THR B 231 -24.48 6.51 6.14
C THR B 231 -24.96 6.84 4.74
N THR B 232 -25.44 8.07 4.53
N THR B 232 -25.43 8.07 4.55
CA THR B 232 -25.89 8.57 3.23
CA THR B 232 -25.91 8.55 3.25
C THR B 232 -26.87 7.63 2.55
C THR B 232 -26.92 7.64 2.55
N ILE B 233 -27.86 7.17 3.30
N ILE B 233 -27.92 7.20 3.28
CA ILE B 233 -28.92 6.36 2.74
CA ILE B 233 -29.00 6.38 2.73
C ILE B 233 -30.02 7.34 2.37
C ILE B 233 -30.07 7.39 2.33
N GLY B 234 -30.24 8.30 3.26
N GLY B 234 -30.32 8.30 3.27
CA GLY B 234 -31.23 9.34 3.07
CA GLY B 234 -31.27 9.39 3.13
C GLY B 234 -32.63 8.88 2.73
C GLY B 234 -32.75 9.17 2.91
N GLN B 235 -33.21 8.05 3.58
N GLN B 235 -33.28 8.01 3.30
CA GLN B 235 -34.56 7.56 3.37
CA GLN B 235 -34.70 7.74 3.11
C GLN B 235 -35.51 8.29 4.31
C GLN B 235 -35.68 8.52 3.98
N THR B 236 -35.11 9.47 4.75
N THR B 236 -35.17 9.44 4.82
CA THR B 236 -35.90 10.27 5.66
CA THR B 236 -36.02 10.22 5.71
C THR B 236 -36.60 11.40 4.93
C THR B 236 -36.76 11.34 4.97
N PRO B 237 -37.69 11.92 5.53
N PRO B 237 -37.81 11.92 5.58
CA PRO B 237 -38.46 13.00 4.94
CA PRO B 237 -38.52 13.01 4.92
C PRO B 237 -37.54 14.14 4.51
C PRO B 237 -37.58 14.14 4.51
N PRO B 238 -37.64 14.55 3.23
CA PRO B 238 -36.79 15.62 2.70
C PRO B 238 -37.07 16.98 3.35
N PRO B 239 -36.06 17.87 3.33
CA PRO B 239 -36.14 19.21 3.92
C PRO B 239 -37.25 20.07 3.33
N VAL B 240 -37.76 20.99 4.14
CA VAL B 240 -38.84 21.87 3.70
C VAL B 240 -38.37 23.32 3.73
N ARG B 241 -37.69 23.72 4.80
CA ARG B 241 -37.17 25.06 4.94
C ARG B 241 -35.73 25.13 4.44
N ASP B 242 -35.26 26.36 4.23
CA ASP B 242 -33.89 26.57 3.77
C ASP B 242 -32.89 26.09 4.82
N SER B 243 -33.15 26.36 6.10
CA SER B 243 -32.27 25.86 7.15
C SER B 243 -32.22 24.34 7.11
N GLU B 244 -33.36 23.69 6.88
CA GLU B 244 -33.39 22.23 6.82
C GLU B 244 -32.61 21.72 5.62
N TYR B 245 -32.80 22.34 4.45
CA TYR B 245 -32.03 21.96 3.28
C TYR B 245 -30.53 22.11 3.52
N VAL B 246 -30.12 23.23 4.11
CA VAL B 246 -28.70 23.48 4.36
C VAL B 246 -28.14 22.45 5.34
N PHE B 247 -28.85 22.23 6.44
CA PHE B 247 -28.39 21.25 7.42
C PHE B 247 -28.31 19.86 6.82
N VAL B 248 -29.28 19.50 5.98
CA VAL B 248 -29.29 18.18 5.39
C VAL B 248 -28.14 18.03 4.40
N VAL B 249 -27.85 19.07 3.63
CA VAL B 249 -26.69 19.04 2.73
C VAL B 249 -25.42 18.86 3.53
N VAL B 250 -25.22 19.72 4.55
CA VAL B 250 -24.03 19.65 5.37
C VAL B 250 -23.91 18.30 6.06
N ASP B 251 -25.03 17.73 6.48
CA ASP B 251 -25.02 16.48 7.22
C ASP B 251 -24.79 15.28 6.30
N PHE B 252 -25.34 15.32 5.09
CA PHE B 252 -25.03 14.30 4.10
C PHE B 252 -23.57 14.35 3.71
N LEU B 253 -22.99 15.55 3.63
CA LEU B 253 -21.57 15.65 3.32
C LEU B 253 -20.71 15.18 4.48
N ILE B 254 -21.09 15.55 5.71
CA ILE B 254 -20.44 14.99 6.89
C ILE B 254 -20.51 13.47 6.87
N GLY B 255 -21.69 12.94 6.57
CA GLY B 255 -21.86 11.52 6.39
C GLY B 255 -20.86 10.95 5.41
N VAL B 256 -20.92 11.41 4.16
CA VAL B 256 -20.01 10.91 3.12
C VAL B 256 -18.57 10.95 3.62
N LEU B 257 -18.09 12.13 4.01
CA LEU B 257 -16.67 12.29 4.31
C LEU B 257 -16.26 11.52 5.57
N ILE B 258 -16.93 11.79 6.69
CA ILE B 258 -16.51 11.21 7.96
C ILE B 258 -16.76 9.71 7.97
N PHE B 259 -17.88 9.25 7.40
CA PHE B 259 -18.12 7.81 7.38
C PHE B 259 -17.21 7.10 6.40
N ALA B 260 -16.85 7.73 5.29
CA ALA B 260 -15.80 7.14 4.45
C ALA B 260 -14.50 7.04 5.23
N THR B 261 -14.12 8.12 5.94
CA THR B 261 -12.95 8.09 6.80
C THR B 261 -12.98 6.89 7.73
N ILE B 262 -14.04 6.78 8.54
CA ILE B 262 -14.06 5.79 9.61
C ILE B 262 -14.21 4.38 9.05
N VAL B 263 -15.13 4.20 8.10
CA VAL B 263 -15.39 2.87 7.54
C VAL B 263 -14.35 2.48 6.49
N GLY B 264 -13.42 3.36 6.16
CA GLY B 264 -12.25 2.99 5.39
C GLY B 264 -11.08 2.71 6.30
N ASN B 265 -11.06 3.36 7.46
CA ASN B 265 -10.16 2.93 8.52
C ASN B 265 -10.50 1.51 8.94
N ILE B 266 -11.80 1.18 8.94
CA ILE B 266 -12.23 -0.20 9.13
C ILE B 266 -11.57 -1.10 8.09
N GLY B 267 -11.63 -0.67 6.83
CA GLY B 267 -11.00 -1.44 5.76
C GLY B 267 -9.51 -1.65 5.97
N SER B 268 -8.81 -0.57 6.33
CA SER B 268 -7.36 -0.67 6.57
C SER B 268 -7.05 -1.55 7.77
N MET B 269 -7.91 -1.54 8.80
CA MET B 269 -7.71 -2.40 9.95
C MET B 269 -7.89 -3.86 9.56
N ILE B 270 -8.91 -4.16 8.75
CA ILE B 270 -9.08 -5.52 8.27
C ILE B 270 -7.92 -5.92 7.36
N SER B 271 -7.42 -4.98 6.57
CA SER B 271 -6.27 -5.23 5.73
C SER B 271 -5.06 -5.65 6.56
N ASN B 272 -4.74 -4.86 7.57
CA ASN B 272 -3.62 -5.22 8.46
C ASN B 272 -3.92 -6.46 9.29
N MET B 273 -5.20 -6.82 9.46
CA MET B 273 -5.53 -8.12 10.02
C MET B 273 -5.12 -9.23 9.07
N ASN B 274 -5.33 -9.01 7.77
CA ASN B 274 -5.01 -9.99 6.74
C ASN B 274 -3.56 -9.86 6.27
N ALA B 275 -2.82 -8.87 6.79
CA ALA B 275 -1.50 -8.52 6.25
C ALA B 275 -0.58 -9.73 6.16
N ALA B 276 -0.40 -10.44 7.27
CA ALA B 276 0.50 -11.60 7.27
C ALA B 276 -0.02 -12.69 6.33
N ARG B 277 -1.29 -13.08 6.52
CA ARG B 277 -1.88 -14.11 5.67
C ARG B 277 -1.90 -13.68 4.21
N ALA B 278 -2.20 -12.41 3.95
CA ALA B 278 -2.25 -11.94 2.56
C ALA B 278 -0.88 -11.96 1.93
N GLU B 279 0.16 -11.56 2.67
CA GLU B 279 1.52 -11.59 2.14
C GLU B 279 1.95 -13.02 1.85
N PHE B 280 1.69 -13.92 2.81
CA PHE B 280 1.99 -15.34 2.61
C PHE B 280 1.30 -15.87 1.37
N GLN B 281 0.00 -15.62 1.25
CA GLN B 281 -0.78 -16.13 0.12
C GLN B 281 -0.32 -15.50 -1.19
N ALA B 282 0.09 -14.23 -1.15
CA ALA B 282 0.58 -13.58 -2.37
C ALA B 282 1.89 -14.21 -2.81
N ARG B 283 2.77 -14.52 -1.86
CA ARG B 283 3.99 -15.24 -2.21
C ARG B 283 3.67 -16.59 -2.83
N ILE B 284 2.73 -17.33 -2.22
CA ILE B 284 2.34 -18.63 -2.77
C ILE B 284 1.76 -18.47 -4.16
N ASP B 285 0.98 -17.41 -4.39
CA ASP B 285 0.38 -17.21 -5.71
C ASP B 285 1.44 -16.89 -6.75
N ALA B 286 2.41 -16.05 -6.41
CA ALA B 286 3.50 -15.78 -7.34
C ALA B 286 4.26 -17.06 -7.66
N ILE B 287 4.51 -17.88 -6.65
CA ILE B 287 5.21 -19.15 -6.87
C ILE B 287 4.40 -20.04 -7.80
N LYS B 288 3.11 -20.17 -7.54
CA LYS B 288 2.26 -21.04 -8.35
C LYS B 288 2.14 -20.53 -9.78
N GLN B 289 2.05 -19.20 -9.94
CA GLN B 289 2.03 -18.61 -11.29
C GLN B 289 3.32 -18.96 -12.03
N TYR B 290 4.46 -18.81 -11.36
CA TYR B 290 5.73 -19.17 -11.98
C TYR B 290 5.76 -20.64 -12.37
N MET B 291 5.32 -21.51 -11.45
CA MET B 291 5.39 -22.94 -11.70
C MET B 291 4.47 -23.37 -12.84
N HIS B 292 3.26 -22.81 -12.89
CA HIS B 292 2.33 -23.15 -13.96
C HIS B 292 2.79 -22.56 -15.29
N PHE B 293 3.42 -21.38 -15.26
CA PHE B 293 3.93 -20.79 -16.48
C PHE B 293 5.13 -21.56 -17.01
N ARG B 294 6.03 -21.98 -16.12
CA ARG B 294 7.19 -22.74 -16.52
C ARG B 294 6.90 -24.23 -16.69
N ASN B 295 5.64 -24.64 -16.51
CA ASN B 295 5.23 -26.03 -16.59
C ASN B 295 6.07 -26.90 -15.66
N VAL B 296 6.26 -26.41 -14.43
CA VAL B 296 6.94 -27.19 -13.41
C VAL B 296 6.16 -28.46 -13.14
N SER B 297 6.89 -29.57 -13.03
CA SER B 297 6.27 -30.88 -12.84
C SER B 297 5.32 -30.86 -11.64
N LYS B 298 4.19 -31.56 -11.79
CA LYS B 298 3.22 -31.61 -10.71
C LYS B 298 3.79 -32.27 -9.46
N ASP B 299 4.83 -33.09 -9.61
CA ASP B 299 5.59 -33.55 -8.44
C ASP B 299 6.12 -32.37 -7.65
N MET B 300 6.87 -31.49 -8.32
CA MET B 300 7.53 -30.38 -7.64
C MET B 300 6.52 -29.33 -7.23
N GLU B 301 5.46 -29.15 -8.03
CA GLU B 301 4.37 -28.27 -7.63
C GLU B 301 3.72 -28.76 -6.34
N LYS B 302 3.49 -30.07 -6.24
CA LYS B 302 2.94 -30.64 -5.02
C LYS B 302 3.90 -30.48 -3.86
N ARG B 303 5.20 -30.66 -4.11
CA ARG B 303 6.20 -30.46 -3.05
C ARG B 303 6.19 -29.03 -2.55
N VAL B 304 6.10 -28.05 -3.45
CA VAL B 304 6.09 -26.66 -3.06
C VAL B 304 4.82 -26.33 -2.28
N ILE B 305 3.67 -26.79 -2.77
CA ILE B 305 2.42 -26.58 -2.06
C ILE B 305 2.48 -27.22 -0.68
N LYS B 306 3.12 -28.39 -0.56
CA LYS B 306 3.26 -29.04 0.73
C LYS B 306 4.15 -28.23 1.66
N TRP B 307 5.24 -27.68 1.13
CA TRP B 307 6.10 -26.81 1.92
C TRP B 307 5.34 -25.62 2.48
N PHE B 308 4.53 -24.99 1.63
CA PHE B 308 3.78 -23.81 2.08
C PHE B 308 2.66 -24.20 3.06
N ASP B 309 2.00 -25.32 2.81
CA ASP B 309 1.01 -25.83 3.76
C ASP B 309 1.65 -26.10 5.11
N TYR B 310 2.88 -26.63 5.10
CA TYR B 310 3.61 -26.83 6.35
C TYR B 310 3.91 -25.50 7.03
N LEU B 311 4.42 -24.54 6.26
CA LEU B 311 4.73 -23.23 6.83
C LEU B 311 3.51 -22.62 7.50
N TRP B 312 2.35 -22.72 6.86
CA TRP B 312 1.15 -22.14 7.45
C TRP B 312 0.66 -22.95 8.65
N THR B 313 0.37 -24.24 8.42
CA THR B 313 -0.22 -25.08 9.46
C THR B 313 0.60 -25.06 10.74
N ASN B 314 1.91 -25.14 10.61
CA ASN B 314 2.79 -25.15 11.77
C ASN B 314 3.26 -23.76 12.17
N LYS B 315 2.64 -22.72 11.63
CA LYS B 315 2.86 -21.34 12.06
C LYS B 315 4.33 -20.93 11.93
N LYS B 316 4.84 -21.06 10.70
CA LYS B 316 6.20 -20.67 10.39
C LYS B 316 6.26 -19.66 9.25
N THR B 317 5.12 -19.04 8.89
CA THR B 317 5.11 -18.08 7.80
C THR B 317 5.84 -16.80 8.19
N VAL B 318 5.86 -16.46 9.47
CA VAL B 318 6.52 -15.25 9.94
C VAL B 318 7.96 -15.59 10.31
N ASP B 319 8.88 -14.70 9.94
CA ASP B 319 10.29 -14.83 10.29
C ASP B 319 10.60 -13.90 11.45
N GLU B 320 11.04 -14.48 12.57
CA GLU B 320 11.23 -13.69 13.78
C GLU B 320 12.23 -12.56 13.59
N LYS B 321 13.10 -12.66 12.59
CA LYS B 321 14.09 -11.61 12.37
C LYS B 321 13.42 -10.29 12.00
N GLU B 322 12.58 -10.32 10.97
CA GLU B 322 11.94 -9.09 10.50
C GLU B 322 11.02 -8.49 11.57
N VAL B 323 10.43 -9.33 12.42
CA VAL B 323 9.56 -8.83 13.47
C VAL B 323 10.38 -8.21 14.59
N LEU B 324 11.32 -8.97 15.14
CA LEU B 324 12.07 -8.54 16.31
C LEU B 324 13.17 -7.53 16.00
N LYS B 325 13.42 -7.22 14.72
CA LYS B 325 14.43 -6.23 14.41
C LYS B 325 14.07 -4.85 14.94
N TYR B 326 12.80 -4.60 15.24
CA TYR B 326 12.40 -3.33 15.82
C TYR B 326 12.59 -3.29 17.34
N LEU B 327 12.80 -4.43 17.97
CA LEU B 327 13.12 -4.47 19.39
C LEU B 327 14.56 -3.99 19.61
N PRO B 328 14.88 -3.53 20.81
CA PRO B 328 16.28 -3.25 21.12
C PRO B 328 17.09 -4.54 21.16
N ASP B 329 18.33 -4.45 20.67
CA ASP B 329 19.21 -5.62 20.71
C ASP B 329 19.37 -6.16 22.13
N LYS B 330 19.47 -5.26 23.10
CA LYS B 330 19.56 -5.66 24.50
C LYS B 330 18.20 -5.99 25.11
N LEU B 331 17.17 -6.11 24.28
CA LEU B 331 15.89 -6.70 24.63
C LEU B 331 15.50 -7.84 23.72
N ARG B 332 15.79 -7.72 22.42
CA ARG B 332 15.67 -8.83 21.51
C ARG B 332 16.56 -9.99 21.92
N ALA B 333 17.71 -9.69 22.54
CA ALA B 333 18.57 -10.74 23.05
C ALA B 333 17.86 -11.58 24.11
N GLU B 334 17.23 -10.90 25.06
CA GLU B 334 16.47 -11.56 26.12
C GLU B 334 15.33 -12.36 25.49
N ILE B 335 14.68 -11.77 24.49
CA ILE B 335 13.59 -12.46 23.80
C ILE B 335 14.08 -13.78 23.22
N ALA B 336 15.16 -13.72 22.43
CA ALA B 336 15.72 -14.92 21.82
C ALA B 336 16.16 -15.93 22.88
N ILE B 337 16.71 -15.45 23.98
CA ILE B 337 17.12 -16.35 25.06
C ILE B 337 15.91 -17.07 25.64
N ASN B 338 14.89 -16.30 26.01
CA ASN B 338 13.68 -16.87 26.60
C ASN B 338 12.96 -17.81 25.64
N VAL B 339 13.22 -17.71 24.34
CA VAL B 339 12.61 -18.60 23.37
C VAL B 339 13.46 -19.83 23.09
N HIS B 340 14.79 -19.69 23.04
CA HIS B 340 15.68 -20.74 22.59
C HIS B 340 16.50 -21.37 23.70
N LEU B 341 16.24 -21.02 24.97
CA LEU B 341 16.88 -21.71 26.07
C LEU B 341 16.41 -23.15 26.19
N ASP B 342 15.31 -23.49 25.51
CA ASP B 342 14.84 -24.89 25.48
C ASP B 342 15.88 -25.80 24.85
N THR B 343 16.53 -25.34 23.78
CA THR B 343 17.52 -26.14 23.06
C THR B 343 18.95 -25.75 23.37
N LEU B 344 19.23 -24.47 23.60
CA LEU B 344 20.60 -24.06 23.87
C LEU B 344 21.08 -24.45 25.26
N LYS B 345 20.26 -25.18 26.02
CA LYS B 345 20.73 -25.91 27.19
C LYS B 345 21.08 -27.36 26.88
N LYS B 346 20.47 -27.94 25.84
CA LYS B 346 20.81 -29.29 25.42
C LYS B 346 22.09 -29.33 24.59
N VAL B 347 22.43 -28.22 23.93
CA VAL B 347 23.67 -28.15 23.19
C VAL B 347 24.85 -28.26 24.16
N ARG B 348 25.99 -28.72 23.66
CA ARG B 348 27.16 -28.90 24.50
C ARG B 348 27.98 -27.62 24.66
N ILE B 349 28.02 -26.76 23.64
CA ILE B 349 28.87 -25.59 23.69
C ILE B 349 28.28 -24.52 24.60
N PHE B 350 27.00 -24.20 24.41
CA PHE B 350 26.39 -23.05 25.07
C PHE B 350 25.87 -23.43 26.44
N ALA B 351 25.96 -22.48 27.37
CA ALA B 351 25.47 -22.60 28.74
C ALA B 351 26.17 -23.71 29.53
N ASP B 352 27.21 -24.33 28.97
CA ASP B 352 27.93 -25.38 29.66
C ASP B 352 29.36 -24.96 30.00
N CYS B 353 30.15 -24.53 29.02
CA CYS B 353 31.54 -24.18 29.28
C CYS B 353 31.67 -22.75 29.79
N GLU B 354 31.23 -21.78 29.00
CA GLU B 354 31.32 -20.38 29.39
C GLU B 354 30.09 -19.89 30.13
N ALA B 355 28.92 -20.47 29.82
CA ALA B 355 27.62 -20.16 30.40
C ALA B 355 27.12 -18.77 30.04
N GLY B 356 27.89 -17.98 29.29
CA GLY B 356 27.46 -16.66 28.88
C GLY B 356 27.64 -16.46 27.39
N LEU B 357 28.39 -17.37 26.77
CA LEU B 357 28.67 -17.28 25.34
C LEU B 357 27.39 -17.34 24.50
N LEU B 358 26.36 -18.01 25.02
CA LEU B 358 25.11 -18.18 24.27
C LEU B 358 24.50 -16.85 23.83
N VAL B 359 24.77 -15.77 24.56
CA VAL B 359 24.21 -14.47 24.18
C VAL B 359 24.97 -13.87 23.01
N GLU B 360 26.26 -14.19 22.88
CA GLU B 360 27.08 -13.62 21.81
C GLU B 360 26.66 -14.09 20.43
N LEU B 361 25.93 -15.21 20.34
CA LEU B 361 25.55 -15.80 19.06
C LEU B 361 24.05 -16.02 18.89
N VAL B 362 23.25 -15.81 19.93
CA VAL B 362 21.83 -16.08 19.82
C VAL B 362 21.16 -15.11 18.86
N LEU B 363 21.68 -13.89 18.74
CA LEU B 363 21.14 -12.89 17.83
C LEU B 363 21.64 -13.05 16.42
N LYS B 364 22.37 -14.12 16.12
CA LYS B 364 22.84 -14.41 14.78
C LYS B 364 22.61 -15.85 14.36
N LEU B 365 21.98 -16.67 15.21
CA LEU B 365 21.57 -18.02 14.85
C LEU B 365 20.39 -17.98 13.89
N GLN B 366 20.63 -18.04 12.59
CA GLN B 366 19.52 -17.89 11.65
C GLN B 366 18.67 -19.16 11.64
N PRO B 367 17.39 -19.09 11.98
CA PRO B 367 16.57 -20.31 12.05
C PRO B 367 16.12 -20.74 10.65
N GLN B 368 16.49 -21.96 10.27
CA GLN B 368 16.11 -22.54 8.99
C GLN B 368 15.16 -23.71 9.21
N VAL B 369 14.35 -24.01 8.20
CA VAL B 369 13.45 -25.15 8.21
C VAL B 369 13.74 -26.00 6.97
N TYR B 370 13.86 -27.31 7.17
CA TYR B 370 14.17 -28.25 6.11
C TYR B 370 13.07 -29.29 5.99
N SER B 371 12.73 -29.62 4.74
CA SER B 371 11.70 -30.60 4.47
C SER B 371 12.21 -32.01 4.74
N PRO B 372 11.31 -32.98 4.90
CA PRO B 372 11.75 -34.38 5.01
C PRO B 372 12.58 -34.79 3.80
N GLY B 373 13.71 -35.43 4.06
CA GLY B 373 14.60 -35.87 3.02
C GLY B 373 15.55 -34.83 2.48
N ASP B 374 15.50 -33.60 2.98
CA ASP B 374 16.39 -32.55 2.50
C ASP B 374 17.80 -32.78 3.03
N TYR B 375 18.77 -32.82 2.12
CA TYR B 375 20.17 -32.97 2.50
C TYR B 375 20.69 -31.62 2.98
N ILE B 376 20.83 -31.47 4.29
CA ILE B 376 21.40 -30.26 4.85
C ILE B 376 22.88 -30.17 4.47
N CYS B 377 23.63 -31.24 4.70
CA CYS B 377 25.04 -31.31 4.36
C CYS B 377 25.30 -32.47 3.41
N LYS B 378 26.37 -32.35 2.63
CA LYS B 378 26.80 -33.40 1.72
C LYS B 378 28.32 -33.42 1.70
N LYS B 379 28.88 -34.62 1.63
CA LYS B 379 30.33 -34.78 1.63
C LYS B 379 30.97 -34.01 0.48
N GLY B 380 32.06 -33.33 0.77
CA GLY B 380 32.75 -32.55 -0.24
C GLY B 380 32.08 -31.23 -0.57
N ASP B 381 31.61 -30.51 0.43
CA ASP B 381 31.00 -29.21 0.24
C ASP B 381 31.63 -28.21 1.20
N ILE B 382 31.40 -26.93 0.92
CA ILE B 382 31.99 -25.85 1.70
C ILE B 382 31.36 -25.85 3.09
N GLY B 383 32.14 -26.23 4.09
CA GLY B 383 31.67 -26.23 5.46
C GLY B 383 31.74 -24.87 6.10
N ARG B 384 30.80 -23.99 5.76
CA ARG B 384 30.81 -22.61 6.23
C ARG B 384 29.65 -22.29 7.17
N GLU B 385 28.95 -23.31 7.67
CA GLU B 385 27.80 -23.07 8.54
C GLU B 385 27.71 -24.18 9.58
N MET B 386 27.58 -23.80 10.85
CA MET B 386 27.29 -24.74 11.91
C MET B 386 25.79 -24.76 12.17
N TYR B 387 25.26 -25.96 12.43
CA TYR B 387 23.83 -26.15 12.63
C TYR B 387 23.55 -26.68 14.04
N ILE B 388 22.55 -26.11 14.68
CA ILE B 388 22.05 -26.59 15.98
C ILE B 388 20.61 -27.03 15.76
N ILE B 389 20.33 -28.31 16.06
CA ILE B 389 19.02 -28.89 15.82
C ILE B 389 18.08 -28.40 16.92
N LYS B 390 17.24 -27.42 16.60
CA LYS B 390 16.21 -26.99 17.54
C LYS B 390 15.13 -28.06 17.68
N GLU B 391 14.51 -28.43 16.55
CA GLU B 391 13.49 -29.47 16.55
C GLU B 391 13.69 -30.35 15.33
N GLY B 392 13.34 -31.63 15.47
CA GLY B 392 13.39 -32.49 14.31
C GLY B 392 14.47 -33.55 14.38
N LYS B 393 14.31 -34.61 13.60
CA LYS B 393 15.23 -35.74 13.57
C LYS B 393 16.06 -35.64 12.29
N LEU B 394 17.38 -35.56 12.45
CA LEU B 394 18.29 -35.58 11.32
C LEU B 394 19.09 -36.87 11.34
N ALA B 395 19.69 -37.20 10.21
CA ALA B 395 20.46 -38.43 10.07
C ALA B 395 21.82 -38.12 9.46
N VAL B 396 22.86 -38.64 10.09
CA VAL B 396 24.18 -38.75 9.51
C VAL B 396 24.15 -40.03 8.69
N VAL B 397 23.83 -39.90 7.39
CA VAL B 397 23.60 -41.07 6.54
C VAL B 397 24.89 -41.49 5.86
N ALA B 398 24.81 -42.62 5.15
CA ALA B 398 25.82 -42.96 4.16
C ALA B 398 25.49 -42.29 2.83
N ASP B 399 26.49 -42.18 1.97
CA ASP B 399 26.28 -41.56 0.66
C ASP B 399 25.41 -42.41 -0.26
N ASP B 400 25.17 -43.68 0.08
CA ASP B 400 24.24 -44.49 -0.70
C ASP B 400 22.84 -43.87 -0.71
N GLY B 401 22.42 -43.29 0.41
CA GLY B 401 21.19 -42.52 0.50
C GLY B 401 20.21 -43.03 1.54
N VAL B 402 20.28 -44.30 1.88
CA VAL B 402 19.32 -44.93 2.77
C VAL B 402 19.95 -45.32 4.11
N THR B 403 21.17 -45.87 4.07
CA THR B 403 21.80 -46.34 5.29
C THR B 403 22.03 -45.20 6.28
N GLN B 404 21.31 -45.23 7.39
CA GLN B 404 21.43 -44.20 8.41
C GLN B 404 22.48 -44.62 9.44
N PHE B 405 23.63 -43.96 9.42
CA PHE B 405 24.66 -44.27 10.41
C PHE B 405 24.26 -43.78 11.79
N VAL B 406 23.98 -42.48 11.92
CA VAL B 406 23.68 -41.87 13.21
C VAL B 406 22.39 -41.08 13.10
N VAL B 407 21.59 -41.08 14.16
CA VAL B 407 20.40 -40.25 14.23
C VAL B 407 20.62 -39.14 15.25
N LEU B 408 20.57 -37.90 14.77
CA LEU B 408 20.75 -36.72 15.61
C LEU B 408 19.38 -36.15 15.95
N SER B 409 19.05 -36.14 17.24
CA SER B 409 17.80 -35.55 17.69
C SER B 409 18.05 -34.11 18.13
N ASP B 410 17.14 -33.56 18.92
CA ASP B 410 17.24 -32.17 19.35
C ASP B 410 18.46 -31.97 20.24
N GLY B 411 18.91 -30.72 20.32
CA GLY B 411 20.11 -30.39 21.06
C GLY B 411 21.40 -30.70 20.34
N SER B 412 21.38 -31.64 19.39
CA SER B 412 22.59 -31.99 18.66
C SER B 412 23.07 -30.81 17.83
N TYR B 413 24.37 -30.78 17.60
CA TYR B 413 25.01 -29.78 16.74
C TYR B 413 25.89 -30.50 15.74
N PHE B 414 25.83 -30.05 14.50
CA PHE B 414 26.65 -30.63 13.44
C PHE B 414 27.11 -29.51 12.51
N GLY B 415 28.02 -29.87 11.61
CA GLY B 415 28.59 -28.89 10.72
C GLY B 415 29.60 -27.97 11.36
N GLU B 416 30.16 -28.38 12.50
CA GLU B 416 31.15 -27.56 13.20
C GLU B 416 32.58 -28.03 12.97
N ILE B 417 32.78 -29.28 12.56
CA ILE B 417 34.12 -29.79 12.29
C ILE B 417 34.75 -29.07 11.10
N SER B 418 33.99 -28.90 10.02
CA SER B 418 34.51 -28.24 8.84
C SER B 418 34.66 -26.73 9.02
N ILE B 419 34.28 -26.20 10.19
CA ILE B 419 34.51 -24.80 10.49
C ILE B 419 35.93 -24.56 10.97
N LEU B 420 36.43 -25.46 11.82
CA LEU B 420 37.61 -25.22 12.62
C LEU B 420 38.89 -25.65 11.90
N ASN B 421 40.01 -25.08 12.35
CA ASN B 421 41.34 -25.52 11.94
C ASN B 421 41.75 -26.73 12.79
N ILE B 422 42.02 -27.85 12.13
CA ILE B 422 42.28 -29.11 12.82
C ILE B 422 43.56 -29.73 12.29
N LYS B 423 44.35 -30.32 13.18
CA LYS B 423 45.48 -31.13 12.77
C LYS B 423 45.00 -32.47 12.23
N GLY B 424 45.68 -32.97 11.19
CA GLY B 424 45.39 -34.28 10.66
C GLY B 424 44.04 -34.42 9.98
N SER B 425 43.46 -33.33 9.51
CA SER B 425 42.21 -33.38 8.75
C SER B 425 42.55 -33.57 7.28
N LYS B 426 42.45 -34.82 6.81
CA LYS B 426 42.57 -35.09 5.39
C LYS B 426 41.52 -34.33 4.58
N ALA B 427 40.37 -34.02 5.19
CA ALA B 427 39.30 -33.27 4.54
C ALA B 427 39.26 -31.87 5.16
N GLY B 428 39.86 -30.90 4.47
CA GLY B 428 39.86 -29.52 4.91
C GLY B 428 38.78 -28.73 4.20
N ASN B 429 37.93 -28.08 5.01
CA ASN B 429 36.80 -27.30 4.50
C ASN B 429 35.82 -28.19 3.73
N ARG B 430 35.72 -29.45 4.15
CA ARG B 430 34.82 -30.41 3.53
C ARG B 430 33.94 -31.05 4.59
N ARG B 431 32.73 -31.43 4.19
CA ARG B 431 31.83 -32.10 5.10
C ARG B 431 32.28 -33.54 5.31
N THR B 432 32.51 -33.93 6.57
CA THR B 432 32.95 -35.29 6.88
C THR B 432 31.85 -36.32 6.63
N ALA B 433 30.59 -35.91 6.61
CA ALA B 433 29.48 -36.81 6.32
C ALA B 433 28.33 -35.99 5.77
N ASN B 434 27.32 -36.70 5.26
CA ASN B 434 26.11 -36.07 4.74
C ASN B 434 24.99 -36.18 5.75
N ILE B 435 24.34 -35.06 6.02
CA ILE B 435 23.25 -34.95 6.98
C ILE B 435 21.98 -34.70 6.20
N LYS B 436 20.99 -35.59 6.38
CA LYS B 436 19.68 -35.43 5.78
C LYS B 436 18.65 -35.27 6.88
N SER B 437 17.48 -34.74 6.52
CA SER B 437 16.43 -34.51 7.50
C SER B 437 15.35 -35.58 7.36
N ILE B 438 15.13 -36.36 8.42
CA ILE B 438 13.99 -37.26 8.50
C ILE B 438 12.85 -36.43 9.08
N GLY B 439 11.97 -35.95 8.22
CA GLY B 439 10.93 -35.05 8.65
C GLY B 439 11.37 -33.59 8.57
N TYR B 440 10.49 -32.73 9.08
CA TYR B 440 10.69 -31.29 9.01
C TYR B 440 11.58 -30.85 10.15
N SER B 441 12.79 -30.41 9.84
CA SER B 441 13.77 -30.03 10.86
C SER B 441 13.88 -28.52 10.99
N ASP B 442 13.75 -28.01 12.21
CA ASP B 442 14.01 -26.62 12.55
C ASP B 442 15.42 -26.56 13.13
N LEU B 443 16.33 -25.94 12.40
CA LEU B 443 17.73 -25.83 12.79
C LEU B 443 18.12 -24.37 13.00
N PHE B 444 19.26 -24.18 13.64
CA PHE B 444 19.88 -22.87 13.84
C PHE B 444 21.18 -22.85 13.04
N CYS B 445 21.16 -22.28 11.84
CA CYS B 445 22.38 -22.18 11.06
C CYS B 445 23.24 -21.06 11.64
N LEU B 446 24.41 -21.44 12.14
CA LEU B 446 25.42 -20.53 12.64
C LEU B 446 26.55 -20.47 11.61
N SER B 447 26.77 -19.29 11.02
CA SER B 447 27.78 -19.14 9.98
C SER B 447 29.18 -19.36 10.55
N LYS B 448 30.10 -19.72 9.66
CA LYS B 448 31.48 -19.97 10.08
C LYS B 448 32.14 -18.69 10.58
N ASP B 449 31.94 -17.59 9.85
CA ASP B 449 32.53 -16.31 10.25
C ASP B 449 32.08 -15.92 11.64
N ASP B 450 30.81 -16.17 11.95
CA ASP B 450 30.27 -15.78 13.25
C ASP B 450 30.83 -16.64 14.37
N LEU B 451 30.93 -17.96 14.13
CA LEU B 451 31.52 -18.84 15.15
C LEU B 451 32.97 -18.46 15.41
N MET B 452 33.73 -18.22 14.34
CA MET B 452 35.09 -17.68 14.46
C MET B 452 35.12 -16.42 15.32
N GLU B 453 34.31 -15.43 14.94
CA GLU B 453 34.34 -14.13 15.61
C GLU B 453 33.97 -14.23 17.08
N ALA B 454 32.99 -15.08 17.42
CA ALA B 454 32.47 -15.12 18.78
C ALA B 454 33.25 -16.05 19.70
N LEU B 455 33.92 -17.07 19.16
CA LEU B 455 34.76 -17.91 20.02
C LEU B 455 36.09 -17.26 20.37
N THR B 456 36.44 -16.13 19.73
CA THR B 456 37.70 -15.48 20.04
C THR B 456 37.76 -15.01 21.48
N GLU B 457 36.62 -14.69 22.09
CA GLU B 457 36.65 -14.12 23.43
C GLU B 457 37.03 -15.16 24.48
N TYR B 458 36.52 -16.38 24.37
CA TYR B 458 36.75 -17.42 25.36
C TYR B 458 36.93 -18.76 24.67
N PRO B 459 38.18 -19.23 24.51
CA PRO B 459 38.41 -20.57 23.97
C PRO B 459 38.29 -21.70 24.98
N ASP B 460 37.78 -21.42 26.18
CA ASP B 460 37.56 -22.49 27.16
C ASP B 460 36.52 -23.50 26.66
N ALA B 461 35.61 -23.06 25.79
CA ALA B 461 34.68 -23.96 25.13
C ALA B 461 35.26 -24.55 23.86
N LYS B 462 36.15 -23.81 23.19
CA LYS B 462 36.73 -24.28 21.93
C LYS B 462 37.54 -25.55 22.15
N THR B 463 38.21 -25.68 23.30
CA THR B 463 39.07 -26.83 23.53
C THR B 463 38.27 -28.14 23.46
N MET B 464 37.14 -28.22 24.15
CA MET B 464 36.30 -29.40 24.04
C MET B 464 35.56 -29.45 22.71
N LEU B 465 35.38 -28.30 22.07
CA LEU B 465 34.81 -28.27 20.73
C LEU B 465 35.67 -29.08 19.76
N GLU B 466 36.96 -28.77 19.67
CA GLU B 466 37.81 -29.61 18.84
C GLU B 466 38.24 -30.91 19.54
N GLU B 467 37.98 -31.08 20.83
CA GLU B 467 37.95 -32.44 21.38
C GLU B 467 36.96 -33.29 20.60
N LYS B 468 35.70 -32.86 20.56
CA LYS B 468 34.69 -33.53 19.74
C LYS B 468 35.14 -33.63 18.29
N GLY B 469 35.75 -32.54 17.79
CA GLY B 469 36.23 -32.53 16.42
C GLY B 469 37.21 -33.63 16.09
N LYS B 470 38.31 -33.71 16.85
CA LYS B 470 39.27 -34.80 16.66
C LYS B 470 38.64 -36.15 16.88
N GLN B 471 37.82 -36.29 17.92
CA GLN B 471 37.24 -37.59 18.23
C GLN B 471 36.41 -38.10 17.07
N ILE B 472 35.69 -37.21 16.38
CA ILE B 472 34.88 -37.65 15.25
C ILE B 472 35.70 -37.72 13.97
N LEU B 473 36.79 -36.95 13.88
CA LEU B 473 37.60 -36.95 12.66
C LEU B 473 38.49 -38.19 12.58
N MET B 474 38.82 -38.80 13.71
CA MET B 474 39.60 -40.02 13.67
C MET B 474 38.74 -41.25 13.41
N LYS B 475 37.50 -41.26 13.90
CA LYS B 475 36.62 -42.40 13.74
C LYS B 475 35.75 -42.25 12.48
CA VAL C 26 13.41 44.06 -9.12
C VAL C 26 12.55 42.84 -9.46
N VAL C 27 12.98 41.68 -8.97
CA VAL C 27 12.30 40.41 -9.25
C VAL C 27 11.74 39.87 -7.94
N ILE C 28 10.94 38.80 -8.06
CA ILE C 28 10.14 38.32 -6.96
C ILE C 28 10.67 37.02 -6.34
N ASP C 29 11.46 36.24 -7.08
CA ASP C 29 12.10 35.05 -6.51
C ASP C 29 11.07 34.05 -6.00
N PRO C 30 10.41 33.30 -6.88
CA PRO C 30 9.29 32.44 -6.49
C PRO C 30 9.46 31.67 -5.18
N SER C 31 10.68 31.35 -4.79
CA SER C 31 10.88 30.67 -3.52
C SER C 31 10.54 31.54 -2.32
N GLY C 32 10.52 32.86 -2.50
CA GLY C 32 10.32 33.78 -1.39
C GLY C 32 8.92 33.77 -0.84
N ASN C 33 8.77 34.42 0.32
CA ASN C 33 7.46 34.54 0.94
C ASN C 33 6.56 35.51 0.19
N THR C 34 7.13 36.52 -0.46
CA THR C 34 6.33 37.46 -1.23
C THR C 34 5.57 36.75 -2.34
N TYR C 35 6.24 35.83 -3.03
CA TYR C 35 5.58 35.08 -4.10
C TYR C 35 4.43 34.24 -3.57
N TYR C 36 4.63 33.60 -2.42
CA TYR C 36 3.55 32.79 -1.83
C TYR C 36 2.39 33.66 -1.40
N ASN C 37 2.68 34.82 -0.79
CA ASN C 37 1.61 35.74 -0.42
C ASN C 37 0.82 36.18 -1.65
N TRP C 38 1.52 36.48 -2.74
CA TRP C 38 0.81 36.83 -3.97
C TRP C 38 0.02 35.65 -4.51
N LEU C 39 0.55 34.43 -4.35
CA LEU C 39 -0.20 33.25 -4.75
C LEU C 39 -1.55 33.20 -4.04
N PHE C 40 -1.55 33.49 -2.74
CA PHE C 40 -2.81 33.59 -2.01
C PHE C 40 -3.69 34.72 -2.57
N CYS C 41 -3.09 35.90 -2.78
CA CYS C 41 -3.86 37.06 -3.22
C CYS C 41 -4.44 36.87 -4.63
N ILE C 42 -3.87 35.98 -5.42
CA ILE C 42 -4.43 35.69 -6.73
C ILE C 42 -5.35 34.48 -6.69
N THR C 43 -5.13 33.54 -5.76
CA THR C 43 -6.05 32.44 -5.58
C THR C 43 -7.41 32.93 -5.11
N LEU C 44 -7.43 34.03 -4.34
CA LEU C 44 -8.73 34.57 -3.92
C LEU C 44 -9.61 34.95 -5.10
N PRO C 45 -9.18 35.75 -6.08
CA PRO C 45 -10.04 35.98 -7.25
C PRO C 45 -10.31 34.74 -8.08
N VAL C 46 -9.34 33.86 -8.23
CA VAL C 46 -9.55 32.65 -9.03
C VAL C 46 -10.61 31.77 -8.38
N MET C 47 -10.50 31.57 -7.07
CA MET C 47 -11.53 30.82 -6.35
C MET C 47 -12.88 31.52 -6.44
N TYR C 48 -12.87 32.85 -6.32
CA TYR C 48 -14.12 33.59 -6.41
C TYR C 48 -14.75 33.36 -7.78
N ASN C 49 -13.94 33.45 -8.82
CA ASN C 49 -14.41 33.26 -10.18
C ASN C 49 -14.91 31.84 -10.43
N TRP C 50 -14.22 30.87 -9.87
CA TRP C 50 -14.59 29.48 -10.04
C TRP C 50 -15.86 29.13 -9.30
N THR C 51 -16.15 29.86 -8.23
CA THR C 51 -17.37 29.60 -7.48
C THR C 51 -18.56 30.38 -8.05
N MET C 52 -18.37 31.66 -8.35
CA MET C 52 -19.48 32.58 -8.53
C MET C 52 -19.88 32.84 -9.97
N VAL C 53 -18.97 32.70 -10.94
CA VAL C 53 -19.35 32.95 -12.33
C VAL C 53 -20.45 32.00 -12.76
N ILE C 54 -20.28 30.71 -12.47
CA ILE C 54 -21.29 29.73 -12.83
C ILE C 54 -22.57 29.94 -12.03
N ALA C 55 -22.44 30.38 -10.78
CA ALA C 55 -23.61 30.63 -9.94
C ALA C 55 -24.45 31.75 -10.51
N ARG C 56 -23.79 32.84 -10.89
CA ARG C 56 -24.49 33.99 -11.44
C ARG C 56 -25.02 33.70 -12.84
N ALA C 57 -24.31 32.87 -13.59
CA ALA C 57 -24.78 32.49 -14.92
C ALA C 57 -26.03 31.63 -14.82
N CYS C 58 -26.10 30.75 -13.83
CA CYS C 58 -27.21 29.83 -13.69
C CYS C 58 -28.36 30.44 -12.90
N PHE C 59 -28.08 30.99 -11.72
CA PHE C 59 -29.10 31.65 -10.91
C PHE C 59 -29.15 33.10 -11.33
N ASP C 60 -30.11 33.43 -12.20
CA ASP C 60 -30.20 34.78 -12.76
C ASP C 60 -30.45 35.81 -11.67
N GLU C 61 -31.23 35.44 -10.64
CA GLU C 61 -31.53 36.38 -9.58
C GLU C 61 -30.28 36.75 -8.79
N LEU C 62 -29.34 35.81 -8.65
CA LEU C 62 -28.06 36.12 -8.03
C LEU C 62 -27.34 37.21 -8.81
N GLN C 63 -27.22 37.03 -10.13
CA GLN C 63 -26.57 38.03 -10.97
C GLN C 63 -27.28 39.38 -10.88
N SER C 64 -28.61 39.38 -10.89
CA SER C 64 -29.36 40.63 -11.02
C SER C 64 -29.43 41.39 -9.70
N ASP C 65 -29.81 40.70 -8.62
CA ASP C 65 -30.07 41.38 -7.35
C ASP C 65 -28.82 42.04 -6.79
N TYR C 66 -27.67 41.37 -6.91
CA TYR C 66 -26.41 41.88 -6.38
C TYR C 66 -25.46 42.29 -7.50
N LEU C 67 -26.01 42.78 -8.61
CA LEU C 67 -25.20 43.19 -9.75
C LEU C 67 -24.21 44.28 -9.36
N GLU C 68 -24.65 45.24 -8.52
CA GLU C 68 -23.74 46.29 -8.10
C GLU C 68 -22.54 45.75 -7.34
N TYR C 69 -22.73 44.66 -6.59
CA TYR C 69 -21.61 44.04 -5.88
C TYR C 69 -20.82 43.12 -6.80
N TRP C 70 -21.50 42.41 -7.69
CA TRP C 70 -20.81 41.53 -8.62
C TRP C 70 -19.89 42.32 -9.55
N LEU C 71 -20.32 43.51 -9.97
CA LEU C 71 -19.47 44.33 -10.82
C LEU C 71 -18.20 44.74 -10.10
N ILE C 72 -18.33 45.21 -8.86
CA ILE C 72 -17.16 45.59 -8.08
C ILE C 72 -16.22 44.40 -7.90
N LEU C 73 -16.78 43.26 -7.50
CA LEU C 73 -15.94 42.09 -7.24
C LEU C 73 -15.28 41.59 -8.52
N ASP C 74 -16.00 41.61 -9.64
CA ASP C 74 -15.43 41.17 -10.91
C ASP C 74 -14.31 42.10 -11.36
N TYR C 75 -14.51 43.41 -11.21
CA TYR C 75 -13.47 44.35 -11.62
C TYR C 75 -12.25 44.23 -10.71
N VAL C 76 -12.46 44.01 -9.41
CA VAL C 76 -11.34 43.80 -8.51
C VAL C 76 -10.59 42.52 -8.89
N SER C 77 -11.35 41.46 -9.18
CA SER C 77 -10.74 40.21 -9.63
C SER C 77 -9.93 40.40 -10.90
N ASP C 78 -10.46 41.18 -11.84
CA ASP C 78 -9.74 41.44 -13.09
C ASP C 78 -8.48 42.27 -12.85
N ILE C 79 -8.56 43.25 -11.95
CA ILE C 79 -7.38 44.03 -11.58
C ILE C 79 -6.32 43.11 -10.98
N VAL C 80 -6.73 42.20 -10.10
CA VAL C 80 -5.79 41.29 -9.49
C VAL C 80 -5.22 40.33 -10.54
N TYR C 81 -6.03 39.93 -11.52
CA TYR C 81 -5.52 39.14 -12.64
C TYR C 81 -4.45 39.90 -13.40
N LEU C 82 -4.67 41.19 -13.65
CA LEU C 82 -3.68 42.01 -14.34
C LEU C 82 -2.40 42.12 -13.52
N ILE C 83 -2.53 42.32 -12.21
CA ILE C 83 -1.36 42.39 -11.34
C ILE C 83 -0.65 41.05 -11.29
N ASP C 84 -1.39 39.95 -11.42
CA ASP C 84 -0.77 38.64 -11.47
C ASP C 84 0.00 38.44 -12.76
N MET C 85 -0.54 38.94 -13.88
CA MET C 85 0.23 38.95 -15.12
C MET C 85 1.50 39.76 -14.97
N PHE C 86 1.41 40.92 -14.32
CA PHE C 86 2.60 41.73 -14.07
C PHE C 86 3.61 40.96 -13.23
N VAL C 87 3.14 40.31 -12.16
CA VAL C 87 4.00 39.50 -11.30
C VAL C 87 4.69 38.41 -12.12
N ARG C 88 3.93 37.77 -13.00
CA ARG C 88 4.51 36.75 -13.87
C ARG C 88 5.58 37.35 -14.77
N THR C 89 5.42 38.61 -15.16
CA THR C 89 6.48 39.29 -15.90
C THR C 89 7.67 39.60 -15.01
N ARG C 90 7.45 39.72 -13.70
CA ARG C 90 8.49 40.14 -12.76
C ARG C 90 8.97 39.00 -11.86
N THR C 91 8.62 37.76 -12.16
CA THR C 91 9.03 36.62 -11.36
C THR C 91 10.23 35.96 -12.04
N GLY C 92 11.35 35.88 -11.32
CA GLY C 92 12.54 35.29 -11.89
C GLY C 92 12.44 33.78 -12.01
N TYR C 93 13.20 33.24 -12.95
CA TYR C 93 13.35 31.80 -13.11
C TYR C 93 14.81 31.42 -13.01
N LEU C 94 15.07 30.13 -12.80
CA LEU C 94 16.42 29.64 -12.58
C LEU C 94 17.01 29.14 -13.90
N GLU C 95 17.99 29.86 -14.42
CA GLU C 95 18.86 29.36 -15.48
C GLU C 95 20.27 29.28 -14.92
N GLN C 96 20.93 28.14 -15.14
CA GLN C 96 22.21 27.84 -14.51
C GLN C 96 22.11 27.97 -12.99
N GLY C 97 20.94 27.60 -12.45
CA GLY C 97 20.70 27.69 -11.02
C GLY C 97 20.61 29.09 -10.46
N LEU C 98 20.78 30.12 -11.28
CA LEU C 98 20.74 31.50 -10.83
C LEU C 98 19.40 32.13 -11.18
N LEU C 99 18.89 32.97 -10.28
CA LEU C 99 17.64 33.66 -10.51
C LEU C 99 17.81 34.71 -11.59
N VAL C 100 17.10 34.54 -12.71
CA VAL C 100 17.17 35.51 -13.80
C VAL C 100 16.53 36.82 -13.34
N LYS C 101 17.28 37.90 -13.42
CA LYS C 101 16.80 39.22 -13.03
C LYS C 101 16.66 40.17 -14.20
N GLU C 102 17.04 39.75 -15.41
CA GLU C 102 16.89 40.60 -16.58
C GLU C 102 15.42 40.69 -16.96
N GLU C 103 14.90 41.92 -16.97
CA GLU C 103 13.48 42.15 -17.23
C GLU C 103 13.01 41.49 -18.53
N LEU C 104 13.61 41.88 -19.65
CA LEU C 104 13.15 41.41 -20.95
C LEU C 104 13.26 39.89 -21.05
N LYS C 105 14.29 39.30 -20.43
CA LYS C 105 14.39 37.85 -20.37
C LYS C 105 13.18 37.25 -19.66
N LEU C 106 12.74 37.89 -18.57
CA LEU C 106 11.56 37.41 -17.86
C LEU C 106 10.30 37.56 -18.71
N ILE C 107 10.18 38.68 -19.44
CA ILE C 107 9.05 38.86 -20.33
C ILE C 107 9.01 37.76 -21.37
N ASN C 108 10.17 37.41 -21.93
CA ASN C 108 10.22 36.34 -22.91
C ASN C 108 9.85 35.00 -22.30
N LYS C 109 10.41 34.69 -21.12
CA LYS C 109 10.09 33.43 -20.45
C LYS C 109 8.60 33.33 -20.16
N TYR C 110 7.98 34.44 -19.79
CA TYR C 110 6.54 34.45 -19.57
C TYR C 110 5.78 34.20 -20.86
N LYS C 111 6.04 35.04 -21.88
CA LYS C 111 5.26 34.97 -23.12
C LYS C 111 5.49 33.64 -23.84
N SER C 112 6.65 33.02 -23.66
CA SER C 112 6.92 31.74 -24.32
C SER C 112 6.22 30.58 -23.64
N ASN C 113 5.65 30.78 -22.45
CA ASN C 113 4.97 29.72 -21.73
C ASN C 113 3.48 29.74 -22.02
N LEU C 114 2.86 28.55 -21.93
CA LEU C 114 1.42 28.46 -22.09
C LEU C 114 0.68 29.31 -21.07
N GLN C 115 1.31 29.58 -19.93
CA GLN C 115 0.66 30.38 -18.89
C GLN C 115 0.31 31.77 -19.40
N PHE C 116 1.16 32.35 -20.26
CA PHE C 116 0.83 33.65 -20.83
C PHE C 116 -0.40 33.57 -21.71
N LYS C 117 -0.52 32.51 -22.51
CA LYS C 117 -1.71 32.32 -23.32
C LYS C 117 -2.95 32.20 -22.45
N LEU C 118 -2.88 31.38 -21.40
CA LEU C 118 -4.02 31.22 -20.50
C LEU C 118 -4.37 32.51 -19.79
N ASP C 119 -3.35 33.32 -19.46
CA ASP C 119 -3.60 34.57 -18.75
C ASP C 119 -4.26 35.58 -19.67
N VAL C 120 -3.78 35.70 -20.91
CA VAL C 120 -4.43 36.59 -21.86
C VAL C 120 -5.84 36.14 -22.15
N LEU C 121 -6.06 34.82 -22.24
CA LEU C 121 -7.41 34.32 -22.48
C LEU C 121 -8.33 34.61 -21.29
N SER C 122 -7.83 34.46 -20.06
CA SER C 122 -8.62 34.71 -18.88
C SER C 122 -8.80 36.19 -18.59
N LEU C 123 -8.08 37.06 -19.28
CA LEU C 123 -8.20 38.50 -19.08
C LEU C 123 -8.77 39.19 -20.31
N ILE C 124 -9.27 38.44 -21.28
CA ILE C 124 -9.91 39.04 -22.45
C ILE C 124 -11.16 39.79 -21.99
N PRO C 125 -11.35 41.05 -22.37
CA PRO C 125 -12.50 41.81 -21.86
C PRO C 125 -13.81 41.35 -22.46
N THR C 126 -14.25 40.13 -22.11
CA THR C 126 -15.54 39.65 -22.54
C THR C 126 -16.70 40.38 -21.88
N ASP C 127 -16.43 41.17 -20.82
CA ASP C 127 -17.48 41.94 -20.18
C ASP C 127 -18.13 42.93 -21.14
N LEU C 128 -17.46 43.26 -22.25
CA LEU C 128 -18.06 44.11 -23.26
C LEU C 128 -19.34 43.48 -23.82
N LEU C 129 -19.41 42.15 -23.83
CA LEU C 129 -20.62 41.47 -24.28
C LEU C 129 -21.82 41.78 -23.39
N TYR C 130 -21.59 42.36 -22.21
CA TYR C 130 -22.70 42.84 -21.39
C TYR C 130 -23.54 43.86 -22.13
N PHE C 131 -22.94 44.58 -23.08
CA PHE C 131 -23.70 45.53 -23.88
C PHE C 131 -24.53 44.84 -24.95
N LYS C 132 -24.12 43.65 -25.38
CA LYS C 132 -24.87 42.91 -26.39
C LYS C 132 -25.85 41.93 -25.76
N LEU C 133 -25.35 41.02 -24.92
CA LEU C 133 -26.18 39.99 -24.32
C LEU C 133 -26.96 40.47 -23.11
N GLY C 134 -26.67 41.67 -22.62
CA GLY C 134 -27.32 42.17 -21.43
C GLY C 134 -26.58 41.80 -20.16
N TRP C 135 -26.99 42.44 -19.06
CA TRP C 135 -26.37 42.21 -17.76
C TRP C 135 -26.71 40.84 -17.19
N ASN C 136 -27.61 40.09 -17.84
CA ASN C 136 -28.08 38.81 -17.34
C ASN C 136 -27.25 37.63 -17.85
N TYR C 137 -26.08 37.90 -18.43
CA TYR C 137 -25.21 36.88 -19.00
C TYR C 137 -23.80 37.04 -18.45
N PRO C 138 -23.56 36.64 -17.20
CA PRO C 138 -22.20 36.72 -16.64
C PRO C 138 -21.30 35.55 -17.01
N GLU C 139 -21.82 34.54 -17.72
CA GLU C 139 -20.96 33.45 -18.16
C GLU C 139 -19.93 33.90 -19.19
N ILE C 140 -20.05 35.14 -19.69
CA ILE C 140 -19.00 35.70 -20.52
C ILE C 140 -17.71 35.82 -19.73
N ARG C 141 -17.81 35.94 -18.41
CA ARG C 141 -16.63 35.95 -17.54
C ARG C 141 -16.11 34.57 -17.26
N LEU C 142 -16.65 33.55 -17.91
CA LEU C 142 -16.21 32.18 -17.67
C LEU C 142 -14.76 31.97 -18.07
N ASN C 143 -14.24 32.76 -19.00
CA ASN C 143 -12.84 32.66 -19.36
C ASN C 143 -11.94 32.97 -18.18
N ARG C 144 -12.45 33.73 -17.20
CA ARG C 144 -11.69 34.02 -16.00
C ARG C 144 -11.29 32.77 -15.24
N LEU C 145 -11.94 31.63 -15.52
CA LEU C 145 -11.53 30.39 -14.85
C LEU C 145 -10.18 29.89 -15.33
N LEU C 146 -9.67 30.41 -16.44
CA LEU C 146 -8.45 29.89 -17.04
C LEU C 146 -7.20 30.25 -16.26
N ARG C 147 -7.32 30.98 -15.15
CA ARG C 147 -6.20 31.17 -14.23
C ARG C 147 -6.21 30.15 -13.10
N PHE C 148 -6.97 29.07 -13.26
CA PHE C 148 -6.98 28.00 -12.26
C PHE C 148 -5.58 27.60 -11.84
N SER C 149 -4.63 27.61 -12.78
CA SER C 149 -3.28 27.19 -12.48
C SER C 149 -2.72 27.93 -11.28
N ARG C 150 -2.88 29.25 -11.25
CA ARG C 150 -2.39 30.03 -10.11
C ARG C 150 -2.93 29.46 -8.81
N MET C 151 -4.26 29.27 -8.76
CA MET C 151 -4.87 28.66 -7.58
C MET C 151 -4.18 27.36 -7.23
N PHE C 152 -4.09 26.44 -8.21
CA PHE C 152 -3.48 25.15 -7.92
C PHE C 152 -2.04 25.32 -7.46
N GLU C 153 -1.31 26.25 -8.08
CA GLU C 153 0.07 26.49 -7.67
C GLU C 153 0.11 26.87 -6.19
N PHE C 154 -0.75 27.81 -5.80
CA PHE C 154 -0.82 28.20 -4.39
C PHE C 154 -1.05 26.98 -3.52
N PHE C 155 -1.99 26.12 -3.92
CA PHE C 155 -2.24 24.91 -3.14
C PHE C 155 -0.98 24.08 -3.03
N GLN C 156 -0.35 23.80 -4.17
CA GLN C 156 0.83 22.93 -4.13
C GLN C 156 1.97 23.62 -3.40
N ARG C 157 1.94 24.93 -3.29
CA ARG C 157 2.92 25.60 -2.47
C ARG C 157 2.54 25.49 -1.00
N THR C 158 1.27 25.75 -0.67
CA THR C 158 0.84 25.68 0.72
C THR C 158 1.09 24.29 1.29
N GLU C 159 0.63 23.26 0.59
CA GLU C 159 0.86 21.89 1.03
C GLU C 159 2.33 21.64 1.35
N THR C 160 3.22 22.27 0.61
CA THR C 160 4.65 22.11 0.88
C THR C 160 5.07 22.89 2.11
N ARG C 161 4.75 24.18 2.13
CA ARG C 161 5.20 25.06 3.21
C ARG C 161 4.42 25.11 4.51
N THR C 162 3.16 24.67 4.49
CA THR C 162 2.37 24.73 5.71
C THR C 162 2.86 23.70 6.73
N ASN C 163 2.63 24.01 8.01
CA ASN C 163 2.93 23.09 9.09
C ASN C 163 1.84 22.08 9.34
N TYR C 164 0.65 22.29 8.76
CA TYR C 164 -0.48 21.38 8.87
C TYR C 164 -0.79 20.83 7.48
N PRO C 165 0.04 19.92 6.97
CA PRO C 165 -0.16 19.45 5.60
C PRO C 165 -1.45 18.68 5.43
N ASN C 166 -1.83 17.87 6.41
CA ASN C 166 -3.03 17.05 6.29
C ASN C 166 -4.29 17.88 6.50
N ILE C 167 -4.25 18.84 7.43
CA ILE C 167 -5.39 19.75 7.58
C ILE C 167 -5.65 20.49 6.28
N PHE C 168 -4.58 21.03 5.67
CA PHE C 168 -4.74 21.75 4.41
C PHE C 168 -5.18 20.82 3.29
N ARG C 169 -4.66 19.59 3.25
CA ARG C 169 -5.04 18.66 2.20
C ARG C 169 -6.52 18.31 2.30
N ILE C 170 -7.01 18.06 3.53
CA ILE C 170 -8.42 17.75 3.72
C ILE C 170 -9.28 18.97 3.40
N SER C 171 -8.84 20.17 3.79
CA SER C 171 -9.55 21.37 3.43
C SER C 171 -9.62 21.54 1.91
N ASN C 172 -8.54 21.20 1.22
CA ASN C 172 -8.52 21.30 -0.24
C ASN C 172 -9.50 20.32 -0.87
N LEU C 173 -9.51 19.08 -0.37
CA LEU C 173 -10.46 18.10 -0.89
C LEU C 173 -11.90 18.51 -0.61
N VAL C 174 -12.15 19.08 0.57
CA VAL C 174 -13.49 19.55 0.91
C VAL C 174 -13.88 20.71 0.00
N MET C 175 -12.93 21.58 -0.31
CA MET C 175 -13.18 22.67 -1.24
C MET C 175 -13.52 22.14 -2.62
N TYR C 176 -12.81 21.10 -3.07
CA TYR C 176 -13.14 20.48 -4.36
C TYR C 176 -14.53 19.87 -4.34
N ILE C 177 -14.87 19.15 -3.26
CA ILE C 177 -16.21 18.58 -3.13
C ILE C 177 -17.26 19.67 -3.20
N VAL C 178 -17.07 20.74 -2.43
CA VAL C 178 -18.05 21.81 -2.38
C VAL C 178 -18.18 22.49 -3.73
N ILE C 179 -17.06 22.71 -4.42
CA ILE C 179 -17.11 23.34 -5.74
C ILE C 179 -17.83 22.45 -6.74
N ILE C 180 -17.56 21.14 -6.69
CA ILE C 180 -18.22 20.21 -7.61
C ILE C 180 -19.72 20.18 -7.35
N ILE C 181 -20.11 20.12 -6.07
CA ILE C 181 -21.53 20.10 -5.72
C ILE C 181 -22.20 21.41 -6.12
N HIS C 182 -21.51 22.53 -5.90
CA HIS C 182 -22.05 23.83 -6.28
C HIS C 182 -22.24 23.93 -7.78
N TRP C 183 -21.23 23.49 -8.54
CA TRP C 183 -21.34 23.51 -10.00
C TRP C 183 -22.47 22.60 -10.48
N ASN C 184 -22.63 21.43 -9.85
CA ASN C 184 -23.70 20.54 -10.27
C ASN C 184 -25.07 21.10 -9.89
N ALA C 185 -25.15 21.82 -8.77
CA ALA C 185 -26.37 22.53 -8.42
C ALA C 185 -26.71 23.58 -9.47
N CYS C 186 -25.72 24.37 -9.86
CA CYS C 186 -25.91 25.37 -10.90
C CYS C 186 -26.36 24.72 -12.21
N VAL C 187 -25.74 23.58 -12.56
CA VAL C 187 -26.10 22.86 -13.78
C VAL C 187 -27.53 22.37 -13.71
N PHE C 188 -27.92 21.81 -12.57
CA PHE C 188 -29.30 21.36 -12.38
C PHE C 188 -30.27 22.51 -12.56
N TYR C 189 -29.96 23.65 -11.94
CA TYR C 189 -30.85 24.81 -12.06
C TYR C 189 -30.92 25.31 -13.50
N SER C 190 -29.79 25.32 -14.21
CA SER C 190 -29.79 25.73 -15.61
C SER C 190 -30.62 24.78 -16.46
N ILE C 191 -30.51 23.47 -16.21
CA ILE C 191 -31.28 22.50 -16.96
C ILE C 191 -32.77 22.65 -16.67
N SER C 192 -33.10 22.92 -15.41
CA SER C 192 -34.49 23.21 -15.06
C SER C 192 -34.99 24.45 -15.81
N LYS C 193 -34.14 25.48 -15.90
CA LYS C 193 -34.50 26.68 -16.63
C LYS C 193 -34.76 26.38 -18.10
N ALA C 194 -33.86 25.61 -18.71
CA ALA C 194 -34.00 25.27 -20.12
C ALA C 194 -35.27 24.47 -20.36
N ILE C 195 -35.48 23.41 -19.58
CA ILE C 195 -36.71 22.64 -19.68
C ILE C 195 -37.90 23.48 -19.27
N GLY C 196 -37.72 24.42 -18.36
CA GLY C 196 -38.80 25.21 -17.83
C GLY C 196 -39.11 24.87 -16.39
N PHE C 197 -39.05 25.86 -15.51
CA PHE C 197 -39.28 25.64 -14.10
C PHE C 197 -40.70 25.15 -13.85
N GLY C 198 -40.82 23.95 -13.30
CA GLY C 198 -42.11 23.39 -12.97
C GLY C 198 -42.84 22.72 -14.11
N ASN C 199 -42.21 22.57 -15.27
CA ASN C 199 -42.86 21.88 -16.37
C ASN C 199 -43.08 20.40 -16.08
N ASP C 200 -42.28 19.82 -15.20
CA ASP C 200 -42.52 18.47 -14.72
C ASP C 200 -41.95 18.35 -13.31
N THR C 201 -42.19 17.20 -12.70
CA THR C 201 -41.83 17.01 -11.29
C THR C 201 -40.34 16.96 -11.06
N TRP C 202 -39.54 16.71 -12.10
CA TRP C 202 -38.10 16.58 -11.91
C TRP C 202 -37.42 17.93 -11.77
N VAL C 203 -37.67 18.84 -12.71
CA VAL C 203 -36.99 20.13 -12.72
C VAL C 203 -37.27 20.90 -11.43
N TYR C 204 -36.43 21.89 -11.16
CA TYR C 204 -36.69 22.81 -10.07
C TYR C 204 -38.10 23.38 -10.20
N PRO C 205 -38.85 23.50 -9.10
CA PRO C 205 -40.25 23.93 -9.19
C PRO C 205 -40.43 25.32 -9.78
N ASP C 206 -41.68 25.72 -9.95
CA ASP C 206 -41.98 27.01 -10.57
C ASP C 206 -41.39 28.16 -9.77
N ILE C 207 -40.74 29.09 -10.46
CA ILE C 207 -40.20 30.28 -9.81
C ILE C 207 -41.32 31.12 -9.21
N ASN C 208 -42.49 31.15 -9.87
CA ASN C 208 -43.58 32.01 -9.42
C ASN C 208 -44.10 31.61 -8.04
N ASP C 209 -43.66 30.48 -7.51
CA ASP C 209 -44.08 30.08 -6.17
C ASP C 209 -43.38 30.98 -5.17
N PRO C 210 -44.12 31.41 -4.13
CA PRO C 210 -43.53 32.30 -3.12
C PRO C 210 -42.32 31.69 -2.43
N GLU C 211 -42.42 30.42 -2.04
CA GLU C 211 -41.33 29.75 -1.36
C GLU C 211 -40.25 29.25 -2.31
N PHE C 212 -40.67 28.73 -3.47
CA PHE C 212 -39.72 28.22 -4.44
C PHE C 212 -39.28 29.24 -5.49
N GLY C 213 -39.41 30.52 -5.16
CA GLY C 213 -38.96 31.57 -6.05
C GLY C 213 -37.86 32.40 -5.43
N ARG C 214 -37.57 32.15 -4.16
CA ARG C 214 -36.52 32.90 -3.47
C ARG C 214 -35.16 32.41 -3.92
N LEU C 215 -34.25 33.36 -4.20
CA LEU C 215 -32.90 33.00 -4.61
C LEU C 215 -32.24 32.08 -3.58
N ALA C 216 -32.47 32.35 -2.29
CA ALA C 216 -31.98 31.45 -1.25
C ALA C 216 -32.51 30.04 -1.45
N ARG C 217 -33.84 29.92 -1.58
CA ARG C 217 -34.43 28.60 -1.80
C ARG C 217 -33.93 27.99 -3.11
N LYS C 218 -33.89 28.79 -4.17
CA LYS C 218 -33.38 28.30 -5.44
C LYS C 218 -32.02 27.64 -5.27
N TYR C 219 -31.04 28.39 -4.77
CA TYR C 219 -29.69 27.86 -4.68
C TYR C 219 -29.61 26.70 -3.69
N VAL C 220 -30.29 26.82 -2.56
CA VAL C 220 -30.12 25.81 -1.52
C VAL C 220 -30.79 24.50 -1.92
N TYR C 221 -31.94 24.56 -2.58
CA TYR C 221 -32.55 23.33 -3.08
C TYR C 221 -31.74 22.75 -4.23
N SER C 222 -31.19 23.60 -5.11
CA SER C 222 -30.32 23.08 -6.16
C SER C 222 -29.12 22.37 -5.55
N LEU C 223 -28.55 22.94 -4.49
CA LEU C 223 -27.44 22.32 -3.79
C LEU C 223 -27.86 21.01 -3.13
N TYR C 224 -29.08 20.98 -2.60
CA TYR C 224 -29.61 19.75 -2.01
C TYR C 224 -29.73 18.66 -3.07
N TRP C 225 -30.33 18.98 -4.21
CA TRP C 225 -30.42 18.05 -5.32
C TRP C 225 -29.04 17.56 -5.74
N SER C 226 -28.10 18.50 -5.88
CA SER C 226 -26.74 18.17 -6.30
C SER C 226 -26.08 17.23 -5.30
N THR C 227 -26.25 17.48 -4.01
CA THR C 227 -25.67 16.62 -2.98
C THR C 227 -26.29 15.24 -3.03
N LEU C 228 -27.61 15.16 -3.16
CA LEU C 228 -28.27 13.86 -3.25
C LEU C 228 -27.83 13.10 -4.49
N THR C 229 -27.45 13.81 -5.54
CA THR C 229 -27.04 13.17 -6.78
C THR C 229 -25.57 12.78 -6.85
N LEU C 230 -24.70 13.71 -6.47
CA LEU C 230 -23.27 13.46 -6.50
C LEU C 230 -22.81 12.47 -5.45
N THR C 231 -23.39 12.46 -4.25
CA THR C 231 -23.19 11.46 -3.22
C THR C 231 -23.99 10.20 -3.49
N THR C 232 -24.66 10.14 -4.64
N THR C 232 -24.65 10.15 -4.64
CA THR C 232 -25.44 8.97 -5.08
CA THR C 232 -25.45 9.01 -5.05
C THR C 232 -26.42 8.49 -4.02
C THR C 232 -26.46 8.50 -4.02
N ILE C 233 -27.16 9.43 -3.43
N ILE C 233 -27.23 9.43 -3.45
CA ILE C 233 -28.21 9.09 -2.49
CA ILE C 233 -28.29 9.10 -2.50
C ILE C 233 -29.47 8.99 -3.31
C ILE C 233 -29.53 8.97 -3.36
N GLY C 234 -29.61 9.94 -4.24
N GLY C 234 -29.69 9.96 -4.23
CA GLY C 234 -30.74 10.00 -5.14
CA GLY C 234 -30.77 10.06 -5.18
C GLY C 234 -32.12 9.95 -4.51
C GLY C 234 -32.23 10.16 -4.77
N GLN C 235 -32.38 10.88 -3.60
N GLN C 235 -32.50 10.62 -3.55
CA GLN C 235 -33.68 10.94 -2.94
CA GLN C 235 -33.90 10.73 -3.09
C GLN C 235 -34.49 12.10 -3.53
C GLN C 235 -34.75 11.82 -3.74
N THR C 236 -34.16 12.47 -4.76
N THR C 236 -34.19 12.54 -4.71
CA THR C 236 -34.83 13.56 -5.44
CA THR C 236 -34.93 13.62 -5.37
C THR C 236 -35.81 13.03 -6.47
C THR C 236 -35.93 13.09 -6.39
N PRO C 237 -36.79 13.87 -6.84
N PRO C 237 -36.90 13.94 -6.82
CA PRO C 237 -37.80 13.48 -7.81
CA PRO C 237 -37.88 13.47 -7.81
C PRO C 237 -37.16 12.90 -9.06
C PRO C 237 -37.20 12.92 -9.05
N PRO C 238 -37.57 11.69 -9.45
CA PRO C 238 -37.02 11.02 -10.64
C PRO C 238 -37.32 11.76 -11.94
N PRO C 239 -36.47 11.55 -12.94
CA PRO C 239 -36.58 12.18 -14.27
C PRO C 239 -37.90 11.86 -14.98
N VAL C 240 -38.34 12.79 -15.82
CA VAL C 240 -39.57 12.63 -16.56
C VAL C 240 -39.31 12.59 -18.06
N ARG C 241 -38.47 13.51 -18.54
CA ARG C 241 -38.10 13.58 -19.94
C ARG C 241 -36.83 12.79 -20.20
N ASP C 242 -36.58 12.51 -21.48
CA ASP C 242 -35.38 11.78 -21.86
C ASP C 242 -34.12 12.57 -21.52
N SER C 243 -34.14 13.89 -21.75
CA SER C 243 -32.99 14.71 -21.36
C SER C 243 -32.75 14.61 -19.87
N GLU C 244 -33.82 14.61 -19.08
CA GLU C 244 -33.68 14.51 -17.63
C GLU C 244 -33.12 13.16 -17.22
N TYR C 245 -33.63 12.08 -17.81
CA TYR C 245 -33.09 10.75 -17.53
C TYR C 245 -31.62 10.67 -17.88
N VAL C 246 -31.23 11.19 -19.05
CA VAL C 246 -29.83 11.15 -19.49
C VAL C 246 -28.95 11.94 -18.54
N PHE C 247 -29.37 13.17 -18.22
CA PHE C 247 -28.58 14.00 -17.31
C PHE C 247 -28.46 13.35 -15.95
N VAL C 248 -29.54 12.73 -15.46
CA VAL C 248 -29.50 12.11 -14.15
C VAL C 248 -28.59 10.89 -14.15
N VAL C 249 -28.60 10.11 -15.23
CA VAL C 249 -27.68 8.99 -15.35
C VAL C 249 -26.24 9.49 -15.34
N VAL C 250 -25.94 10.46 -16.20
CA VAL C 250 -24.59 11.01 -16.30
C VAL C 250 -24.16 11.61 -14.98
N ASP C 251 -25.08 12.24 -14.26
CA ASP C 251 -24.74 12.92 -13.03
C ASP C 251 -24.58 11.94 -11.87
N PHE C 252 -25.38 10.87 -11.85
CA PHE C 252 -25.16 9.82 -10.87
C PHE C 252 -23.84 9.12 -11.12
N LEU C 253 -23.45 8.96 -12.38
CA LEU C 253 -22.15 8.35 -12.67
C LEU C 253 -21.02 9.29 -12.31
N ILE C 254 -21.16 10.58 -12.62
CA ILE C 254 -20.20 11.58 -12.16
C ILE C 254 -20.09 11.51 -10.64
N GLY C 255 -21.21 11.47 -9.96
CA GLY C 255 -21.25 11.28 -8.53
C GLY C 255 -20.42 10.09 -8.10
N VAL C 256 -20.80 8.89 -8.55
CA VAL C 256 -20.08 7.67 -8.18
C VAL C 256 -18.59 7.86 -8.40
N LEU C 257 -18.18 8.17 -9.63
CA LEU C 257 -16.77 8.16 -9.97
C LEU C 257 -16.00 9.27 -9.27
N ILE C 258 -16.43 10.52 -9.44
CA ILE C 258 -15.68 11.66 -8.92
C ILE C 258 -15.73 11.68 -7.39
N PHE C 259 -16.87 11.35 -6.79
CA PHE C 259 -16.94 11.34 -5.34
C PHE C 259 -16.17 10.16 -4.76
N ALA C 260 -16.14 9.01 -5.42
CA ALA C 260 -15.23 7.96 -4.99
C ALA C 260 -13.79 8.44 -5.06
N THR C 261 -13.42 9.08 -6.18
CA THR C 261 -12.09 9.67 -6.30
C THR C 261 -11.76 10.55 -5.11
N ILE C 262 -12.60 11.56 -4.86
CA ILE C 262 -12.26 12.57 -3.87
C ILE C 262 -12.35 12.02 -2.45
N VAL C 263 -13.41 11.28 -2.15
CA VAL C 263 -13.61 10.76 -0.80
C VAL C 263 -12.80 9.50 -0.55
N GLY C 264 -12.07 9.00 -1.55
CA GLY C 264 -11.07 7.98 -1.34
C GLY C 264 -9.70 8.62 -1.22
N ASN C 265 -9.51 9.76 -1.86
CA ASN C 265 -8.36 10.59 -1.55
C ASN C 265 -8.41 11.03 -0.10
N ILE C 266 -9.61 11.29 0.40
CA ILE C 266 -9.82 11.54 1.83
C ILE C 266 -9.30 10.35 2.63
N GLY C 267 -9.68 9.14 2.22
CA GLY C 267 -9.20 7.94 2.89
C GLY C 267 -7.70 7.82 2.90
N SER C 268 -7.07 8.06 1.74
CA SER C 268 -5.61 7.97 1.65
C SER C 268 -4.93 9.05 2.49
N MET C 269 -5.55 10.24 2.58
CA MET C 269 -4.99 11.29 3.41
C MET C 269 -5.06 10.91 4.89
N ILE C 270 -6.18 10.33 5.31
CA ILE C 270 -6.28 9.86 6.69
C ILE C 270 -5.31 8.70 6.92
N SER C 271 -5.11 7.86 5.92
CA SER C 271 -4.15 6.77 6.02
C SER C 271 -2.74 7.31 6.28
N ASN C 272 -2.30 8.27 5.46
CA ASN C 272 -0.99 8.87 5.67
C ASN C 272 -0.94 9.70 6.94
N MET C 273 -2.10 10.14 7.46
CA MET C 273 -2.14 10.72 8.80
C MET C 273 -1.80 9.67 9.84
N ASN C 274 -2.31 8.46 9.65
CA ASN C 274 -2.09 7.35 10.57
C ASN C 274 -0.82 6.58 10.25
N ALA C 275 -0.11 6.96 9.18
CA ALA C 275 0.99 6.16 8.65
C ALA C 275 2.03 5.84 9.73
N ALA C 276 2.55 6.86 10.41
CA ALA C 276 3.55 6.63 11.45
C ALA C 276 2.98 5.81 12.60
N ARG C 277 1.85 6.24 13.14
CA ARG C 277 1.23 5.52 14.25
C ARG C 277 0.83 4.10 13.82
N ALA C 278 0.33 3.95 12.59
CA ALA C 278 -0.09 2.63 12.14
C ALA C 278 1.10 1.70 11.97
N GLU C 279 2.22 2.22 11.44
CA GLU C 279 3.42 1.40 11.29
C GLU C 279 3.96 1.00 12.66
N PHE C 280 4.04 1.95 13.58
CA PHE C 280 4.47 1.65 14.95
C PHE C 280 3.59 0.57 15.57
N GLN C 281 2.27 0.74 15.49
CA GLN C 281 1.36 -0.21 16.09
C GLN C 281 1.42 -1.56 15.41
N ALA C 282 1.66 -1.58 14.09
CA ALA C 282 1.79 -2.85 13.39
C ALA C 282 3.04 -3.59 13.83
N ARG C 283 4.14 -2.86 14.03
CA ARG C 283 5.35 -3.48 14.58
C ARG C 283 5.06 -4.06 15.96
N ILE C 284 4.39 -3.28 16.82
CA ILE C 284 4.05 -3.76 18.15
C ILE C 284 3.17 -5.01 18.06
N ASP C 285 2.23 -5.03 17.12
CA ASP C 285 1.34 -6.18 17.00
C ASP C 285 2.09 -7.41 16.54
N ALA C 286 2.99 -7.27 15.58
CA ALA C 286 3.82 -8.40 15.17
C ALA C 286 4.65 -8.92 16.33
N ILE C 287 5.22 -8.01 17.12
CA ILE C 287 6.01 -8.40 18.28
C ILE C 287 5.14 -9.18 19.27
N LYS C 288 3.95 -8.64 19.58
CA LYS C 288 3.07 -9.28 20.55
C LYS C 288 2.58 -10.63 20.05
N GLN C 289 2.29 -10.74 18.74
CA GLN C 289 1.90 -12.02 18.17
C GLN C 289 3.03 -13.04 18.33
N TYR C 290 4.26 -12.62 18.04
CA TYR C 290 5.40 -13.51 18.23
C TYR C 290 5.53 -13.94 19.68
N MET C 291 5.43 -12.99 20.60
CA MET C 291 5.62 -13.29 22.01
C MET C 291 4.54 -14.21 22.55
N HIS C 292 3.29 -13.98 22.15
CA HIS C 292 2.19 -14.84 22.61
C HIS C 292 2.27 -16.21 21.96
N PHE C 293 2.73 -16.28 20.72
CA PHE C 293 2.89 -17.57 20.06
C PHE C 293 4.04 -18.37 20.66
N ARG C 294 5.15 -17.71 20.96
CA ARG C 294 6.30 -18.36 21.57
C ARG C 294 6.15 -18.51 23.08
N ASN C 295 5.04 -18.08 23.65
CA ASN C 295 4.81 -18.11 25.09
C ASN C 295 5.92 -17.41 25.84
N VAL C 296 6.31 -16.24 25.32
CA VAL C 296 7.30 -15.41 26.01
C VAL C 296 6.76 -15.02 27.37
N SER C 297 7.63 -15.10 28.38
CA SER C 297 7.24 -14.83 29.75
C SER C 297 6.58 -13.45 29.87
N LYS C 298 5.54 -13.38 30.71
CA LYS C 298 4.84 -12.10 30.89
C LYS C 298 5.75 -11.03 31.47
N ASP C 299 6.84 -11.42 32.15
CA ASP C 299 7.88 -10.46 32.50
C ASP C 299 8.42 -9.77 31.26
N MET C 300 8.89 -10.56 30.30
CA MET C 300 9.52 -10.01 29.10
C MET C 300 8.50 -9.36 28.20
N GLU C 301 7.28 -9.91 28.16
CA GLU C 301 6.19 -9.25 27.44
C GLU C 301 5.91 -7.87 28.02
N LYS C 302 5.88 -7.75 29.34
CA LYS C 302 5.68 -6.46 29.97
C LYS C 302 6.85 -5.53 29.69
N ARG C 303 8.07 -6.06 29.70
CA ARG C 303 9.24 -5.24 29.37
C ARG C 303 9.16 -4.70 27.95
N VAL C 304 8.75 -5.54 27.00
CA VAL C 304 8.65 -5.10 25.62
C VAL C 304 7.55 -4.06 25.46
N ILE C 305 6.39 -4.31 26.07
CA ILE C 305 5.30 -3.33 26.03
C ILE C 305 5.74 -2.02 26.66
N LYS C 306 6.54 -2.09 27.72
CA LYS C 306 7.05 -0.87 28.36
C LYS C 306 7.99 -0.13 27.43
N TRP C 307 8.87 -0.87 26.75
CA TRP C 307 9.77 -0.25 25.78
C TRP C 307 8.99 0.49 24.70
N PHE C 308 7.94 -0.14 24.18
CA PHE C 308 7.17 0.50 23.11
C PHE C 308 6.35 1.67 23.64
N ASP C 309 5.79 1.54 24.84
CA ASP C 309 5.11 2.67 25.47
C ASP C 309 6.06 3.84 25.67
N TYR C 310 7.31 3.55 26.03
CA TYR C 310 8.31 4.61 26.13
C TYR C 310 8.58 5.24 24.77
N LEU C 311 8.79 4.42 23.76
CA LEU C 311 9.05 4.94 22.41
C LEU C 311 7.94 5.87 21.97
N TRP C 312 6.68 5.50 22.23
CA TRP C 312 5.57 6.35 21.81
C TRP C 312 5.46 7.60 22.68
N THR C 313 5.29 7.40 24.00
CA THR C 313 5.06 8.51 24.90
C THR C 313 6.13 9.59 24.78
N ASN C 314 7.38 9.19 24.69
CA ASN C 314 8.49 10.11 24.58
C ASN C 314 8.85 10.46 23.15
N LYS C 315 8.00 10.09 22.19
CA LYS C 315 8.12 10.51 20.80
C LYS C 315 9.46 10.07 20.20
N LYS C 316 9.71 8.77 20.26
CA LYS C 316 10.91 8.18 19.69
C LYS C 316 10.59 7.08 18.68
N THR C 317 9.34 7.00 18.22
CA THR C 317 8.97 5.97 17.26
C THR C 317 9.58 6.22 15.89
N VAL C 318 9.84 7.48 15.56
CA VAL C 318 10.43 7.83 14.27
C VAL C 318 11.94 7.89 14.43
N ASP C 319 12.65 7.35 13.42
CA ASP C 319 14.10 7.38 13.37
C ASP C 319 14.53 8.47 12.40
N GLU C 320 15.27 9.45 12.92
CA GLU C 320 15.62 10.63 12.12
C GLU C 320 16.40 10.25 10.86
N LYS C 321 17.04 9.09 10.85
CA LYS C 321 17.82 8.69 9.68
C LYS C 321 16.91 8.51 8.45
N GLU C 322 15.88 7.68 8.59
CA GLU C 322 15.00 7.41 7.46
C GLU C 322 14.28 8.66 6.98
N VAL C 323 14.00 9.59 7.90
CA VAL C 323 13.31 10.82 7.52
C VAL C 323 14.27 11.75 6.79
N LEU C 324 15.39 12.07 7.42
CA LEU C 324 16.33 13.06 6.90
C LEU C 324 17.19 12.55 5.76
N LYS C 325 17.11 11.26 5.42
CA LYS C 325 17.90 10.77 4.30
C LYS C 325 17.49 11.41 2.97
N TYR C 326 16.29 11.99 2.90
CA TYR C 326 15.87 12.67 1.69
C TYR C 326 16.38 14.11 1.63
N LEU C 327 16.86 14.64 2.74
CA LEU C 327 17.48 15.96 2.73
C LEU C 327 18.86 15.88 2.07
N PRO C 328 19.37 17.00 1.58
CA PRO C 328 20.77 17.01 1.11
C PRO C 328 21.71 16.83 2.28
N ASP C 329 22.80 16.10 2.04
CA ASP C 329 23.81 15.91 3.07
C ASP C 329 24.34 17.24 3.58
N LYS C 330 24.54 18.20 2.69
CA LYS C 330 24.97 19.53 3.07
C LYS C 330 23.84 20.41 3.59
N LEU C 331 22.67 19.82 3.84
CA LEU C 331 21.59 20.43 4.60
C LEU C 331 21.16 19.57 5.77
N ARG C 332 21.14 18.25 5.61
CA ARG C 332 20.97 17.35 6.73
C ARG C 332 22.07 17.53 7.76
N ALA C 333 23.27 17.89 7.32
CA ALA C 333 24.36 18.18 8.24
C ALA C 333 24.01 19.33 9.16
N GLU C 334 23.52 20.42 8.58
CA GLU C 334 23.10 21.59 9.34
C GLU C 334 21.96 21.20 10.27
N ILE C 335 21.04 20.39 9.78
CA ILE C 335 19.92 19.92 10.60
C ILE C 335 20.44 19.21 11.85
N ALA C 336 21.30 18.21 11.64
CA ALA C 336 21.87 17.46 12.76
C ALA C 336 22.65 18.36 13.70
N ILE C 337 23.37 19.34 13.16
CA ILE C 337 24.11 20.27 14.00
C ILE C 337 23.16 21.09 14.87
N ASN C 338 22.15 21.68 14.24
CA ASN C 338 21.18 22.51 14.97
C ASN C 338 20.39 21.69 15.98
N VAL C 339 20.36 20.37 15.86
CA VAL C 339 19.67 19.53 16.82
C VAL C 339 20.60 19.04 17.93
N HIS C 340 21.85 18.70 17.61
CA HIS C 340 22.75 18.04 18.53
C HIS C 340 23.86 18.94 19.06
N LEU C 341 23.84 20.23 18.74
CA LEU C 341 24.80 21.16 19.34
C LEU C 341 24.54 21.33 20.83
N ASP C 342 23.37 20.90 21.32
CA ASP C 342 23.09 20.92 22.75
C ASP C 342 24.08 20.05 23.52
N THR C 343 24.43 18.88 22.98
CA THR C 343 25.32 17.94 23.64
C THR C 343 26.72 17.95 23.07
N LEU C 344 26.87 18.16 21.77
CA LEU C 344 28.21 18.14 21.18
C LEU C 344 29.02 19.38 21.51
N LYS C 345 28.49 20.28 22.34
CA LYS C 345 29.30 21.30 23.01
C LYS C 345 29.75 20.87 24.39
N LYS C 346 29.01 19.96 25.04
CA LYS C 346 29.42 19.44 26.33
C LYS C 346 30.48 18.36 26.21
N VAL C 347 30.52 17.67 25.06
CA VAL C 347 31.57 16.67 24.83
C VAL C 347 32.92 17.37 24.78
N ARG C 348 33.98 16.62 25.08
CA ARG C 348 35.32 17.20 25.11
C ARG C 348 35.98 17.21 23.73
N ILE C 349 35.68 16.24 22.88
CA ILE C 349 36.37 16.13 21.60
C ILE C 349 35.86 17.18 20.62
N PHE C 350 34.54 17.28 20.48
CA PHE C 350 33.94 18.09 19.42
C PHE C 350 33.79 19.54 19.87
N ALA C 351 33.95 20.44 18.91
CA ALA C 351 33.79 21.88 19.10
C ALA C 351 34.79 22.48 20.10
N ASP C 352 35.74 21.68 20.58
CA ASP C 352 36.73 22.16 21.53
C ASP C 352 38.13 22.21 20.93
N CYS C 353 38.63 21.10 20.39
CA CYS C 353 39.99 21.06 19.86
C CYS C 353 40.04 21.58 18.43
N GLU C 354 39.31 20.93 17.52
CA GLU C 354 39.31 21.32 16.13
C GLU C 354 38.21 22.34 15.81
N ALA C 355 37.09 22.26 16.53
CA ALA C 355 35.92 23.12 16.40
C ALA C 355 35.18 22.91 15.08
N GLY C 356 35.66 22.04 14.20
CA GLY C 356 34.99 21.77 12.95
C GLY C 356 34.80 20.28 12.72
N LEU C 357 35.51 19.49 13.53
CA LEU C 357 35.47 18.04 13.40
C LEU C 357 34.06 17.49 13.62
N LEU C 358 33.25 18.19 14.42
CA LEU C 358 31.90 17.73 14.75
C LEU C 358 31.05 17.48 13.52
N VAL C 359 31.33 18.16 12.41
CA VAL C 359 30.54 17.96 11.20
C VAL C 359 30.94 16.66 10.49
N GLU C 360 32.20 16.24 10.64
CA GLU C 360 32.69 15.05 9.97
C GLU C 360 32.04 13.77 10.49
N LEU C 361 31.46 13.81 11.70
CA LEU C 361 30.90 12.62 12.32
C LEU C 361 29.45 12.77 12.74
N VAL C 362 28.86 13.97 12.65
CA VAL C 362 27.49 14.17 13.10
C VAL C 362 26.51 13.39 12.22
N LEU C 363 26.84 13.20 10.94
CA LEU C 363 25.98 12.47 10.03
C LEU C 363 26.19 10.96 10.11
N LYS C 364 26.96 10.50 11.08
CA LYS C 364 27.17 9.07 11.30
C LYS C 364 27.03 8.67 12.76
N LEU C 365 26.71 9.61 13.65
CA LEU C 365 26.42 9.30 15.04
C LEU C 365 25.06 8.63 15.16
N GLN C 366 25.01 7.30 15.19
CA GLN C 366 23.71 6.64 15.18
C GLN C 366 23.07 6.75 16.55
N PRO C 367 21.88 7.37 16.66
CA PRO C 367 21.26 7.57 17.97
C PRO C 367 20.57 6.30 18.45
N GLN C 368 21.00 5.81 19.61
CA GLN C 368 20.43 4.63 20.24
C GLN C 368 19.71 5.01 21.53
N VAL C 369 18.75 4.18 21.92
CA VAL C 369 18.03 4.35 23.17
C VAL C 369 18.15 3.06 23.98
N TYR C 370 18.47 3.19 25.26
CA TYR C 370 18.67 2.06 26.15
C TYR C 370 17.71 2.15 27.32
N SER C 371 17.16 0.99 27.70
CA SER C 371 16.22 0.91 28.80
C SER C 371 16.95 1.02 30.13
N PRO C 372 16.24 1.34 31.21
CA PRO C 372 16.87 1.32 32.54
C PRO C 372 17.46 -0.05 32.83
N GLY C 373 18.70 -0.06 33.32
CA GLY C 373 19.39 -1.29 33.64
C GLY C 373 20.06 -1.99 32.48
N ASP C 374 19.95 -1.44 31.27
CA ASP C 374 20.58 -2.08 30.12
C ASP C 374 22.09 -1.88 30.15
N TYR C 375 22.84 -2.97 30.07
CA TYR C 375 24.29 -2.91 30.03
C TYR C 375 24.72 -2.51 28.62
N ILE C 376 25.13 -1.25 28.46
CA ILE C 376 25.66 -0.80 27.18
C ILE C 376 26.98 -1.47 26.90
N CYS C 377 27.90 -1.45 27.86
CA CYS C 377 29.19 -2.09 27.74
C CYS C 377 29.38 -3.10 28.86
N LYS C 378 30.24 -4.09 28.59
CA LYS C 378 30.59 -5.10 29.58
C LYS C 378 32.06 -5.45 29.40
N LYS C 379 32.75 -5.67 30.52
CA LYS C 379 34.18 -5.99 30.49
C LYS C 379 34.43 -7.22 29.64
N GLY C 380 35.48 -7.16 28.81
CA GLY C 380 35.82 -8.26 27.95
C GLY C 380 34.94 -8.42 26.74
N ASP C 381 34.60 -7.31 26.08
CA ASP C 381 33.80 -7.33 24.87
C ASP C 381 34.48 -6.50 23.79
N ILE C 382 34.04 -6.68 22.56
CA ILE C 382 34.65 -6.01 21.41
C ILE C 382 34.34 -4.52 21.49
N GLY C 383 35.35 -3.71 21.77
CA GLY C 383 35.20 -2.28 21.84
C GLY C 383 35.24 -1.63 20.48
N ARG C 384 34.13 -1.74 19.73
CA ARG C 384 34.07 -1.23 18.37
C ARG C 384 33.11 -0.07 18.20
N GLU C 385 32.67 0.55 19.30
CA GLU C 385 31.72 1.65 19.22
C GLU C 385 32.00 2.64 20.34
N MET C 386 32.10 3.92 19.97
CA MET C 386 32.18 5.01 20.95
C MET C 386 30.77 5.57 21.17
N TYR C 387 30.47 5.90 22.42
CA TYR C 387 29.16 6.41 22.81
C TYR C 387 29.28 7.81 23.37
N ILE C 388 28.36 8.69 22.94
CA ILE C 388 28.22 10.04 23.48
C ILE C 388 26.84 10.14 24.11
N ILE C 389 26.81 10.45 25.41
CA ILE C 389 25.55 10.48 26.16
C ILE C 389 24.82 11.76 25.80
N LYS C 390 23.81 11.65 24.94
CA LYS C 390 22.96 12.80 24.65
C LYS C 390 22.08 13.14 25.85
N GLU C 391 21.29 12.18 26.31
CA GLU C 391 20.43 12.35 27.46
C GLU C 391 20.47 11.09 28.31
N GLY C 392 20.33 11.26 29.62
CA GLY C 392 20.25 10.10 30.47
C GLY C 392 21.43 9.91 31.38
N LYS C 393 21.24 9.14 32.45
CA LYS C 393 22.27 8.88 33.44
C LYS C 393 22.79 7.46 33.24
N LEU C 394 24.09 7.33 32.98
CA LEU C 394 24.73 6.03 32.88
C LEU C 394 25.67 5.84 34.05
N ALA C 395 26.05 4.60 34.30
CA ALA C 395 26.92 4.26 35.42
C ALA C 395 28.06 3.38 34.93
N VAL C 396 29.28 3.75 35.31
CA VAL C 396 30.45 2.90 35.24
C VAL C 396 30.39 2.08 36.52
N VAL C 397 29.79 0.88 36.43
CA VAL C 397 29.53 0.06 37.61
C VAL C 397 30.68 -0.90 37.85
N ALA C 398 30.60 -1.61 38.99
CA ALA C 398 31.40 -2.81 39.19
C ALA C 398 30.70 -4.01 38.57
N ASP C 399 31.48 -5.07 38.32
CA ASP C 399 30.91 -6.28 37.73
C ASP C 399 29.97 -7.01 38.69
N ASP C 400 29.98 -6.67 39.98
CA ASP C 400 29.01 -7.25 40.91
C ASP C 400 27.58 -6.95 40.48
N GLY C 401 27.34 -5.74 39.96
CA GLY C 401 26.07 -5.37 39.35
C GLY C 401 25.41 -4.16 39.99
N VAL C 402 25.72 -3.88 41.25
CA VAL C 402 25.06 -2.81 42.00
C VAL C 402 26.01 -1.67 42.30
N THR C 403 27.25 -1.97 42.68
CA THR C 403 28.19 -0.93 43.07
C THR C 403 28.48 0.01 41.91
N GLN C 404 28.04 1.26 42.04
CA GLN C 404 28.23 2.26 41.00
C GLN C 404 29.52 3.02 41.28
N PHE C 405 30.55 2.77 40.48
CA PHE C 405 31.80 3.50 40.65
C PHE C 405 31.65 4.95 40.22
N VAL C 406 31.24 5.18 38.97
CA VAL C 406 31.17 6.53 38.41
C VAL C 406 29.79 6.72 37.80
N VAL C 407 29.24 7.93 37.90
CA VAL C 407 27.99 8.27 37.24
C VAL C 407 28.29 9.25 36.10
N LEU C 408 27.97 8.84 34.89
CA LEU C 408 28.18 9.65 33.68
C LEU C 408 26.86 10.30 33.31
N SER C 409 26.82 11.63 33.34
CA SER C 409 25.63 12.36 32.93
C SER C 409 25.78 12.78 31.47
N ASP C 410 25.00 13.76 31.05
CA ASP C 410 25.02 14.21 29.65
C ASP C 410 26.36 14.82 29.30
N GLY C 411 26.66 14.83 28.00
CA GLY C 411 27.93 15.31 27.51
C GLY C 411 29.07 14.32 27.65
N SER C 412 28.96 13.37 28.59
CA SER C 412 30.02 12.39 28.77
C SER C 412 30.15 11.50 27.53
N TYR C 413 31.36 10.99 27.33
CA TYR C 413 31.66 10.06 26.26
C TYR C 413 32.39 8.87 26.85
N PHE C 414 32.00 7.68 26.41
CA PHE C 414 32.64 6.45 26.87
C PHE C 414 32.74 5.48 25.71
N GLY C 415 33.47 4.39 25.94
CA GLY C 415 33.70 3.43 24.89
C GLY C 415 34.71 3.87 23.85
N GLU C 416 35.54 4.85 24.17
CA GLU C 416 36.55 5.35 23.24
C GLU C 416 37.94 4.79 23.51
N ILE C 417 38.20 4.32 24.73
CA ILE C 417 39.51 3.75 25.06
C ILE C 417 39.77 2.48 24.26
N SER C 418 38.78 1.59 24.19
CA SER C 418 38.93 0.34 23.46
C SER C 418 38.93 0.54 21.95
N ILE C 419 38.75 1.78 21.47
CA ILE C 419 38.85 2.05 20.05
C ILE C 419 40.30 2.23 19.63
N LEU C 420 41.08 2.93 20.46
CA LEU C 420 42.38 3.46 20.07
C LEU C 420 43.51 2.46 20.32
N ASN C 421 44.61 2.69 19.62
CA ASN C 421 45.87 1.99 19.87
C ASN C 421 46.61 2.69 21.02
N ILE C 422 46.88 1.96 22.09
CA ILE C 422 47.43 2.54 23.31
C ILE C 422 48.64 1.71 23.75
N LYS C 423 49.68 2.40 24.24
CA LYS C 423 50.78 1.72 24.89
C LYS C 423 50.37 1.27 26.28
N GLY C 424 50.87 0.09 26.68
CA GLY C 424 50.64 -0.40 28.02
C GLY C 424 49.20 -0.78 28.34
N SER C 425 48.39 -1.09 27.33
CA SER C 425 47.03 -1.56 27.54
C SER C 425 47.06 -3.08 27.68
N LYS C 426 47.02 -3.54 28.93
CA LYS C 426 46.87 -4.98 29.18
C LYS C 426 45.58 -5.51 28.56
N ALA C 427 44.56 -4.65 28.41
CA ALA C 427 43.29 -5.03 27.81
C ALA C 427 43.20 -4.38 26.43
N GLY C 428 43.50 -5.16 25.38
CA GLY C 428 43.43 -4.69 24.02
C GLY C 428 42.13 -5.11 23.37
N ASN C 429 41.40 -4.13 22.84
CA ASN C 429 40.09 -4.35 22.22
C ASN C 429 39.09 -4.92 23.23
N ARG C 430 39.24 -4.53 24.50
CA ARG C 430 38.37 -4.97 25.56
C ARG C 430 37.83 -3.76 26.31
N ARG C 431 36.62 -3.90 26.85
CA ARG C 431 36.03 -2.84 27.64
C ARG C 431 36.70 -2.79 29.01
N THR C 432 37.24 -1.61 29.36
CA THR C 432 37.90 -1.45 30.64
C THR C 432 36.92 -1.49 31.81
N ALA C 433 35.65 -1.22 31.58
CA ALA C 433 34.62 -1.29 32.62
C ALA C 433 33.28 -1.56 31.95
N ASN C 434 32.29 -1.86 32.79
CA ASN C 434 30.93 -2.10 32.32
C ASN C 434 30.07 -0.86 32.59
N ILE C 435 29.36 -0.43 31.55
CA ILE C 435 28.50 0.75 31.59
C ILE C 435 27.07 0.27 31.52
N LYS C 436 26.27 0.64 32.52
CA LYS C 436 24.85 0.32 32.54
C LYS C 436 24.06 1.64 32.52
N SER C 437 22.79 1.54 32.15
CA SER C 437 21.95 2.73 32.05
C SER C 437 21.02 2.80 33.26
N ILE C 438 21.15 3.85 34.06
CA ILE C 438 20.17 4.16 35.11
C ILE C 438 19.08 4.99 34.43
N GLY C 439 17.98 4.36 34.08
CA GLY C 439 16.96 5.03 33.32
C GLY C 439 17.17 4.91 31.82
N TYR C 440 16.32 5.60 31.08
CA TYR C 440 16.31 5.53 29.62
C TYR C 440 17.37 6.48 29.08
N SER C 441 18.42 5.93 28.47
CA SER C 441 19.54 6.72 27.97
C SER C 441 19.48 6.87 26.46
N ASP C 442 19.55 8.10 25.98
CA ASP C 442 19.70 8.42 24.56
C ASP C 442 21.18 8.69 24.32
N LEU C 443 21.83 7.79 23.58
CA LEU C 443 23.25 7.88 23.29
C LEU C 443 23.48 8.04 21.79
N PHE C 444 24.70 8.43 21.45
CA PHE C 444 25.18 8.53 20.07
C PHE C 444 26.26 7.47 19.88
N CYS C 445 25.91 6.32 19.32
CA CYS C 445 26.91 5.30 19.06
C CYS C 445 27.71 5.72 17.83
N LEU C 446 29.00 5.94 18.06
CA LEU C 446 29.98 6.24 17.02
C LEU C 446 30.84 5.00 16.81
N SER C 447 30.77 4.42 15.62
CA SER C 447 31.50 3.19 15.33
C SER C 447 33.01 3.43 15.36
N LYS C 448 33.76 2.34 15.60
CA LYS C 448 35.21 2.46 15.67
C LYS C 448 35.80 2.84 14.31
N ASP C 449 35.31 2.21 13.24
CA ASP C 449 35.80 2.51 11.90
C ASP C 449 35.62 3.98 11.58
N ASP C 450 34.48 4.55 11.99
CA ASP C 450 34.20 5.94 11.68
C ASP C 450 35.09 6.89 12.46
N LEU C 451 35.31 6.60 13.75
CA LEU C 451 36.21 7.44 14.55
C LEU C 451 37.63 7.39 13.98
N MET C 452 38.09 6.19 13.64
CA MET C 452 39.36 6.02 12.93
C MET C 452 39.42 6.89 11.68
N GLU C 453 38.43 6.74 10.79
CA GLU C 453 38.44 7.41 9.51
C GLU C 453 38.42 8.94 9.66
N ALA C 454 37.65 9.44 10.63
CA ALA C 454 37.44 10.88 10.74
C ALA C 454 38.53 11.58 11.56
N LEU C 455 39.18 10.89 12.49
CA LEU C 455 40.28 11.51 13.21
C LEU C 455 41.56 11.59 12.39
N THR C 456 41.62 10.93 11.23
CA THR C 456 42.82 10.97 10.41
C THR C 456 43.14 12.38 9.94
N GLU C 457 42.12 13.24 9.78
CA GLU C 457 42.37 14.56 9.21
C GLU C 457 43.10 15.47 10.19
N TYR C 458 42.73 15.43 11.47
CA TYR C 458 43.31 16.32 12.47
C TYR C 458 43.51 15.56 13.78
N PRO C 459 44.74 15.12 14.08
CA PRO C 459 45.02 14.50 15.37
C PRO C 459 45.26 15.49 16.51
N ASP C 460 44.99 16.78 16.31
CA ASP C 460 45.13 17.74 17.39
C ASP C 460 44.15 17.46 18.52
N ALA C 461 43.03 16.82 18.21
CA ALA C 461 42.09 16.35 19.23
C ALA C 461 42.45 14.95 19.73
N LYS C 462 43.08 14.14 18.87
CA LYS C 462 43.42 12.77 19.27
C LYS C 462 44.42 12.77 20.42
N THR C 463 45.33 13.74 20.45
CA THR C 463 46.36 13.75 21.50
C THR C 463 45.74 13.81 22.89
N MET C 464 44.81 14.73 23.12
CA MET C 464 44.13 14.76 24.41
C MET C 464 43.12 13.62 24.55
N LEU C 465 42.66 13.07 23.43
CA LEU C 465 41.82 11.88 23.48
C LEU C 465 42.54 10.73 24.16
N GLU C 466 43.73 10.38 23.68
CA GLU C 466 44.49 9.36 24.41
C GLU C 466 45.21 9.90 25.63
N GLU C 467 45.26 11.22 25.84
CA GLU C 467 45.53 11.72 27.19
C GLU C 467 44.52 11.15 28.17
N LYS C 468 43.23 11.38 27.90
CA LYS C 468 42.16 10.79 28.70
C LYS C 468 42.29 9.27 28.74
N GLY C 469 42.63 8.68 27.58
CA GLY C 469 42.80 7.24 27.50
C GLY C 469 43.81 6.68 28.46
N LYS C 470 45.05 7.19 28.40
CA LYS C 470 46.08 6.75 29.35
C LYS C 470 45.70 7.06 30.78
N GLN C 471 45.16 8.26 31.02
CA GLN C 471 44.82 8.64 32.39
C GLN C 471 43.83 7.66 33.00
N ILE C 472 42.87 7.17 32.21
CA ILE C 472 41.90 6.24 32.76
C ILE C 472 42.42 4.81 32.71
N LEU C 473 43.35 4.51 31.80
CA LEU C 473 43.88 3.15 31.69
C LEU C 473 44.88 2.83 32.80
N MET C 474 45.52 3.84 33.36
CA MET C 474 46.43 3.61 34.47
C MET C 474 45.69 3.50 35.81
N LYS C 475 44.60 4.24 35.98
CA LYS C 475 43.86 4.23 37.23
C LYS C 475 42.73 3.20 37.19
CA VAL D 26 -3.38 -45.84 9.56
C VAL D 26 -3.77 -44.40 9.85
N VAL D 27 -2.95 -43.46 9.42
CA VAL D 27 -3.17 -42.04 9.65
C VAL D 27 -3.40 -41.34 8.32
N ILE D 28 -3.78 -40.07 8.38
CA ILE D 28 -4.28 -39.37 7.21
C ILE D 28 -3.28 -38.34 6.67
N ASP D 29 -2.33 -37.86 7.49
CA ASP D 29 -1.28 -36.97 6.99
C ASP D 29 -1.86 -35.69 6.39
N PRO D 30 -2.28 -34.74 7.24
CA PRO D 30 -3.01 -33.55 6.76
C PRO D 30 -2.48 -32.91 5.50
N SER D 31 -1.18 -33.03 5.21
CA SER D 31 -0.65 -32.48 3.97
C SER D 31 -1.18 -33.21 2.74
N GLY D 32 -1.67 -34.43 2.89
CA GLY D 32 -2.06 -35.24 1.76
C GLY D 32 -3.33 -34.76 1.09
N ASN D 33 -3.60 -35.34 -0.09
CA ASN D 33 -4.81 -35.01 -0.83
C ASN D 33 -6.05 -35.60 -0.17
N THR D 34 -5.91 -36.73 0.52
CA THR D 34 -7.05 -37.33 1.19
C THR D 34 -7.62 -36.39 2.25
N TYR D 35 -6.73 -35.74 3.02
CA TYR D 35 -7.18 -34.80 4.03
C TYR D 35 -7.92 -33.63 3.42
N TYR D 36 -7.42 -33.10 2.30
CA TYR D 36 -8.10 -31.99 1.63
C TYR D 36 -9.45 -32.41 1.08
N ASN D 37 -9.52 -33.60 0.49
CA ASN D 37 -10.80 -34.10 0.02
C ASN D 37 -11.79 -34.24 1.16
N TRP D 38 -11.34 -34.73 2.31
CA TRP D 38 -12.23 -34.80 3.46
C TRP D 38 -12.61 -33.41 3.94
N LEU D 39 -11.68 -32.45 3.85
CA LEU D 39 -12.02 -31.07 4.21
C LEU D 39 -13.19 -30.58 3.39
N PHE D 40 -13.19 -30.88 2.09
CA PHE D 40 -14.34 -30.55 1.25
C PHE D 40 -15.59 -31.30 1.73
N CYS D 41 -15.46 -32.61 1.96
CA CYS D 41 -16.61 -33.43 2.32
C CYS D 41 -17.21 -33.03 3.66
N ILE D 42 -16.44 -32.39 4.53
CA ILE D 42 -16.98 -31.89 5.79
C ILE D 42 -17.42 -30.44 5.69
N THR D 43 -16.81 -29.65 4.79
CA THR D 43 -17.28 -28.30 4.54
C THR D 43 -18.68 -28.31 3.95
N LEU D 44 -19.01 -29.34 3.18
CA LEU D 44 -20.37 -29.41 2.63
C LEU D 44 -21.43 -29.44 3.73
N PRO D 45 -21.38 -30.33 4.73
CA PRO D 45 -22.37 -30.24 5.82
C PRO D 45 -22.27 -28.96 6.64
N VAL D 46 -21.06 -28.46 6.89
CA VAL D 46 -20.92 -27.24 7.68
C VAL D 46 -21.56 -26.06 6.96
N MET D 47 -21.27 -25.92 5.66
CA MET D 47 -21.91 -24.88 4.88
C MET D 47 -23.42 -25.08 4.84
N TYR D 48 -23.86 -26.32 4.70
CA TYR D 48 -25.29 -26.60 4.67
C TYR D 48 -25.92 -26.15 5.98
N ASN D 49 -25.28 -26.49 7.09
CA ASN D 49 -25.77 -26.13 8.41
C ASN D 49 -25.78 -24.62 8.63
N TRP D 50 -24.74 -23.96 8.15
CA TRP D 50 -24.63 -22.52 8.31
C TRP D 50 -25.63 -21.77 7.47
N THR D 51 -26.07 -22.37 6.37
CA THR D 51 -27.05 -21.72 5.52
C THR D 51 -28.48 -22.04 5.98
N MET D 52 -28.77 -23.29 6.27
CA MET D 52 -30.14 -23.78 6.34
C MET D 52 -30.72 -23.86 7.74
N VAL D 53 -29.91 -24.03 8.79
CA VAL D 53 -30.47 -24.12 10.13
C VAL D 53 -31.20 -22.84 10.48
N ILE D 54 -30.58 -21.69 10.23
CA ILE D 54 -31.22 -20.41 10.52
C ILE D 54 -32.42 -20.19 9.61
N ALA D 55 -32.34 -20.66 8.36
CA ALA D 55 -33.45 -20.50 7.42
C ALA D 55 -34.67 -21.27 7.90
N ARG D 56 -34.46 -22.51 8.31
CA ARG D 56 -35.55 -23.34 8.79
C ARG D 56 -36.07 -22.86 10.14
N ALA D 57 -35.19 -22.32 10.97
CA ALA D 57 -35.62 -21.78 12.25
C ALA D 57 -36.48 -20.54 12.06
N CYS D 58 -36.15 -19.71 11.08
CA CYS D 58 -36.87 -18.46 10.86
C CYS D 58 -38.08 -18.65 9.97
N PHE D 59 -37.91 -19.28 8.81
CA PHE D 59 -39.02 -19.57 7.90
C PHE D 59 -39.60 -20.91 8.30
N ASP D 60 -40.68 -20.87 9.07
CA ASP D 60 -41.28 -22.10 9.60
C ASP D 60 -41.78 -23.00 8.48
N GLU D 61 -42.29 -22.40 7.40
CA GLU D 61 -42.80 -23.20 6.29
C GLU D 61 -41.69 -23.98 5.62
N LEU D 62 -40.48 -23.42 5.58
CA LEU D 62 -39.34 -24.17 5.06
C LEU D 62 -39.10 -25.42 5.88
N GLN D 63 -39.04 -25.28 7.21
CA GLN D 63 -38.85 -26.43 8.08
C GLN D 63 -39.97 -27.45 7.92
N SER D 64 -41.22 -27.00 7.81
CA SER D 64 -42.35 -27.91 7.85
C SER D 64 -42.57 -28.61 6.52
N ASP D 65 -42.59 -27.86 5.42
CA ASP D 65 -42.96 -28.42 4.13
C ASP D 65 -41.97 -29.48 3.66
N TYR D 66 -40.68 -29.24 3.90
CA TYR D 66 -39.62 -30.17 3.47
C TYR D 66 -38.98 -30.86 4.66
N LEU D 67 -39.76 -31.11 5.70
CA LEU D 67 -39.24 -31.76 6.90
C LEU D 67 -38.65 -33.13 6.58
N GLU D 68 -39.32 -33.89 5.70
CA GLU D 68 -38.79 -35.20 5.34
C GLU D 68 -37.42 -35.11 4.70
N TYR D 69 -37.16 -34.04 3.94
CA TYR D 69 -35.84 -33.85 3.34
C TYR D 69 -34.86 -33.25 4.34
N TRP D 70 -35.34 -32.33 5.18
CA TRP D 70 -34.46 -31.73 6.18
C TRP D 70 -33.95 -32.77 7.16
N LEU D 71 -34.79 -33.73 7.53
CA LEU D 71 -34.36 -34.78 8.44
C LEU D 71 -33.24 -35.61 7.82
N ILE D 72 -33.42 -36.03 6.57
CA ILE D 72 -32.40 -36.80 5.89
C ILE D 72 -31.10 -36.01 5.81
N LEU D 73 -31.19 -34.75 5.38
CA LEU D 73 -29.98 -33.95 5.21
C LEU D 73 -29.30 -33.68 6.55
N ASP D 74 -30.08 -33.45 7.61
CA ASP D 74 -29.51 -33.20 8.92
C ASP D 74 -28.82 -34.45 9.46
N TYR D 75 -29.44 -35.61 9.27
CA TYR D 75 -28.83 -36.84 9.74
C TYR D 75 -27.57 -37.18 8.95
N VAL D 76 -27.58 -36.91 7.64
CA VAL D 76 -26.37 -37.11 6.85
C VAL D 76 -25.27 -36.16 7.31
N SER D 77 -25.64 -34.90 7.55
CA SER D 77 -24.68 -33.93 8.07
C SER D 77 -24.09 -34.37 9.40
N ASP D 78 -24.94 -34.90 10.28
CA ASP D 78 -24.46 -35.37 11.57
C ASP D 78 -23.55 -36.59 11.44
N ILE D 79 -23.88 -37.50 10.52
CA ILE D 79 -23.02 -38.63 10.24
C ILE D 79 -21.66 -38.15 9.75
N VAL D 80 -21.66 -37.16 8.85
CA VAL D 80 -20.40 -36.64 8.34
C VAL D 80 -19.63 -35.92 9.44
N TYR D 81 -20.34 -35.26 10.36
CA TYR D 81 -19.69 -34.67 11.52
C TYR D 81 -19.01 -35.74 12.37
N LEU D 82 -19.68 -36.87 12.57
CA LEU D 82 -19.10 -37.97 13.33
C LEU D 82 -17.87 -38.52 12.62
N ILE D 83 -17.95 -38.69 11.31
CA ILE D 83 -16.80 -39.18 10.54
C ILE D 83 -15.68 -38.15 10.57
N ASP D 84 -16.00 -36.86 10.66
CA ASP D 84 -14.97 -35.84 10.77
C ASP D 84 -14.29 -35.91 12.13
N MET D 85 -15.06 -36.17 13.19
CA MET D 85 -14.45 -36.42 14.50
C MET D 85 -13.53 -37.62 14.44
N PHE D 86 -13.96 -38.69 13.77
CA PHE D 86 -13.11 -39.87 13.60
C PHE D 86 -11.82 -39.51 12.85
N VAL D 87 -11.94 -38.75 11.77
CA VAL D 87 -10.78 -38.30 11.00
C VAL D 87 -9.84 -37.50 11.89
N ARG D 88 -10.41 -36.62 12.72
CA ARG D 88 -9.59 -35.85 13.65
C ARG D 88 -8.87 -36.77 14.63
N THR D 89 -9.49 -37.89 14.99
CA THR D 89 -8.79 -38.87 15.80
C THR D 89 -7.71 -39.59 15.01
N ARG D 90 -7.85 -39.66 13.68
CA ARG D 90 -6.94 -40.42 12.83
C ARG D 90 -6.02 -39.53 11.99
N THR D 91 -5.95 -38.24 12.28
CA THR D 91 -5.09 -37.32 11.52
C THR D 91 -3.80 -37.09 12.32
N GLY D 92 -2.68 -37.41 11.71
CA GLY D 92 -1.41 -37.27 12.39
C GLY D 92 -0.99 -35.81 12.52
N TYR D 93 -0.17 -35.54 13.53
CA TYR D 93 0.44 -34.24 13.72
C TYR D 93 1.96 -34.40 13.75
N LEU D 94 2.65 -33.27 13.58
CA LEU D 94 4.11 -33.27 13.49
C LEU D 94 4.71 -32.99 14.85
N GLU D 95 5.34 -34.00 15.45
CA GLU D 95 6.23 -33.81 16.59
C GLU D 95 7.62 -34.24 16.15
N GLN D 96 8.62 -33.39 16.45
CA GLN D 96 9.97 -33.54 15.92
C GLN D 96 9.96 -33.65 14.40
N GLY D 97 9.05 -32.93 13.77
CA GLY D 97 8.92 -32.94 12.33
C GLY D 97 8.39 -34.23 11.74
N LEU D 98 8.13 -35.25 12.55
CA LEU D 98 7.65 -36.54 12.08
C LEU D 98 6.15 -36.67 12.31
N LEU D 99 5.48 -37.28 11.35
CA LEU D 99 4.04 -37.51 11.47
C LEU D 99 3.75 -38.53 12.55
N VAL D 100 3.04 -38.12 13.60
CA VAL D 100 2.68 -39.03 14.68
C VAL D 100 1.67 -40.04 14.14
N LYS D 101 2.00 -41.33 14.27
CA LYS D 101 1.13 -42.40 13.81
C LYS D 101 0.57 -43.23 14.96
N GLU D 102 0.97 -42.95 16.20
CA GLU D 102 0.44 -43.67 17.34
C GLU D 102 -1.00 -43.25 17.60
N GLU D 103 -1.91 -44.22 17.55
CA GLU D 103 -3.35 -43.94 17.67
C GLU D 103 -3.66 -43.15 18.93
N LEU D 104 -3.34 -43.71 20.10
CA LEU D 104 -3.70 -43.09 21.36
C LEU D 104 -3.08 -41.69 21.50
N LYS D 105 -1.88 -41.51 20.98
CA LYS D 105 -1.29 -40.18 20.95
C LYS D 105 -2.15 -39.21 20.15
N LEU D 106 -2.69 -39.67 19.02
CA LEU D 106 -3.57 -38.82 18.21
C LEU D 106 -4.87 -38.53 18.95
N ILE D 107 -5.42 -39.53 19.64
CA ILE D 107 -6.63 -39.30 20.44
C ILE D 107 -6.37 -38.23 21.49
N ASN D 108 -5.21 -38.29 22.14
CA ASN D 108 -4.88 -37.28 23.15
C ASN D 108 -4.71 -35.91 22.52
N LYS D 109 -3.98 -35.83 21.41
CA LYS D 109 -3.79 -34.56 20.73
C LYS D 109 -5.12 -33.95 20.32
N TYR D 110 -6.06 -34.78 19.87
CA TYR D 110 -7.39 -34.30 19.52
C TYR D 110 -8.12 -33.79 20.76
N LYS D 111 -8.26 -34.65 21.77
CA LYS D 111 -9.06 -34.29 22.94
C LYS D 111 -8.46 -33.12 23.71
N SER D 112 -7.14 -32.93 23.65
CA SER D 112 -6.51 -31.81 24.33
C SER D 112 -6.71 -30.49 23.62
N ASN D 113 -7.20 -30.51 22.38
CA ASN D 113 -7.41 -29.28 21.61
C ASN D 113 -8.84 -28.79 21.78
N LEU D 114 -9.00 -27.47 21.66
CA LEU D 114 -10.34 -26.88 21.70
C LEU D 114 -11.23 -27.43 20.60
N GLN D 115 -10.64 -27.93 19.52
CA GLN D 115 -11.43 -28.47 18.42
C GLN D 115 -12.28 -29.65 18.87
N PHE D 116 -11.76 -30.47 19.78
CA PHE D 116 -12.56 -31.57 20.31
C PHE D 116 -13.76 -31.06 21.09
N LYS D 117 -13.57 -30.01 21.88
CA LYS D 117 -14.70 -29.41 22.60
C LYS D 117 -15.74 -28.89 21.62
N LEU D 118 -15.30 -28.16 20.60
CA LEU D 118 -16.23 -27.62 19.61
C LEU D 118 -16.94 -28.73 18.84
N ASP D 119 -16.24 -29.84 18.59
CA ASP D 119 -16.83 -30.94 17.85
C ASP D 119 -17.88 -31.66 18.69
N VAL D 120 -17.59 -31.90 19.97
CA VAL D 120 -18.58 -32.51 20.85
C VAL D 120 -19.77 -31.60 21.02
N LEU D 121 -19.53 -30.28 21.11
CA LEU D 121 -20.64 -29.34 21.23
C LEU D 121 -21.50 -29.32 19.98
N SER D 122 -20.86 -29.36 18.80
CA SER D 122 -21.60 -29.35 17.54
C SER D 122 -22.25 -30.68 17.22
N LEU D 123 -21.92 -31.74 17.95
CA LEU D 123 -22.52 -33.06 17.73
C LEU D 123 -23.40 -33.49 18.89
N ILE D 124 -23.69 -32.59 19.83
CA ILE D 124 -24.60 -32.92 20.92
C ILE D 124 -25.99 -33.21 20.35
N PRO D 125 -26.63 -34.31 20.69
CA PRO D 125 -27.92 -34.64 20.08
C PRO D 125 -29.04 -33.74 20.58
N THR D 126 -29.00 -32.47 20.20
CA THR D 126 -30.08 -31.55 20.53
C THR D 126 -31.35 -31.86 19.76
N ASP D 127 -31.29 -32.71 18.72
CA ASP D 127 -32.48 -33.08 17.97
C ASP D 127 -33.50 -33.78 18.85
N LEU D 128 -33.09 -34.30 20.02
CA LEU D 128 -34.03 -34.87 20.96
C LEU D 128 -35.05 -33.84 21.42
N LEU D 129 -34.66 -32.56 21.44
CA LEU D 129 -35.61 -31.50 21.80
C LEU D 129 -36.75 -31.38 20.81
N TYR D 130 -36.64 -32.03 19.64
CA TYR D 130 -37.77 -32.11 18.72
C TYR D 130 -38.97 -32.78 19.37
N PHE D 131 -38.73 -33.64 20.36
CA PHE D 131 -39.84 -34.26 21.08
C PHE D 131 -40.47 -33.31 22.08
N LYS D 132 -39.71 -32.32 22.56
CA LYS D 132 -40.25 -31.36 23.52
C LYS D 132 -40.77 -30.11 22.82
N LEU D 133 -39.93 -29.45 22.04
CA LEU D 133 -40.30 -28.19 21.39
C LEU D 133 -41.08 -28.40 20.10
N GLY D 134 -41.18 -29.63 19.62
CA GLY D 134 -41.86 -29.91 18.38
C GLY D 134 -40.93 -29.83 17.18
N TRP D 135 -41.45 -30.30 16.04
CA TRP D 135 -40.68 -30.31 14.81
C TRP D 135 -40.48 -28.92 14.22
N ASN D 136 -41.11 -27.90 14.80
CA ASN D 136 -41.08 -26.54 14.28
C ASN D 136 -39.94 -25.71 14.88
N TYR D 137 -38.99 -26.36 15.56
CA TYR D 137 -37.87 -25.69 16.21
C TYR D 137 -36.56 -26.33 15.78
N PRO D 138 -36.08 -26.06 14.57
CA PRO D 138 -34.80 -26.61 14.12
C PRO D 138 -33.59 -25.81 14.59
N GLU D 139 -33.78 -24.68 15.26
CA GLU D 139 -32.65 -23.94 15.80
C GLU D 139 -31.93 -24.70 16.90
N ILE D 140 -32.50 -25.82 17.37
CA ILE D 140 -31.79 -26.70 18.28
C ILE D 140 -30.55 -27.26 17.60
N ARG D 141 -30.57 -27.36 16.27
CA ARG D 141 -29.41 -27.79 15.51
C ARG D 141 -28.41 -26.68 15.29
N LEU D 142 -28.62 -25.52 15.91
CA LEU D 142 -27.72 -24.39 15.73
C LEU D 142 -26.33 -24.68 16.26
N ASN D 143 -26.19 -25.59 17.22
CA ASN D 143 -24.88 -25.97 17.69
C ASN D 143 -24.05 -26.59 16.59
N ARG D 144 -24.70 -27.14 15.56
CA ARG D 144 -23.98 -27.70 14.42
C ARG D 144 -23.12 -26.66 13.73
N LEU D 145 -23.36 -25.37 13.96
CA LEU D 145 -22.49 -24.36 13.35
C LEU D 145 -21.10 -24.35 13.95
N LEU D 146 -20.90 -24.99 15.09
CA LEU D 146 -19.63 -24.91 15.80
C LEU D 146 -18.52 -25.69 15.13
N ARG D 147 -18.78 -26.34 13.99
CA ARG D 147 -17.72 -26.93 13.18
C ARG D 147 -17.28 -25.99 12.06
N PHE D 148 -17.64 -24.70 12.17
CA PHE D 148 -17.20 -23.71 11.19
C PHE D 148 -15.71 -23.82 10.90
N SER D 149 -14.91 -24.15 11.92
CA SER D 149 -13.47 -24.22 11.73
C SER D 149 -13.10 -25.13 10.58
N ARG D 150 -13.71 -26.32 10.51
CA ARG D 150 -13.41 -27.22 9.42
C ARG D 150 -13.62 -26.53 8.08
N MET D 151 -14.79 -25.89 7.91
CA MET D 151 -15.05 -25.13 6.70
C MET D 151 -13.92 -24.14 6.44
N PHE D 152 -13.60 -23.30 7.43
CA PHE D 152 -12.57 -22.30 7.21
C PHE D 152 -11.24 -22.97 6.87
N GLU D 153 -10.93 -24.09 7.54
CA GLU D 153 -9.69 -24.78 7.24
C GLU D 153 -9.65 -25.18 5.77
N PHE D 154 -10.75 -25.77 5.29
CA PHE D 154 -10.83 -26.13 3.88
C PHE D 154 -10.54 -24.92 3.01
N PHE D 155 -11.17 -23.79 3.33
CA PHE D 155 -10.92 -22.58 2.55
C PHE D 155 -9.45 -22.23 2.57
N GLN D 156 -8.86 -22.16 3.77
CA GLN D 156 -7.46 -21.76 3.84
C GLN D 156 -6.56 -22.80 3.20
N ARG D 157 -7.03 -24.03 3.07
CA ARG D 157 -6.27 -25.01 2.31
C ARG D 157 -6.46 -24.80 0.82
N THR D 158 -7.71 -24.60 0.38
CA THR D 158 -7.98 -24.41 -1.03
C THR D 158 -7.21 -23.21 -1.56
N GLU D 159 -7.34 -22.06 -0.90
CA GLU D 159 -6.63 -20.86 -1.29
C GLU D 159 -5.15 -21.14 -1.47
N THR D 160 -4.58 -22.03 -0.66
CA THR D 160 -3.17 -22.36 -0.82
C THR D 160 -2.95 -23.27 -2.02
N ARG D 161 -3.69 -24.36 -2.09
CA ARG D 161 -3.47 -25.36 -3.13
C ARG D 161 -4.12 -25.17 -4.50
N THR D 162 -5.13 -24.32 -4.58
CA THR D 162 -5.79 -24.12 -5.87
C THR D 162 -4.89 -23.35 -6.82
N ASN D 163 -5.11 -23.57 -8.11
CA ASN D 163 -4.41 -22.84 -9.15
C ASN D 163 -5.08 -21.50 -9.48
N TYR D 164 -6.30 -21.29 -9.01
CA TYR D 164 -7.04 -20.05 -9.20
C TYR D 164 -7.26 -19.40 -7.84
N PRO D 165 -6.21 -18.83 -7.24
CA PRO D 165 -6.35 -18.29 -5.88
C PRO D 165 -7.32 -17.11 -5.81
N ASN D 166 -7.30 -16.24 -6.81
CA ASN D 166 -8.16 -15.06 -6.78
C ASN D 166 -9.60 -15.41 -7.11
N ILE D 167 -9.82 -16.34 -8.05
CA ILE D 167 -11.18 -16.81 -8.31
C ILE D 167 -11.79 -17.41 -7.05
N PHE D 168 -11.02 -18.26 -6.36
CA PHE D 168 -11.53 -18.86 -5.13
C PHE D 168 -11.72 -17.82 -4.03
N ARG D 169 -10.81 -16.85 -3.93
CA ARG D 169 -10.94 -15.82 -2.91
C ARG D 169 -12.20 -14.99 -3.13
N ILE D 170 -12.45 -14.61 -4.39
CA ILE D 170 -13.66 -13.84 -4.70
C ILE D 170 -14.90 -14.68 -4.46
N SER D 171 -14.87 -15.96 -4.83
CA SER D 171 -15.99 -16.84 -4.55
C SER D 171 -16.23 -16.96 -3.05
N ASN D 172 -15.17 -17.00 -2.26
CA ASN D 172 -15.31 -17.07 -0.81
C ASN D 172 -15.94 -15.81 -0.25
N LEU D 173 -15.48 -14.65 -0.73
CA LEU D 173 -16.08 -13.39 -0.29
C LEU D 173 -17.54 -13.29 -0.69
N VAL D 174 -17.87 -13.76 -1.90
CA VAL D 174 -19.25 -13.74 -2.35
C VAL D 174 -20.10 -14.67 -1.50
N MET D 175 -19.53 -15.82 -1.14
CA MET D 175 -20.22 -16.75 -0.23
C MET D 175 -20.48 -16.10 1.12
N TYR D 176 -19.49 -15.37 1.65
CA TYR D 176 -19.70 -14.66 2.91
C TYR D 176 -20.79 -13.61 2.79
N ILE D 177 -20.76 -12.83 1.70
CA ILE D 177 -21.80 -11.83 1.45
C ILE D 177 -23.17 -12.49 1.42
N VAL D 178 -23.30 -13.57 0.65
CA VAL D 178 -24.58 -14.25 0.50
C VAL D 178 -25.05 -14.82 1.83
N ILE D 179 -24.14 -15.40 2.61
CA ILE D 179 -24.51 -15.96 3.91
C ILE D 179 -24.96 -14.85 4.85
N ILE D 180 -24.25 -13.72 4.85
CA ILE D 180 -24.64 -12.61 5.72
C ILE D 180 -26.01 -12.07 5.33
N ILE D 181 -26.24 -11.89 4.02
CA ILE D 181 -27.53 -11.39 3.56
C ILE D 181 -28.64 -12.39 3.87
N HIS D 182 -28.36 -13.68 3.69
CA HIS D 182 -29.34 -14.72 4.01
C HIS D 182 -29.68 -14.72 5.49
N TRP D 183 -28.66 -14.64 6.34
CA TRP D 183 -28.89 -14.60 7.78
C TRP D 183 -29.67 -13.35 8.18
N ASN D 184 -29.37 -12.21 7.56
CA ASN D 184 -30.11 -11.00 7.89
C ASN D 184 -31.54 -11.07 7.40
N ALA D 185 -31.77 -11.72 6.26
CA ALA D 185 -33.12 -11.98 5.80
C ALA D 185 -33.89 -12.83 6.80
N CYS D 186 -33.27 -13.91 7.25
CA CYS D 186 -33.89 -14.76 8.26
C CYS D 186 -34.18 -13.98 9.54
N VAL D 187 -33.25 -13.12 9.95
CA VAL D 187 -33.44 -12.31 11.15
C VAL D 187 -34.60 -11.35 10.97
N PHE D 188 -34.68 -10.70 9.81
CA PHE D 188 -35.80 -9.82 9.52
C PHE D 188 -37.13 -10.56 9.58
N TYR D 189 -37.18 -11.75 8.98
CA TYR D 189 -38.41 -12.53 9.00
C TYR D 189 -38.78 -12.94 10.43
N SER D 190 -37.77 -13.33 11.23
CA SER D 190 -38.03 -13.70 12.61
C SER D 190 -38.56 -12.51 13.41
N ILE D 191 -37.98 -11.33 13.19
CA ILE D 191 -38.43 -10.14 13.89
C ILE D 191 -39.85 -9.77 13.47
N SER D 192 -40.15 -9.92 12.18
CA SER D 192 -41.52 -9.73 11.71
C SER D 192 -42.47 -10.70 12.39
N LYS D 193 -42.05 -11.96 12.53
CA LYS D 193 -42.86 -12.96 13.22
C LYS D 193 -43.11 -12.56 14.66
N ALA D 194 -42.06 -12.14 15.36
CA ALA D 194 -42.20 -11.75 16.76
C ALA D 194 -43.13 -10.56 16.91
N ILE D 195 -42.90 -9.51 16.12
CA ILE D 195 -43.79 -8.35 16.13
C ILE D 195 -45.16 -8.74 15.60
N GLY D 196 -45.23 -9.70 14.69
CA GLY D 196 -46.47 -10.09 14.06
C GLY D 196 -46.52 -9.68 12.61
N PHE D 197 -46.73 -10.64 11.73
CA PHE D 197 -46.76 -10.37 10.30
C PHE D 197 -47.89 -9.43 9.94
N GLY D 198 -47.54 -8.27 9.40
CA GLY D 198 -48.53 -7.31 8.97
C GLY D 198 -49.09 -6.41 10.05
N ASN D 199 -48.54 -6.47 11.27
CA ASN D 199 -49.00 -5.58 12.33
C ASN D 199 -48.68 -4.13 12.04
N ASP D 200 -47.65 -3.86 11.23
CA ASP D 200 -47.37 -2.52 10.75
C ASP D 200 -46.68 -2.63 9.40
N THR D 201 -46.45 -1.47 8.79
CA THR D 201 -45.94 -1.44 7.42
C THR D 201 -44.50 -1.90 7.31
N TRP D 202 -43.76 -1.94 8.42
CA TRP D 202 -42.35 -2.31 8.35
C TRP D 202 -42.16 -3.81 8.25
N VAL D 203 -42.80 -4.57 9.16
CA VAL D 203 -42.60 -6.01 9.20
C VAL D 203 -43.02 -6.65 7.89
N TYR D 204 -42.54 -7.88 7.68
CA TYR D 204 -43.01 -8.68 6.56
C TYR D 204 -44.53 -8.71 6.55
N PRO D 205 -45.18 -8.60 5.39
CA PRO D 205 -46.65 -8.51 5.36
C PRO D 205 -47.34 -9.75 5.90
N ASP D 206 -48.67 -9.70 5.97
CA ASP D 206 -49.45 -10.79 6.54
C ASP D 206 -49.23 -12.08 5.77
N ILE D 207 -48.99 -13.18 6.51
CA ILE D 207 -48.84 -14.48 5.88
C ILE D 207 -50.13 -14.90 5.18
N ASN D 208 -51.28 -14.52 5.73
CA ASN D 208 -52.55 -14.95 5.17
C ASN D 208 -52.79 -14.43 3.76
N ASP D 209 -51.95 -13.52 3.28
CA ASP D 209 -52.10 -13.01 1.93
C ASP D 209 -51.66 -14.12 0.97
N PRO D 210 -52.41 -14.30 -0.13
CA PRO D 210 -52.07 -15.35 -1.10
C PRO D 210 -50.68 -15.19 -1.67
N GLU D 211 -50.30 -13.97 -2.05
CA GLU D 211 -48.99 -13.72 -2.63
C GLU D 211 -47.90 -13.62 -1.57
N PHE D 212 -48.21 -12.96 -0.45
CA PHE D 212 -47.22 -12.79 0.60
C PHE D 212 -47.25 -13.89 1.67
N GLY D 213 -47.78 -15.05 1.31
CA GLY D 213 -47.80 -16.18 2.21
C GLY D 213 -47.00 -17.36 1.69
N ARG D 214 -46.54 -17.23 0.46
CA ARG D 214 -45.76 -18.30 -0.17
C ARG D 214 -44.35 -18.30 0.41
N LEU D 215 -43.85 -19.50 0.75
CA LEU D 215 -42.51 -19.62 1.28
C LEU D 215 -41.48 -19.01 0.33
N ALA D 216 -41.68 -19.19 -0.98
CA ALA D 216 -40.82 -18.54 -1.96
C ALA D 216 -40.85 -17.03 -1.79
N ARG D 217 -42.06 -16.45 -1.78
CA ARG D 217 -42.18 -15.01 -1.58
C ARG D 217 -41.62 -14.59 -0.23
N LYS D 218 -41.95 -15.33 0.82
CA LYS D 218 -41.40 -15.03 2.14
C LYS D 218 -39.89 -14.88 2.10
N TYR D 219 -39.19 -15.93 1.67
CA TYR D 219 -37.74 -15.90 1.70
C TYR D 219 -37.18 -14.86 0.75
N VAL D 220 -37.76 -14.74 -0.45
CA VAL D 220 -37.17 -13.88 -1.45
C VAL D 220 -37.38 -12.40 -1.09
N TYR D 221 -38.54 -12.06 -0.52
CA TYR D 221 -38.73 -10.69 -0.06
C TYR D 221 -37.88 -10.40 1.17
N SER D 222 -37.71 -11.37 2.07
CA SER D 222 -36.81 -11.16 3.19
C SER D 222 -35.39 -10.92 2.70
N LEU D 223 -34.96 -11.68 1.69
CA LEU D 223 -33.65 -11.49 1.09
C LEU D 223 -33.54 -10.12 0.42
N TYR D 224 -34.63 -9.68 -0.22
CA TYR D 224 -34.65 -8.35 -0.83
C TYR D 224 -34.47 -7.27 0.23
N TRP D 225 -35.26 -7.35 1.31
CA TRP D 225 -35.11 -6.43 2.44
C TRP D 225 -33.68 -6.44 2.98
N SER D 226 -33.14 -7.64 3.19
CA SER D 226 -31.79 -7.79 3.71
C SER D 226 -30.76 -7.15 2.79
N THR D 227 -30.91 -7.34 1.48
CA THR D 227 -29.98 -6.75 0.53
C THR D 227 -30.08 -5.23 0.55
N LEU D 228 -31.31 -4.71 0.57
CA LEU D 228 -31.48 -3.26 0.61
C LEU D 228 -30.92 -2.67 1.91
N THR D 229 -30.89 -3.46 2.96
CA THR D 229 -30.39 -2.98 4.24
C THR D 229 -28.89 -3.12 4.44
N LEU D 230 -28.36 -4.30 4.13
CA LEU D 230 -26.94 -4.56 4.29
C LEU D 230 -26.09 -3.79 3.29
N THR D 231 -26.53 -3.61 2.05
CA THR D 231 -25.91 -2.75 1.05
C THR D 231 -26.25 -1.29 1.27
N THR D 232 -26.95 -0.98 2.36
N THR D 232 -26.94 -1.00 2.36
CA THR D 232 -27.32 0.39 2.75
CA THR D 232 -27.34 0.36 2.72
C THR D 232 -27.98 1.16 1.62
C THR D 232 -28.02 1.17 1.62
N ILE D 233 -28.93 0.52 0.96
N ILE D 233 -29.00 0.54 0.97
CA ILE D 233 -29.72 1.18 -0.07
CA ILE D 233 -29.79 1.22 -0.06
C ILE D 233 -30.94 1.72 0.65
C ILE D 233 -31.00 1.77 0.68
N GLY D 234 -31.49 0.90 1.54
N GLY D 234 -31.55 0.90 1.52
CA GLY D 234 -32.64 1.24 2.34
CA GLY D 234 -32.69 1.19 2.39
C GLY D 234 -33.85 1.75 1.60
C GLY D 234 -34.05 1.60 1.85
N GLN D 235 -34.34 0.96 0.65
N GLN D 235 -34.36 1.25 0.60
CA GLN D 235 -35.51 1.34 -0.12
CA GLN D 235 -35.65 1.61 0.02
C GLN D 235 -36.71 0.53 0.38
C GLN D 235 -36.88 0.88 0.59
N THR D 236 -36.63 0.09 1.63
N THR D 236 -36.69 0.03 1.58
CA THR D 236 -37.70 -0.70 2.24
CA THR D 236 -37.81 -0.72 2.17
C THR D 236 -38.53 0.16 3.18
C THR D 236 -38.66 0.14 3.10
N PRO D 237 -39.76 -0.29 3.47
N PRO D 237 -39.89 -0.32 3.43
CA PRO D 237 -40.67 0.44 4.36
CA PRO D 237 -40.72 0.47 4.34
C PRO D 237 -39.96 0.78 5.66
C PRO D 237 -40.00 0.78 5.64
N PRO D 238 -39.97 2.07 6.03
CA PRO D 238 -39.32 2.52 7.27
C PRO D 238 -39.96 1.95 8.52
N PRO D 239 -39.18 1.86 9.61
CA PRO D 239 -39.62 1.33 10.90
C PRO D 239 -40.80 2.09 11.51
N VAL D 240 -41.60 1.38 12.29
CA VAL D 240 -42.78 1.98 12.93
C VAL D 240 -42.64 1.94 14.45
N ARG D 241 -42.21 0.80 14.97
CA ARG D 241 -42.01 0.64 16.40
C ARG D 241 -40.57 0.94 16.79
N ASP D 242 -40.35 1.14 18.09
CA ASP D 242 -39.01 1.41 18.59
C ASP D 242 -38.08 0.23 18.33
N SER D 243 -38.56 -0.99 18.54
CA SER D 243 -37.74 -2.16 18.24
C SER D 243 -37.35 -2.18 16.77
N GLU D 244 -38.28 -1.82 15.89
CA GLU D 244 -37.99 -1.79 14.47
C GLU D 244 -36.96 -0.73 14.13
N TYR D 245 -37.13 0.47 14.70
CA TYR D 245 -36.15 1.53 14.49
C TYR D 245 -34.77 1.10 14.95
N VAL D 246 -34.68 0.49 16.14
CA VAL D 246 -33.40 0.07 16.70
C VAL D 246 -32.77 -0.99 15.82
N PHE D 247 -33.55 -2.01 15.44
CA PHE D 247 -33.02 -3.07 14.59
C PHE D 247 -32.57 -2.53 13.25
N VAL D 248 -33.32 -1.58 12.68
CA VAL D 248 -32.96 -1.03 11.39
C VAL D 248 -31.69 -0.20 11.49
N VAL D 249 -31.54 0.55 12.58
CA VAL D 249 -30.29 1.29 12.80
C VAL D 249 -29.12 0.33 12.89
N VAL D 250 -29.24 -0.68 13.77
CA VAL D 250 -28.19 -1.65 13.97
C VAL D 250 -27.87 -2.38 12.68
N ASP D 251 -28.90 -2.68 11.89
CA ASP D 251 -28.70 -3.44 10.67
C ASP D 251 -28.11 -2.60 9.55
N PHE D 252 -28.49 -1.32 9.47
CA PHE D 252 -27.84 -0.42 8.53
C PHE D 252 -26.38 -0.21 8.90
N LEU D 253 -26.07 -0.17 10.19
CA LEU D 253 -24.68 -0.04 10.61
C LEU D 253 -23.90 -1.31 10.33
N ILE D 254 -24.50 -2.48 10.60
CA ILE D 254 -23.91 -3.75 10.21
C ILE D 254 -23.65 -3.76 8.71
N GLY D 255 -24.64 -3.34 7.93
CA GLY D 255 -24.48 -3.17 6.51
C GLY D 255 -23.26 -2.34 6.17
N VAL D 256 -23.25 -1.09 6.61
CA VAL D 256 -22.12 -0.19 6.32
C VAL D 256 -20.80 -0.88 6.66
N LEU D 257 -20.64 -1.28 7.92
CA LEU D 257 -19.34 -1.76 8.38
C LEU D 257 -18.94 -3.07 7.73
N ILE D 258 -19.80 -4.10 7.84
CA ILE D 258 -19.44 -5.43 7.37
C ILE D 258 -19.35 -5.46 5.86
N PHE D 259 -20.27 -4.76 5.16
CA PHE D 259 -20.19 -4.75 3.71
C PHE D 259 -19.03 -3.92 3.20
N ALA D 260 -18.66 -2.84 3.90
CA ALA D 260 -17.41 -2.18 3.56
C ALA D 260 -16.23 -3.11 3.74
N THR D 261 -16.19 -3.82 4.87
CA THR D 261 -15.16 -4.83 5.10
C THR D 261 -15.07 -5.79 3.92
N ILE D 262 -16.17 -6.45 3.59
CA ILE D 262 -16.11 -7.54 2.62
C ILE D 262 -15.89 -7.01 1.21
N VAL D 263 -16.61 -5.95 0.83
CA VAL D 263 -16.50 -5.42 -0.53
C VAL D 263 -15.28 -4.52 -0.69
N GLY D 264 -14.52 -4.29 0.38
CA GLY D 264 -13.21 -3.67 0.28
C GLY D 264 -12.14 -4.74 0.25
N ASN D 265 -12.41 -5.87 0.90
CA ASN D 265 -11.59 -7.05 0.67
C ASN D 265 -11.66 -7.47 -0.79
N ILE D 266 -12.85 -7.31 -1.40
CA ILE D 266 -13.00 -7.48 -2.83
C ILE D 266 -12.03 -6.57 -3.57
N GLY D 267 -12.00 -5.29 -3.18
CA GLY D 267 -11.10 -4.34 -3.78
C GLY D 267 -9.64 -4.75 -3.66
N SER D 268 -9.23 -5.16 -2.47
CA SER D 268 -7.85 -5.58 -2.25
C SER D 268 -7.52 -6.84 -3.04
N MET D 269 -8.48 -7.74 -3.20
CA MET D 269 -8.25 -8.95 -4.00
C MET D 269 -8.06 -8.58 -5.47
N ILE D 270 -8.88 -7.66 -5.97
CA ILE D 270 -8.69 -7.19 -7.34
C ILE D 270 -7.36 -6.46 -7.48
N SER D 271 -6.97 -5.72 -6.45
CA SER D 271 -5.69 -5.02 -6.45
C SER D 271 -4.55 -6.01 -6.60
N ASN D 272 -4.54 -7.05 -5.76
CA ASN D 272 -3.50 -8.07 -5.86
C ASN D 272 -3.63 -8.89 -7.14
N MET D 273 -4.81 -8.91 -7.76
CA MET D 273 -4.94 -9.47 -9.11
C MET D 273 -4.17 -8.61 -10.10
N ASN D 274 -4.24 -7.30 -9.94
CA ASN D 274 -3.59 -6.34 -10.82
C ASN D 274 -2.15 -6.06 -10.38
N ALA D 275 -1.72 -6.64 -9.26
CA ALA D 275 -0.45 -6.26 -8.63
C ALA D 275 0.72 -6.32 -9.61
N ALA D 276 0.90 -7.47 -10.26
CA ALA D 276 2.02 -7.62 -11.20
C ALA D 276 1.86 -6.66 -12.38
N ARG D 277 0.71 -6.69 -13.03
CA ARG D 277 0.47 -5.81 -14.17
C ARG D 277 0.54 -4.35 -13.76
N ALA D 278 0.02 -4.01 -12.58
CA ALA D 278 0.05 -2.62 -12.14
C ALA D 278 1.47 -2.15 -11.85
N GLU D 279 2.28 -3.01 -11.24
CA GLU D 279 3.67 -2.66 -10.99
C GLU D 279 4.44 -2.48 -12.29
N PHE D 280 4.27 -3.42 -13.21
CA PHE D 280 4.88 -3.30 -14.53
C PHE D 280 4.49 -2.00 -15.22
N GLN D 281 3.19 -1.70 -15.25
CA GLN D 281 2.71 -0.51 -15.91
C GLN D 281 3.17 0.75 -15.20
N ALA D 282 3.29 0.71 -13.88
CA ALA D 282 3.80 1.86 -13.13
C ALA D 282 5.26 2.12 -13.46
N ARG D 283 6.05 1.06 -13.57
CA ARG D 283 7.43 1.21 -14.01
C ARG D 283 7.49 1.83 -15.41
N ILE D 284 6.67 1.32 -16.33
CA ILE D 284 6.63 1.87 -17.68
C ILE D 284 6.22 3.35 -17.65
N ASP D 285 5.27 3.69 -16.79
CA ASP D 285 4.82 5.08 -16.72
C ASP D 285 5.90 5.99 -16.18
N ALA D 286 6.63 5.56 -15.15
CA ALA D 286 7.75 6.35 -14.65
C ALA D 286 8.80 6.53 -15.73
N ILE D 287 9.09 5.47 -16.49
CA ILE D 287 10.06 5.56 -17.57
C ILE D 287 9.60 6.56 -18.62
N LYS D 288 8.33 6.47 -19.03
CA LYS D 288 7.80 7.35 -20.07
C LYS D 288 7.77 8.80 -19.59
N GLN D 289 7.42 9.02 -18.32
CA GLN D 289 7.46 10.36 -17.75
C GLN D 289 8.86 10.92 -17.80
N TYR D 290 9.85 10.12 -17.41
CA TYR D 290 11.24 10.57 -17.49
C TYR D 290 11.63 10.89 -18.92
N MET D 291 11.29 10.02 -19.87
CA MET D 291 11.70 10.21 -21.25
C MET D 291 11.05 11.44 -21.86
N HIS D 292 9.76 11.66 -21.57
CA HIS D 292 9.08 12.84 -22.11
C HIS D 292 9.56 14.12 -21.45
N PHE D 293 9.91 14.04 -20.15
CA PHE D 293 10.44 15.21 -19.47
C PHE D 293 11.84 15.55 -19.96
N ARG D 294 12.68 14.55 -20.16
CA ARG D 294 14.03 14.76 -20.67
C ARG D 294 14.08 14.92 -22.18
N ASN D 295 12.93 14.89 -22.85
CA ASN D 295 12.85 14.98 -24.31
C ASN D 295 13.72 13.92 -24.97
N VAL D 296 13.63 12.70 -24.44
CA VAL D 296 14.33 11.57 -25.05
C VAL D 296 13.81 11.38 -26.47
N SER D 297 14.74 11.13 -27.40
CA SER D 297 14.39 10.99 -28.81
C SER D 297 13.32 9.93 -28.99
N LYS D 298 12.39 10.20 -29.91
CA LYS D 298 11.32 9.24 -30.17
C LYS D 298 11.85 7.91 -30.69
N ASP D 299 13.06 7.89 -31.27
CA ASP D 299 13.73 6.63 -31.54
C ASP D 299 13.90 5.81 -30.27
N MET D 300 14.53 6.40 -29.27
CA MET D 300 14.82 5.69 -28.04
C MET D 300 13.56 5.45 -27.22
N GLU D 301 12.61 6.37 -27.29
CA GLU D 301 11.31 6.15 -26.67
C GLU D 301 10.62 4.94 -27.28
N LYS D 302 10.66 4.82 -28.61
CA LYS D 302 10.09 3.66 -29.27
C LYS D 302 10.84 2.39 -28.91
N ARG D 303 12.16 2.47 -28.80
CA ARG D 303 12.94 1.31 -28.40
C ARG D 303 12.56 0.84 -26.99
N VAL D 304 12.39 1.79 -26.07
CA VAL D 304 12.02 1.44 -24.70
C VAL D 304 10.63 0.84 -24.66
N ILE D 305 9.68 1.46 -25.36
CA ILE D 305 8.32 0.92 -25.42
C ILE D 305 8.33 -0.48 -26.03
N LYS D 306 9.19 -0.69 -27.03
CA LYS D 306 9.31 -2.02 -27.64
C LYS D 306 9.87 -3.03 -26.64
N TRP D 307 10.87 -2.63 -25.87
CA TRP D 307 11.42 -3.51 -24.84
C TRP D 307 10.35 -3.91 -23.85
N PHE D 308 9.53 -2.96 -23.40
CA PHE D 308 8.50 -3.28 -22.42
C PHE D 308 7.38 -4.10 -23.03
N ASP D 309 7.00 -3.81 -24.28
CA ASP D 309 6.03 -4.64 -24.98
C ASP D 309 6.54 -6.07 -25.11
N TYR D 310 7.84 -6.24 -25.35
CA TYR D 310 8.42 -7.57 -25.39
C TYR D 310 8.34 -8.24 -24.03
N LEU D 311 8.74 -7.52 -22.98
CA LEU D 311 8.68 -8.08 -21.63
C LEU D 311 7.28 -8.57 -21.30
N TRP D 312 6.25 -7.79 -21.65
CA TRP D 312 4.88 -8.20 -21.35
C TRP D 312 4.44 -9.34 -22.25
N THR D 313 4.45 -9.12 -23.56
CA THR D 313 3.92 -10.10 -24.50
C THR D 313 4.55 -11.48 -24.31
N ASN D 314 5.86 -11.53 -24.10
CA ASN D 314 6.56 -12.79 -23.93
C ASN D 314 6.66 -13.21 -22.46
N LYS D 315 5.91 -12.55 -21.58
CA LYS D 315 5.76 -12.97 -20.18
C LYS D 315 7.11 -13.02 -19.47
N LYS D 316 7.79 -11.87 -19.48
CA LYS D 316 9.07 -11.72 -18.80
C LYS D 316 9.07 -10.56 -17.81
N THR D 317 7.88 -10.06 -17.45
CA THR D 317 7.80 -8.94 -16.52
C THR D 317 8.18 -9.37 -15.11
N VAL D 318 7.95 -10.63 -14.76
CA VAL D 318 8.28 -11.16 -13.44
C VAL D 318 9.69 -11.72 -13.47
N ASP D 319 10.44 -11.44 -12.41
CA ASP D 319 11.78 -11.97 -12.23
C ASP D 319 11.73 -13.13 -11.24
N GLU D 320 12.14 -14.32 -11.70
CA GLU D 320 11.99 -15.52 -10.90
C GLU D 320 12.75 -15.43 -9.58
N LYS D 321 13.75 -14.55 -9.49
CA LYS D 321 14.51 -14.42 -8.25
C LYS D 321 13.62 -13.92 -7.11
N GLU D 322 12.94 -12.80 -7.31
CA GLU D 322 12.11 -12.22 -6.26
C GLU D 322 10.97 -13.14 -5.86
N VAL D 323 10.46 -13.92 -6.81
CA VAL D 323 9.37 -14.85 -6.51
C VAL D 323 9.89 -16.04 -5.72
N LEU D 324 10.89 -16.73 -6.26
CA LEU D 324 11.36 -17.97 -5.68
C LEU D 324 12.26 -17.77 -4.46
N LYS D 325 12.60 -16.53 -4.11
CA LYS D 325 13.40 -16.32 -2.91
C LYS D 325 12.69 -16.76 -1.64
N TYR D 326 11.37 -16.89 -1.68
CA TYR D 326 10.63 -17.38 -0.52
C TYR D 326 10.60 -18.90 -0.44
N LEU D 327 10.97 -19.59 -1.52
CA LEU D 327 11.10 -21.03 -1.47
C LEU D 327 12.36 -21.42 -0.70
N PRO D 328 12.42 -22.65 -0.17
CA PRO D 328 13.67 -23.13 0.41
C PRO D 328 14.72 -23.31 -0.67
N ASP D 329 15.97 -22.98 -0.33
CA ASP D 329 17.07 -23.16 -1.27
C ASP D 329 17.14 -24.60 -1.75
N LYS D 330 16.93 -25.56 -0.86
CA LYS D 330 16.91 -26.97 -1.23
C LYS D 330 15.59 -27.41 -1.84
N LEU D 331 14.73 -26.45 -2.19
CA LEU D 331 13.56 -26.66 -3.04
C LEU D 331 13.56 -25.74 -4.25
N ARG D 332 13.98 -24.48 -4.05
CA ARG D 332 14.22 -23.59 -5.18
C ARG D 332 15.29 -24.15 -6.12
N ALA D 333 16.25 -24.91 -5.57
CA ALA D 333 17.25 -25.56 -6.40
C ALA D 333 16.60 -26.53 -7.38
N GLU D 334 15.71 -27.37 -6.85
CA GLU D 334 14.99 -28.35 -7.66
C GLU D 334 14.14 -27.61 -8.68
N ILE D 335 13.51 -26.51 -8.26
CA ILE D 335 12.70 -25.70 -9.16
C ILE D 335 13.53 -25.24 -10.35
N ALA D 336 14.66 -24.59 -10.06
CA ALA D 336 15.54 -24.09 -11.11
C ALA D 336 16.04 -25.22 -11.99
N ILE D 337 16.33 -26.39 -11.40
CA ILE D 337 16.79 -27.53 -12.20
C ILE D 337 15.68 -27.98 -13.15
N ASN D 338 14.48 -28.18 -12.62
CA ASN D 338 13.36 -28.63 -13.45
C ASN D 338 12.99 -27.62 -14.52
N VAL D 339 13.40 -26.37 -14.36
CA VAL D 339 13.13 -25.34 -15.37
C VAL D 339 14.25 -25.22 -16.39
N HIS D 340 15.50 -25.33 -15.95
CA HIS D 340 16.66 -25.03 -16.79
C HIS D 340 17.44 -26.26 -17.24
N LEU D 341 16.94 -27.46 -16.95
CA LEU D 341 17.57 -28.67 -17.47
C LEU D 341 17.41 -28.77 -18.99
N ASP D 342 16.51 -27.97 -19.56
CA ASP D 342 16.36 -27.91 -21.01
C ASP D 342 17.64 -27.44 -21.69
N THR D 343 18.32 -26.46 -21.10
CA THR D 343 19.53 -25.89 -21.66
C THR D 343 20.80 -26.37 -20.97
N LEU D 344 20.75 -26.61 -19.66
CA LEU D 344 21.95 -27.04 -18.96
C LEU D 344 22.33 -28.49 -19.24
N LYS D 345 21.60 -29.16 -20.13
CA LYS D 345 22.05 -30.40 -20.74
C LYS D 345 22.74 -30.18 -22.08
N LYS D 346 22.42 -29.08 -22.77
CA LYS D 346 23.09 -28.75 -24.02
C LYS D 346 24.44 -28.10 -23.79
N VAL D 347 24.62 -27.45 -22.62
CA VAL D 347 25.91 -26.88 -22.30
C VAL D 347 26.93 -28.00 -22.13
N ARG D 348 28.21 -27.65 -22.34
CA ARG D 348 29.27 -28.65 -22.27
C ARG D 348 29.77 -28.87 -20.84
N ILE D 349 29.75 -27.84 -20.00
CA ILE D 349 30.32 -27.96 -18.66
C ILE D 349 29.40 -28.75 -17.74
N PHE D 350 28.12 -28.40 -17.71
CA PHE D 350 27.19 -28.93 -16.73
C PHE D 350 26.59 -30.24 -17.21
N ALA D 351 26.34 -31.14 -16.26
CA ALA D 351 25.72 -32.44 -16.47
C ALA D 351 26.53 -33.35 -17.40
N ASP D 352 27.74 -32.94 -17.78
CA ASP D 352 28.58 -33.76 -18.66
C ASP D 352 29.82 -34.26 -17.93
N CYS D 353 30.62 -33.38 -17.33
CA CYS D 353 31.86 -33.81 -16.69
C CYS D 353 31.61 -34.29 -15.27
N GLU D 354 31.08 -33.41 -14.42
CA GLU D 354 30.81 -33.76 -13.03
C GLU D 354 29.42 -34.33 -12.83
N ALA D 355 28.46 -33.88 -13.64
CA ALA D 355 27.06 -34.28 -13.62
C ALA D 355 26.32 -33.82 -12.37
N GLY D 356 27.00 -33.16 -11.44
CA GLY D 356 26.35 -32.65 -10.24
C GLY D 356 26.67 -31.19 -10.00
N LEU D 357 27.68 -30.70 -10.74
CA LEU D 357 28.12 -29.32 -10.60
C LEU D 357 27.01 -28.32 -10.93
N LEU D 358 26.07 -28.72 -11.81
CA LEU D 358 25.01 -27.82 -12.24
C LEU D 358 24.19 -27.28 -11.09
N VAL D 359 24.13 -28.00 -9.96
CA VAL D 359 23.35 -27.51 -8.83
C VAL D 359 24.11 -26.42 -8.07
N GLU D 360 25.44 -26.47 -8.09
CA GLU D 360 26.26 -25.50 -7.37
C GLU D 360 26.12 -24.09 -7.93
N LEU D 361 25.68 -23.94 -9.18
CA LEU D 361 25.61 -22.64 -9.83
C LEU D 361 24.23 -22.30 -10.37
N VAL D 362 23.27 -23.22 -10.34
CA VAL D 362 21.96 -22.94 -10.91
C VAL D 362 21.24 -21.86 -10.11
N LEU D 363 21.50 -21.78 -8.80
CA LEU D 363 20.87 -20.78 -7.96
C LEU D 363 21.59 -19.44 -8.00
N LYS D 364 22.56 -19.28 -8.89
CA LYS D 364 23.26 -18.01 -9.08
C LYS D 364 23.39 -17.61 -10.54
N LEU D 365 22.85 -18.40 -11.47
CA LEU D 365 22.79 -18.03 -12.88
C LEU D 365 21.77 -16.94 -13.09
N GLN D 366 22.17 -15.68 -13.11
CA GLN D 366 21.19 -14.60 -13.19
C GLN D 366 20.66 -14.51 -14.62
N PRO D 367 19.36 -14.68 -14.84
CA PRO D 367 18.81 -14.67 -16.21
C PRO D 367 18.66 -13.26 -16.73
N GLN D 368 19.33 -12.96 -17.83
CA GLN D 368 19.24 -11.66 -18.49
C GLN D 368 18.55 -11.80 -19.84
N VAL D 369 17.98 -10.69 -20.31
CA VAL D 369 17.34 -10.62 -21.62
C VAL D 369 17.97 -9.47 -22.38
N TYR D 370 18.34 -9.72 -23.63
CA TYR D 370 18.98 -8.73 -24.48
C TYR D 370 18.15 -8.50 -25.73
N SER D 371 18.07 -7.24 -26.14
CA SER D 371 17.31 -6.85 -27.32
C SER D 371 18.08 -7.24 -28.58
N PRO D 372 17.40 -7.31 -29.72
CA PRO D 372 18.10 -7.52 -30.99
C PRO D 372 19.15 -6.44 -31.22
N GLY D 373 20.35 -6.87 -31.59
CA GLY D 373 21.44 -5.95 -31.84
C GLY D 373 22.21 -5.51 -30.62
N ASP D 374 21.83 -5.96 -29.42
CA ASP D 374 22.53 -5.56 -28.21
C ASP D 374 23.88 -6.27 -28.13
N TYR D 375 24.95 -5.51 -27.96
CA TYR D 375 26.29 -6.06 -27.80
C TYR D 375 26.42 -6.56 -26.36
N ILE D 376 26.36 -7.89 -26.19
CA ILE D 376 26.59 -8.47 -24.88
C ILE D 376 28.04 -8.29 -24.46
N CYS D 377 28.97 -8.63 -25.35
CA CYS D 377 30.40 -8.48 -25.11
C CYS D 377 31.01 -7.60 -26.19
N LYS D 378 32.12 -6.97 -25.84
CA LYS D 378 32.88 -6.16 -26.78
C LYS D 378 34.36 -6.33 -26.47
N LYS D 379 35.18 -6.37 -27.52
CA LYS D 379 36.62 -6.57 -27.36
C LYS D 379 37.21 -5.49 -26.47
N GLY D 380 38.09 -5.89 -25.57
CA GLY D 380 38.73 -4.96 -24.66
C GLY D 380 37.84 -4.50 -23.52
N ASP D 381 37.10 -5.41 -22.92
CA ASP D 381 36.26 -5.10 -21.77
C ASP D 381 36.52 -6.10 -20.65
N ILE D 382 36.05 -5.75 -19.46
CA ILE D 382 36.30 -6.57 -18.27
C ILE D 382 35.49 -7.86 -18.40
N GLY D 383 36.20 -8.98 -18.62
CA GLY D 383 35.56 -10.27 -18.72
C GLY D 383 35.26 -10.87 -17.36
N ARG D 384 34.21 -10.38 -16.71
CA ARG D 384 33.86 -10.81 -15.37
C ARG D 384 32.54 -11.58 -15.30
N GLU D 385 32.02 -12.03 -16.44
CA GLU D 385 30.73 -12.73 -16.47
C GLU D 385 30.76 -13.78 -17.57
N MET D 386 30.38 -15.01 -17.22
CA MET D 386 30.16 -16.05 -18.19
C MET D 386 28.68 -16.12 -18.55
N TYR D 387 28.39 -16.34 -19.83
CA TYR D 387 27.01 -16.38 -20.32
C TYR D 387 26.69 -17.74 -20.89
N ILE D 388 25.50 -18.24 -20.56
CA ILE D 388 24.96 -19.47 -21.14
C ILE D 388 23.68 -19.09 -21.89
N ILE D 389 23.65 -19.39 -23.17
CA ILE D 389 22.53 -19.00 -24.04
C ILE D 389 21.38 -19.95 -23.76
N LYS D 390 20.39 -19.49 -22.98
CA LYS D 390 19.18 -20.28 -22.79
C LYS D 390 18.35 -20.31 -24.07
N GLU D 391 17.98 -19.14 -24.58
CA GLU D 391 17.21 -19.04 -25.80
C GLU D 391 17.75 -17.87 -26.62
N GLY D 392 17.67 -18.00 -27.94
CA GLY D 392 18.07 -16.89 -28.77
C GLY D 392 19.32 -17.13 -29.58
N LYS D 393 19.49 -16.37 -30.66
CA LYS D 393 20.64 -16.49 -31.54
C LYS D 393 21.59 -15.33 -31.28
N LEU D 394 22.82 -15.65 -30.91
CA LEU D 394 23.86 -14.65 -30.73
C LEU D 394 24.90 -14.81 -31.82
N ALA D 395 25.70 -13.78 -32.02
CA ALA D 395 26.74 -13.78 -33.05
C ALA D 395 28.06 -13.33 -32.46
N VAL D 396 29.10 -14.10 -32.73
CA VAL D 396 30.49 -13.70 -32.55
C VAL D 396 30.83 -12.92 -33.81
N VAL D 397 30.66 -11.60 -33.76
CA VAL D 397 30.80 -10.76 -34.95
C VAL D 397 32.24 -10.26 -35.08
N ALA D 398 32.50 -9.59 -36.20
CA ALA D 398 33.67 -8.74 -36.32
C ALA D 398 33.38 -7.36 -35.75
N ASP D 399 34.45 -6.63 -35.40
CA ASP D 399 34.29 -5.29 -34.86
C ASP D 399 33.75 -4.30 -35.87
N ASP D 400 33.74 -4.64 -37.16
CA ASP D 400 33.11 -3.76 -38.16
C ASP D 400 31.64 -3.55 -37.86
N GLY D 401 30.96 -4.60 -37.39
CA GLY D 401 29.59 -4.50 -36.90
C GLY D 401 28.61 -5.42 -37.60
N VAL D 402 28.90 -5.81 -38.84
CA VAL D 402 27.99 -6.59 -39.66
C VAL D 402 28.51 -8.00 -39.88
N THR D 403 29.81 -8.15 -40.17
CA THR D 403 30.37 -9.46 -40.49
C THR D 403 30.21 -10.42 -39.32
N GLN D 404 29.38 -11.44 -39.50
CA GLN D 404 29.12 -12.44 -38.47
C GLN D 404 30.10 -13.59 -38.65
N PHE D 405 31.08 -13.71 -37.76
CA PHE D 405 32.02 -14.82 -37.83
C PHE D 405 31.33 -16.12 -37.43
N VAL D 406 30.77 -16.18 -36.23
CA VAL D 406 30.18 -17.41 -35.70
C VAL D 406 28.77 -17.11 -35.21
N VAL D 407 27.86 -18.05 -35.38
CA VAL D 407 26.51 -17.94 -34.83
C VAL D 407 26.36 -18.94 -33.69
N LEU D 408 26.11 -18.44 -32.49
CA LEU D 408 25.92 -19.24 -31.30
C LEU D 408 24.43 -19.40 -31.04
N SER D 409 23.94 -20.63 -31.11
CA SER D 409 22.55 -20.91 -30.80
C SER D 409 22.42 -21.32 -29.33
N ASP D 410 21.30 -21.98 -29.00
CA ASP D 410 21.06 -22.38 -27.62
C ASP D 410 22.07 -23.41 -27.16
N GLY D 411 22.23 -23.50 -25.84
CA GLY D 411 23.22 -24.38 -25.26
C GLY D 411 24.63 -23.85 -25.29
N SER D 412 24.94 -22.93 -26.20
CA SER D 412 26.27 -22.37 -26.28
C SER D 412 26.60 -21.57 -25.02
N TYR D 413 27.89 -21.50 -24.72
CA TYR D 413 28.39 -20.71 -23.61
C TYR D 413 29.53 -19.85 -24.12
N PHE D 414 29.54 -18.60 -23.70
CA PHE D 414 30.60 -17.67 -24.09
C PHE D 414 30.93 -16.77 -22.90
N GLY D 415 32.00 -16.01 -23.05
CA GLY D 415 32.47 -15.16 -21.97
C GLY D 415 33.16 -15.91 -20.85
N GLU D 416 33.65 -17.12 -21.12
CA GLU D 416 34.33 -17.92 -20.11
C GLU D 416 35.84 -17.88 -20.25
N ILE D 417 36.35 -17.54 -21.44
CA ILE D 417 37.80 -17.47 -21.64
C ILE D 417 38.41 -16.35 -20.81
N SER D 418 37.79 -15.18 -20.81
CA SER D 418 38.30 -14.04 -20.05
C SER D 418 38.09 -14.20 -18.55
N ILE D 419 37.46 -15.29 -18.11
CA ILE D 419 37.34 -15.57 -16.69
C ILE D 419 38.60 -16.23 -16.15
N LEU D 420 39.17 -17.17 -16.92
CA LEU D 420 40.16 -18.10 -16.41
C LEU D 420 41.57 -17.55 -16.56
N ASN D 421 42.48 -18.14 -15.77
CA ASN D 421 43.91 -17.91 -15.91
C ASN D 421 44.46 -18.85 -16.99
N ILE D 422 45.06 -18.27 -18.04
CA ILE D 422 45.48 -19.02 -19.20
C ILE D 422 46.93 -18.67 -19.54
N LYS D 423 47.70 -19.67 -19.93
CA LYS D 423 49.03 -19.43 -20.48
C LYS D 423 48.92 -18.88 -21.90
N GLY D 424 49.82 -17.95 -22.24
CA GLY D 424 49.89 -17.42 -23.58
C GLY D 424 48.70 -16.58 -24.02
N SER D 425 47.97 -16.00 -23.07
CA SER D 425 46.87 -15.09 -23.39
C SER D 425 47.44 -13.68 -23.51
N LYS D 426 47.66 -13.25 -24.75
CA LYS D 426 48.03 -11.86 -24.99
C LYS D 426 46.95 -10.91 -24.48
N ALA D 427 45.69 -11.36 -24.43
CA ALA D 427 44.58 -10.56 -23.92
C ALA D 427 44.17 -11.12 -22.57
N GLY D 428 44.63 -10.47 -21.49
CA GLY D 428 44.28 -10.87 -20.15
C GLY D 428 43.15 -10.02 -19.60
N ASN D 429 42.08 -10.68 -19.16
CA ASN D 429 40.89 -10.01 -18.65
C ASN D 429 40.23 -9.16 -19.73
N ARG D 430 40.35 -9.59 -20.97
CA ARG D 430 39.77 -8.89 -22.12
C ARG D 430 38.91 -9.85 -22.92
N ARG D 431 37.87 -9.31 -23.55
CA ARG D 431 37.03 -10.12 -24.42
C ARG D 431 37.75 -10.42 -25.72
N THR D 432 37.88 -11.71 -26.04
CA THR D 432 38.56 -12.11 -27.27
C THR D 432 37.76 -11.76 -28.52
N ALA D 433 36.45 -11.57 -28.39
CA ALA D 433 35.61 -11.17 -29.51
C ALA D 433 34.39 -10.44 -28.97
N ASN D 434 33.64 -9.83 -29.87
CA ASN D 434 32.41 -9.14 -29.52
C ASN D 434 31.20 -10.00 -29.88
N ILE D 435 30.30 -10.15 -28.91
CA ILE D 435 29.09 -10.96 -29.04
C ILE D 435 27.91 -10.02 -29.09
N LYS D 436 27.13 -10.10 -30.17
CA LYS D 436 25.91 -9.32 -30.30
C LYS D 436 24.73 -10.29 -30.37
N SER D 437 23.54 -9.76 -30.10
CA SER D 437 22.33 -10.58 -30.10
C SER D 437 21.54 -10.35 -31.38
N ILE D 438 21.36 -11.39 -32.19
CA ILE D 438 20.44 -11.36 -33.31
C ILE D 438 19.07 -11.76 -32.74
N GLY D 439 18.23 -10.78 -32.48
CA GLY D 439 16.97 -11.04 -31.81
C GLY D 439 17.10 -10.98 -30.31
N TYR D 440 15.99 -11.33 -29.65
CA TYR D 440 15.89 -11.24 -28.20
C TYR D 440 16.51 -12.49 -27.58
N SER D 441 17.62 -12.32 -26.88
CA SER D 441 18.35 -13.45 -26.31
C SER D 441 18.12 -13.53 -24.80
N ASP D 442 17.72 -14.72 -24.34
CA ASP D 442 17.64 -15.04 -22.92
C ASP D 442 18.90 -15.80 -22.54
N LEU D 443 19.75 -15.16 -21.74
CA LEU D 443 21.02 -15.73 -21.34
C LEU D 443 21.06 -15.94 -19.83
N PHE D 444 22.04 -16.73 -19.39
CA PHE D 444 22.33 -16.95 -17.98
C PHE D 444 23.69 -16.33 -17.68
N CYS D 445 23.70 -15.12 -17.12
CA CYS D 445 24.97 -14.50 -16.77
C CYS D 445 25.48 -15.15 -15.49
N LEU D 446 26.63 -15.82 -15.61
CA LEU D 446 27.35 -16.41 -14.48
C LEU D 446 28.56 -15.53 -14.18
N SER D 447 28.59 -14.95 -12.99
CA SER D 447 29.67 -14.04 -12.62
C SER D 447 31.01 -14.78 -12.53
N LYS D 448 32.09 -14.03 -12.70
CA LYS D 448 33.43 -14.64 -12.63
C LYS D 448 33.72 -15.17 -11.24
N ASP D 449 33.38 -14.40 -10.20
CA ASP D 449 33.63 -14.83 -8.84
C ASP D 449 32.93 -16.14 -8.56
N ASP D 450 31.72 -16.29 -9.06
CA ASP D 450 30.93 -17.49 -8.80
C ASP D 450 31.51 -18.70 -9.52
N LEU D 451 31.93 -18.53 -10.78
CA LEU D 451 32.55 -19.64 -11.50
C LEU D 451 33.84 -20.07 -10.83
N MET D 452 34.66 -19.09 -10.42
CA MET D 452 35.85 -19.36 -9.61
C MET D 452 35.50 -20.18 -8.37
N GLU D 453 34.55 -19.68 -7.58
CA GLU D 453 34.21 -20.30 -6.30
C GLU D 453 33.68 -21.72 -6.48
N ALA D 454 32.87 -21.95 -7.51
CA ALA D 454 32.20 -23.23 -7.67
C ALA D 454 33.04 -24.27 -8.40
N LEU D 455 33.97 -23.86 -9.26
CA LEU D 455 34.85 -24.84 -9.89
C LEU D 455 35.95 -25.34 -8.96
N THR D 456 36.12 -24.72 -7.80
CA THR D 456 37.17 -25.16 -6.87
C THR D 456 36.94 -26.59 -6.40
N GLU D 457 35.69 -27.05 -6.35
CA GLU D 457 35.42 -28.36 -5.78
C GLU D 457 35.87 -29.48 -6.71
N TYR D 458 35.65 -29.33 -8.00
CA TYR D 458 35.97 -30.38 -8.98
C TYR D 458 36.52 -29.76 -10.25
N PRO D 459 37.85 -29.77 -10.43
CA PRO D 459 38.44 -29.30 -11.69
C PRO D 459 38.42 -30.32 -12.81
N ASP D 460 37.71 -31.45 -12.66
CA ASP D 460 37.60 -32.41 -13.74
C ASP D 460 36.88 -31.82 -14.94
N ALA D 461 36.01 -30.84 -14.73
CA ALA D 461 35.40 -30.09 -15.81
C ALA D 461 36.26 -28.91 -16.26
N LYS D 462 37.04 -28.35 -15.34
CA LYS D 462 37.86 -27.19 -15.68
C LYS D 462 38.90 -27.55 -16.74
N THR D 463 39.41 -28.77 -16.72
CA THR D 463 40.47 -29.15 -17.66
C THR D 463 40.00 -29.02 -19.11
N MET D 464 38.82 -29.57 -19.42
CA MET D 464 38.29 -29.38 -20.77
C MET D 464 37.75 -27.97 -20.98
N LEU D 465 37.41 -27.27 -19.90
CA LEU D 465 37.04 -25.87 -20.00
C LEU D 465 38.17 -25.04 -20.60
N GLU D 466 39.36 -25.12 -20.02
CA GLU D 466 40.47 -24.43 -20.66
C GLU D 466 41.08 -25.20 -21.83
N GLU D 467 40.69 -26.46 -22.05
CA GLU D 467 40.88 -27.04 -23.38
C GLU D 467 40.22 -26.18 -24.43
N LYS D 468 38.91 -25.95 -24.28
CA LYS D 468 38.17 -25.04 -25.15
C LYS D 468 38.83 -23.66 -25.14
N GLY D 469 39.25 -23.20 -23.97
CA GLY D 469 39.88 -21.90 -23.85
C GLY D 469 41.12 -21.74 -24.72
N LYS D 470 42.10 -22.65 -24.56
CA LYS D 470 43.28 -22.60 -25.39
C LYS D 470 42.95 -22.79 -26.87
N GLN D 471 42.04 -23.72 -27.18
CA GLN D 471 41.71 -23.99 -28.57
C GLN D 471 41.17 -22.74 -29.25
N ILE D 472 40.38 -21.94 -28.53
CA ILE D 472 39.84 -20.73 -29.15
C ILE D 472 40.82 -19.57 -29.03
N LEU D 473 41.72 -19.59 -28.05
CA LEU D 473 42.67 -18.50 -27.87
C LEU D 473 43.80 -18.56 -28.88
N MET D 474 44.10 -19.74 -29.41
CA MET D 474 45.12 -19.85 -30.43
C MET D 474 44.59 -19.51 -31.82
N LYS D 475 43.34 -19.84 -32.10
CA LYS D 475 42.75 -19.59 -33.41
C LYS D 475 42.03 -18.24 -33.44
PA PCG E . 40.37 18.86 -5.81
O1A PCG E . 41.60 19.31 -5.11
O2A PCG E . 40.02 17.42 -5.76
O5' PCG E . 39.10 19.69 -5.20
C5' PCG E . 38.98 21.09 -5.52
C4' PCG E . 39.06 21.27 -7.04
O4' PCG E . 39.02 22.61 -7.55
C3' PCG E . 40.36 20.78 -7.56
O3' PCG E . 40.39 19.37 -7.37
C2' PCG E . 40.35 21.23 -9.00
O2' PCG E . 39.74 20.23 -9.81
C1' PCG E . 39.39 22.45 -8.98
N9 PCG E . 40.00 23.71 -9.47
C8 PCG E . 39.61 24.39 -10.55
N7 PCG E . 40.38 25.48 -10.68
C5 PCG E . 41.25 25.49 -9.68
C6 PCG E . 42.27 26.36 -9.31
O6 PCG E . 42.52 27.37 -9.98
N1 PCG E . 43.03 26.07 -8.16
C2 PCG E . 42.75 24.92 -7.40
N2 PCG E . 43.46 24.64 -6.31
N3 PCG E . 41.75 24.10 -7.79
C4 PCG E . 41.01 24.36 -8.91
CA CA F . -26.62 4.72 -1.18
PA PCG G . 30.80 -31.48 8.96
O1A PCG G . 31.84 -32.34 8.36
O2A PCG G . 30.97 -30.01 8.90
O5' PCG G . 29.37 -31.83 8.23
C5' PCG G . 28.74 -33.11 8.52
C4' PCG G . 28.62 -33.27 10.03
O4' PCG G . 28.08 -34.52 10.52
C3' PCG G . 29.97 -33.25 10.67
O3' PCG G . 30.50 -31.94 10.49
C2' PCG G . 29.68 -33.65 12.09
O2' PCG G . 29.39 -32.49 12.86
C1' PCG G . 28.37 -34.47 11.97
N9 PCG G . 28.47 -35.85 12.49
C8 PCG G . 27.77 -36.34 13.53
N7 PCG G . 28.10 -37.63 13.71
C5 PCG G . 29.00 -37.95 12.79
C6 PCG G . 29.69 -39.13 12.49
O6 PCG G . 29.51 -40.15 13.16
N1 PCG G . 30.59 -39.13 11.41
C2 PCG G . 30.79 -37.97 10.65
N2 PCG G . 31.65 -37.97 9.64
N3 PCG G . 30.11 -36.84 10.97
C4 PCG G . 29.24 -36.82 12.00
PA PCG H . 35.78 1.16 27.16
O1A PCG H . 36.77 0.33 27.88
O2A PCG H . 35.75 1.10 25.68
O5' PCG H . 34.30 0.75 27.70
C5' PCG H . 33.91 1.12 29.04
C4' PCG H . 34.14 2.62 29.23
O4' PCG H . 33.90 3.17 30.53
C3' PCG H . 35.59 2.95 29.03
O3' PCG H . 35.90 2.71 27.66
C2' PCG H . 35.67 4.39 29.47
O2' PCG H . 35.40 5.25 28.36
C1' PCG H . 34.48 4.53 30.45
N9 PCG H . 34.86 4.98 31.81
C8 PCG H . 34.48 6.13 32.39
N7 PCG H . 35.01 6.19 33.62
C5 PCG H . 35.71 5.09 33.82
C6 PCG H . 36.46 4.61 34.89
O6 PCG H . 36.57 5.28 35.93
N1 PCG H . 37.11 3.37 34.78
C2 PCG H . 36.99 2.62 33.60
N2 PCG H . 37.59 1.44 33.48
N3 PCG H . 36.25 3.10 32.57
C4 PCG H . 35.62 4.31 32.66
PA PCG I . 35.38 -13.78 -24.03
O1A PCG I . 36.66 -13.35 -24.64
O2A PCG I . 35.24 -13.69 -22.55
O5' PCG I . 34.18 -12.90 -24.68
C5' PCG I . 33.81 -13.13 -26.06
C4' PCG I . 33.52 -14.62 -26.24
O4' PCG I . 33.22 -15.07 -27.57
C3' PCG I . 34.75 -15.42 -25.93
O3' PCG I . 35.00 -15.29 -24.53
C2' PCG I . 34.37 -16.81 -26.38
O2' PCG I . 33.72 -17.51 -25.31
C1' PCG I . 33.29 -16.55 -27.45
N9 PCG I . 33.61 -17.12 -28.79
C8 PCG I . 32.91 -18.08 -29.42
N7 PCG I . 33.48 -18.33 -30.60
C5 PCG I . 34.55 -17.54 -30.72
C6 PCG I . 35.49 -17.37 -31.72
O6 PCG I . 35.46 -18.05 -32.76
N1 PCG I . 36.52 -16.42 -31.53
C2 PCG I . 36.56 -15.66 -30.35
N2 PCG I . 37.53 -14.76 -30.17
N3 PCG I . 35.61 -15.85 -29.40
C4 PCG I . 34.62 -16.77 -29.57
#